data_8S5F
#
_entry.id   8S5F
#
_cell.length_a   116.417
_cell.length_b   86.988
_cell.length_c   198.228
_cell.angle_alpha   90
_cell.angle_beta   95.76
_cell.angle_gamma   90
#
_symmetry.space_group_name_H-M   'P 1 2 1'
#
loop_
_entity.id
_entity.type
_entity.pdbx_description
1 polymer 'ChlH from Chlorogloeopsis sp.'
2 non-polymer 'PHOSPHATE ION'
#
_entity_poly.entity_id   1
_entity_poly.type   'polypeptide(L)'
_entity_poly.pdbx_seq_one_letter_code
;MGSSHHHHHHSSGLVPRGSHMIEKQQLNRQTKGIAFIDIAAFESPLTSSASIQQLLEHWAADARKEFEKALMAVLEKEPG
KRDIINQFQTCPPEILNKLVLRPSVVLWTTVMLQASNGITIHSIDGELIAPDINYLEELAESLKSPNEGVPYINRDDLWL
RLPFGQRILFESDEVGNIGTTIVHESLKLIESWRPALLSEIITISPEIQFIKDPTAHPDKVVSFSDNSVPGALYVSIRQG
SRYIDQYDLADSLIHEHRHQKLYLLQRSIPLIEIDAPLVPSPWREDLRPPSGLLHAIFVFTHLLEFWAYLSREGQDQIKV
RAKNQVETIRTRLLVAIPTLKRTHLTTAGREMVEQLEELTTNMGAIKV
;
_entity_poly.pdbx_strand_id   A,B,C,D,E,F
#
# COMPACT_ATOMS: atom_id res chain seq x y z
N MET A 1 15.22 21.13 -3.21
CA MET A 1 15.78 19.92 -2.60
C MET A 1 16.93 19.32 -3.43
N GLY A 2 16.72 19.17 -4.74
CA GLY A 2 17.73 18.63 -5.66
C GLY A 2 18.87 19.60 -5.86
N SER A 3 18.57 20.77 -6.47
CA SER A 3 19.48 21.92 -6.68
C SER A 3 20.69 21.69 -7.65
N SER A 4 21.25 22.81 -8.17
CA SER A 4 22.41 22.92 -9.09
C SER A 4 22.98 24.36 -8.94
N HIS A 5 23.34 24.71 -7.69
CA HIS A 5 23.74 26.04 -7.26
C HIS A 5 25.24 26.39 -7.23
N HIS A 6 26.16 25.54 -7.71
CA HIS A 6 27.59 25.87 -7.67
C HIS A 6 28.18 26.27 -9.02
N HIS A 7 27.32 26.60 -10.01
CA HIS A 7 27.66 27.00 -11.37
C HIS A 7 28.79 28.01 -11.40
N HIS A 8 29.96 27.67 -12.00
CA HIS A 8 31.07 28.63 -12.08
C HIS A 8 30.78 29.88 -12.90
N HIS A 9 29.53 30.00 -13.43
CA HIS A 9 29.09 31.11 -14.24
C HIS A 9 28.46 32.24 -13.44
N HIS A 10 29.10 32.62 -12.31
CA HIS A 10 28.68 33.81 -11.56
C HIS A 10 29.53 35.00 -12.07
N SER A 11 29.72 35.06 -13.40
CA SER A 11 30.49 36.07 -14.11
C SER A 11 29.57 36.69 -15.19
N SER A 12 28.34 37.05 -14.80
CA SER A 12 27.39 37.67 -15.71
C SER A 12 27.62 39.21 -15.66
N GLY A 13 28.73 39.63 -16.26
CA GLY A 13 29.13 41.04 -16.30
C GLY A 13 30.31 41.25 -17.24
N PHE A 36 28.27 30.73 -40.30
CA PHE A 36 28.53 30.69 -41.73
C PHE A 36 27.48 29.90 -42.56
N ILE A 37 26.36 29.47 -41.94
CA ILE A 37 25.29 28.74 -42.64
C ILE A 37 23.90 29.37 -42.39
N ASP A 38 22.95 29.11 -43.30
CA ASP A 38 21.59 29.63 -43.17
C ASP A 38 20.89 28.85 -42.06
N ILE A 39 20.49 29.54 -40.99
CA ILE A 39 19.83 28.91 -39.85
C ILE A 39 18.36 28.59 -40.16
N ALA A 40 17.67 29.51 -40.83
CA ALA A 40 16.27 29.32 -41.19
C ALA A 40 16.11 28.15 -42.16
N ALA A 41 17.05 28.01 -43.12
CA ALA A 41 17.02 26.91 -44.08
C ALA A 41 17.39 25.57 -43.41
N PHE A 42 18.27 25.61 -42.41
CA PHE A 42 18.69 24.41 -41.68
C PHE A 42 17.52 23.80 -40.91
N GLU A 43 16.61 24.63 -40.38
CA GLU A 43 15.49 24.12 -39.60
C GLU A 43 14.59 23.13 -40.38
N SER A 44 14.07 23.54 -41.55
CA SER A 44 13.18 22.69 -42.34
C SER A 44 13.94 21.63 -43.11
N PRO A 45 13.47 20.36 -43.07
CA PRO A 45 14.18 19.29 -43.78
C PRO A 45 14.22 19.43 -45.29
N LEU A 46 13.30 20.21 -45.85
CA LEU A 46 13.22 20.45 -47.30
C LEU A 46 14.43 21.26 -47.76
N THR A 47 14.83 22.27 -46.97
CA THR A 47 15.92 23.17 -47.32
C THR A 47 17.19 22.96 -46.49
N SER A 48 17.32 21.86 -45.76
CA SER A 48 18.48 21.63 -44.91
C SER A 48 19.56 20.77 -45.52
N SER A 49 19.21 19.95 -46.53
CA SER A 49 20.10 19.01 -47.20
C SER A 49 21.56 19.49 -47.41
N ALA A 50 21.73 20.72 -47.92
CA ALA A 50 23.06 21.30 -48.18
C ALA A 50 23.76 21.74 -46.90
N SER A 51 23.01 22.35 -45.97
CA SER A 51 23.53 22.84 -44.69
C SER A 51 24.05 21.69 -43.84
N ILE A 52 23.32 20.55 -43.81
CA ILE A 52 23.70 19.36 -43.07
C ILE A 52 24.97 18.77 -43.64
N GLN A 53 25.07 18.71 -44.97
CA GLN A 53 26.25 18.18 -45.65
C GLN A 53 27.49 19.02 -45.32
N GLN A 54 27.32 20.33 -45.24
CA GLN A 54 28.38 21.26 -44.90
C GLN A 54 28.85 21.05 -43.47
N LEU A 55 27.91 20.88 -42.51
CA LEU A 55 28.21 20.64 -41.10
C LEU A 55 28.87 19.28 -40.89
N LEU A 56 28.46 18.27 -41.68
CA LEU A 56 29.03 16.93 -41.59
C LEU A 56 30.45 16.89 -42.12
N GLU A 57 30.75 17.68 -43.15
CA GLU A 57 32.10 17.74 -43.72
C GLU A 57 33.09 18.39 -42.76
N HIS A 58 32.63 19.40 -42.01
CA HIS A 58 33.46 20.08 -41.02
C HIS A 58 33.72 19.17 -39.83
N TRP A 59 32.69 18.42 -39.40
CA TRP A 59 32.79 17.51 -38.27
C TRP A 59 33.66 16.31 -38.64
N ALA A 60 33.51 15.76 -39.86
CA ALA A 60 34.32 14.64 -40.30
C ALA A 60 35.80 14.99 -40.43
N ALA A 61 36.12 16.26 -40.70
CA ALA A 61 37.50 16.72 -40.80
C ALA A 61 38.17 16.65 -39.43
N ASP A 62 37.45 17.00 -38.35
CA ASP A 62 38.00 16.96 -37.01
C ASP A 62 38.01 15.51 -36.50
N ALA A 63 36.95 14.75 -36.79
CA ALA A 63 36.81 13.37 -36.36
C ALA A 63 37.80 12.43 -37.04
N ARG A 64 38.22 12.71 -38.28
CA ARG A 64 39.22 11.88 -38.95
C ARG A 64 40.57 12.02 -38.25
N LYS A 65 40.91 13.24 -37.80
CA LYS A 65 42.16 13.49 -37.09
C LYS A 65 42.13 12.83 -35.72
N GLU A 66 40.97 12.90 -35.03
CA GLU A 66 40.76 12.28 -33.72
C GLU A 66 40.85 10.77 -33.84
N PHE A 67 40.29 10.18 -34.91
CA PHE A 67 40.34 8.74 -35.14
C PHE A 67 41.75 8.28 -35.44
N GLU A 68 42.51 9.09 -36.19
CA GLU A 68 43.90 8.81 -36.50
C GLU A 68 44.75 8.84 -35.23
N LYS A 69 44.47 9.81 -34.33
CA LYS A 69 45.16 9.94 -33.05
C LYS A 69 44.90 8.70 -32.17
N ALA A 70 43.66 8.17 -32.22
CA ALA A 70 43.27 6.97 -31.48
C ALA A 70 43.97 5.75 -32.06
N LEU A 71 44.13 5.68 -33.40
CA LEU A 71 44.83 4.58 -34.07
C LEU A 71 46.30 4.55 -33.67
N MET A 72 46.92 5.73 -33.48
CA MET A 72 48.32 5.80 -33.05
C MET A 72 48.47 5.38 -31.59
N ALA A 73 47.48 5.70 -30.75
CA ALA A 73 47.46 5.32 -29.32
C ALA A 73 47.29 3.81 -29.16
N VAL A 74 46.54 3.16 -30.07
CA VAL A 74 46.35 1.71 -30.09
C VAL A 74 47.70 1.05 -30.42
N LEU A 75 48.44 1.60 -31.39
CA LEU A 75 49.73 1.10 -31.82
C LEU A 75 50.82 1.26 -30.74
N GLU A 76 50.67 2.23 -29.83
CA GLU A 76 51.62 2.44 -28.75
C GLU A 76 51.44 1.39 -27.66
N LYS A 77 50.17 1.07 -27.33
CA LYS A 77 49.89 0.07 -26.31
C LYS A 77 50.14 -1.32 -26.86
N GLU A 78 49.62 -1.62 -28.06
CA GLU A 78 49.80 -2.93 -28.68
C GLU A 78 50.29 -2.80 -30.11
N PRO A 79 51.62 -2.83 -30.33
CA PRO A 79 52.13 -2.73 -31.70
C PRO A 79 51.70 -3.91 -32.60
N GLY A 80 51.28 -5.01 -32.00
CA GLY A 80 50.77 -6.18 -32.70
C GLY A 80 49.47 -5.92 -33.45
N LYS A 81 48.77 -4.83 -33.11
CA LYS A 81 47.54 -4.46 -33.80
C LYS A 81 47.81 -3.78 -35.16
N ARG A 82 49.09 -3.72 -35.60
CA ARG A 82 49.51 -3.08 -36.85
C ARG A 82 48.78 -3.62 -38.06
N ASP A 83 48.51 -4.93 -38.10
CA ASP A 83 47.82 -5.53 -39.22
C ASP A 83 46.35 -5.08 -39.32
N ILE A 84 45.72 -4.78 -38.16
CA ILE A 84 44.33 -4.31 -38.09
C ILE A 84 44.23 -2.84 -38.54
N ILE A 85 45.20 -2.04 -38.14
CA ILE A 85 45.28 -0.64 -38.49
C ILE A 85 45.48 -0.46 -40.00
N ASN A 86 46.25 -1.38 -40.63
CA ASN A 86 46.52 -1.40 -42.07
C ASN A 86 45.25 -1.43 -42.92
N GLN A 87 44.14 -1.97 -42.39
CA GLN A 87 42.88 -2.03 -43.12
C GLN A 87 42.27 -0.66 -43.35
N PHE A 88 42.53 0.30 -42.46
CA PHE A 88 42.01 1.66 -42.59
C PHE A 88 42.91 2.53 -43.46
N GLN A 89 44.21 2.22 -43.53
CA GLN A 89 45.18 3.01 -44.28
C GLN A 89 44.81 3.14 -45.75
N THR A 90 44.46 2.04 -46.37
CA THR A 90 44.06 2.04 -47.77
C THR A 90 42.56 2.24 -48.00
N CYS A 91 41.81 2.44 -46.93
CA CYS A 91 40.38 2.65 -47.03
C CYS A 91 40.08 4.01 -47.66
N PRO A 92 39.21 4.02 -48.69
CA PRO A 92 38.84 5.28 -49.34
C PRO A 92 38.33 6.34 -48.38
N PRO A 93 38.69 7.62 -48.60
CA PRO A 93 38.25 8.68 -47.69
C PRO A 93 36.74 8.84 -47.61
N GLU A 94 36.00 8.46 -48.66
CA GLU A 94 34.54 8.55 -48.67
C GLU A 94 33.94 7.60 -47.66
N ILE A 95 34.53 6.40 -47.49
CA ILE A 95 34.07 5.41 -46.53
C ILE A 95 34.50 5.83 -45.12
N LEU A 96 35.76 6.26 -44.99
CA LEU A 96 36.36 6.68 -43.73
C LEU A 96 35.65 7.87 -43.12
N ASN A 97 35.21 8.82 -43.96
CA ASN A 97 34.49 10.00 -43.47
C ASN A 97 33.14 9.62 -42.86
N LYS A 98 32.46 8.61 -43.41
CA LYS A 98 31.18 8.15 -42.86
C LYS A 98 31.39 7.28 -41.62
N LEU A 99 32.50 6.52 -41.57
CA LEU A 99 32.84 5.63 -40.46
C LEU A 99 33.16 6.41 -39.19
N VAL A 100 34.02 7.45 -39.26
CA VAL A 100 34.41 8.21 -38.08
C VAL A 100 33.26 8.99 -37.43
N LEU A 101 32.12 9.15 -38.12
CA LEU A 101 30.97 9.88 -37.55
C LEU A 101 29.84 8.96 -37.01
N ARG A 102 30.07 7.64 -37.01
CA ARG A 102 29.09 6.72 -36.49
C ARG A 102 29.04 6.82 -34.98
N PRO A 103 27.86 6.75 -34.35
CA PRO A 103 27.78 6.91 -32.89
C PRO A 103 28.73 6.03 -32.10
N SER A 104 28.81 4.75 -32.44
CA SER A 104 29.69 3.80 -31.77
C SER A 104 31.18 4.11 -31.98
N VAL A 105 31.53 4.65 -33.15
CA VAL A 105 32.90 5.01 -33.48
C VAL A 105 33.31 6.29 -32.77
N VAL A 106 32.39 7.27 -32.67
CA VAL A 106 32.64 8.53 -31.97
C VAL A 106 32.88 8.24 -30.49
N LEU A 107 32.07 7.38 -29.87
CA LEU A 107 32.26 7.03 -28.47
C LEU A 107 33.57 6.30 -28.27
N TRP A 108 33.91 5.34 -29.14
CA TRP A 108 35.16 4.61 -29.02
C TRP A 108 36.37 5.54 -29.13
N THR A 109 36.34 6.46 -30.10
CA THR A 109 37.41 7.43 -30.35
C THR A 109 37.56 8.37 -29.15
N THR A 110 36.43 8.84 -28.59
CA THR A 110 36.42 9.75 -27.45
C THR A 110 36.98 9.06 -26.21
N VAL A 111 36.51 7.85 -25.88
CA VAL A 111 36.97 7.08 -24.73
C VAL A 111 38.47 6.77 -24.86
N MET A 112 38.91 6.41 -26.08
CA MET A 112 40.29 6.10 -26.39
C MET A 112 41.23 7.28 -26.20
N LEU A 113 40.86 8.46 -26.73
CA LEU A 113 41.68 9.65 -26.61
C LEU A 113 41.74 10.18 -25.20
N GLN A 114 40.59 10.12 -24.48
CA GLN A 114 40.55 10.58 -23.11
C GLN A 114 41.36 9.68 -22.21
N ALA A 115 41.36 8.35 -22.46
CA ALA A 115 42.16 7.42 -21.67
C ALA A 115 43.66 7.73 -21.76
N SER A 116 44.13 8.09 -22.97
CA SER A 116 45.55 8.44 -23.16
C SER A 116 45.93 9.74 -22.43
N ASN A 117 44.96 10.64 -22.19
CA ASN A 117 45.17 11.89 -21.45
C ASN A 117 44.85 11.76 -19.96
N GLY A 118 44.69 10.53 -19.46
CA GLY A 118 44.38 10.24 -18.07
C GLY A 118 43.01 10.70 -17.62
N ILE A 119 42.03 10.72 -18.54
CA ILE A 119 40.67 11.14 -18.23
C ILE A 119 39.66 10.00 -18.40
N THR A 120 38.95 9.69 -17.32
CA THR A 120 37.97 8.61 -17.32
C THR A 120 36.59 9.06 -17.80
N ILE A 121 35.89 8.18 -18.52
CA ILE A 121 34.53 8.40 -19.01
C ILE A 121 33.62 7.35 -18.35
N HIS A 122 32.47 7.78 -17.80
CA HIS A 122 31.57 6.85 -17.12
C HIS A 122 30.19 6.81 -17.75
N SER A 123 29.49 5.69 -17.57
CA SER A 123 28.11 5.53 -18.02
C SER A 123 27.16 6.15 -16.96
N ILE A 124 25.88 6.35 -17.30
CA ILE A 124 24.93 6.99 -16.39
C ILE A 124 24.82 6.26 -15.04
N ASP A 125 25.12 4.94 -15.01
CA ASP A 125 25.07 4.18 -13.76
C ASP A 125 26.40 4.22 -12.94
N GLY A 126 27.30 5.14 -13.29
CA GLY A 126 28.56 5.33 -12.60
C GLY A 126 29.67 4.36 -12.94
N GLU A 127 29.43 3.44 -13.90
CA GLU A 127 30.44 2.47 -14.28
C GLU A 127 31.45 3.04 -15.26
N LEU A 128 32.71 2.66 -15.10
CA LEU A 128 33.78 3.13 -15.96
C LEU A 128 33.73 2.46 -17.34
N ILE A 129 33.77 3.28 -18.40
CA ILE A 129 33.79 2.77 -19.77
C ILE A 129 35.25 2.55 -20.15
N ALA A 130 35.68 1.30 -20.14
CA ALA A 130 37.07 0.94 -20.43
C ALA A 130 37.41 1.02 -21.91
N PRO A 131 38.58 1.57 -22.26
CA PRO A 131 38.97 1.62 -23.67
C PRO A 131 39.35 0.24 -24.20
N ASP A 132 38.57 -0.26 -25.16
CA ASP A 132 38.75 -1.59 -25.71
C ASP A 132 39.46 -1.53 -27.05
N ILE A 133 40.73 -1.94 -27.08
CA ILE A 133 41.52 -1.98 -28.30
C ILE A 133 40.93 -2.98 -29.29
N ASN A 134 40.37 -4.10 -28.80
CA ASN A 134 39.76 -5.16 -29.61
C ASN A 134 38.53 -4.74 -30.42
N TYR A 135 38.02 -3.51 -30.20
CA TYR A 135 36.88 -3.02 -30.97
C TYR A 135 37.28 -2.74 -32.42
N LEU A 136 38.55 -2.36 -32.66
CA LEU A 136 39.08 -2.08 -34.00
C LEU A 136 38.94 -3.26 -34.93
N GLU A 137 39.04 -4.50 -34.40
CA GLU A 137 38.93 -5.71 -35.23
C GLU A 137 37.51 -5.88 -35.72
N GLU A 138 36.52 -5.60 -34.85
CA GLU A 138 35.10 -5.67 -35.23
C GLU A 138 34.79 -4.56 -36.26
N LEU A 139 35.39 -3.38 -36.03
CA LEU A 139 35.26 -2.17 -36.83
C LEU A 139 35.86 -2.35 -38.22
N ALA A 140 36.98 -3.07 -38.32
CA ALA A 140 37.65 -3.31 -39.58
C ALA A 140 36.86 -4.31 -40.43
N GLU A 141 36.28 -5.33 -39.79
CA GLU A 141 35.48 -6.33 -40.48
C GLU A 141 34.15 -5.77 -41.02
N SER A 142 33.71 -4.61 -40.52
CA SER A 142 32.51 -3.92 -41.00
C SER A 142 32.73 -3.31 -42.40
N LEU A 143 34.00 -3.02 -42.78
CA LEU A 143 34.35 -2.48 -44.09
C LEU A 143 34.16 -3.51 -45.23
N LYS A 144 34.11 -4.83 -44.89
CA LYS A 144 33.92 -5.93 -45.84
C LYS A 144 32.44 -6.11 -46.29
N SER A 145 31.51 -5.35 -45.70
CA SER A 145 30.08 -5.33 -46.06
C SER A 145 29.58 -3.89 -45.85
N PRO A 146 29.97 -2.94 -46.72
CA PRO A 146 29.59 -1.53 -46.49
C PRO A 146 28.10 -1.25 -46.68
N ASN A 147 27.48 -1.89 -47.68
CA ASN A 147 26.07 -1.68 -47.93
C ASN A 147 25.19 -2.54 -47.03
N GLU A 148 24.50 -1.86 -46.11
CA GLU A 148 23.55 -2.40 -45.13
C GLU A 148 22.31 -1.48 -45.09
N GLY A 149 21.31 -1.83 -44.27
CA GLY A 149 20.07 -1.04 -44.13
C GLY A 149 20.34 0.42 -43.84
N VAL A 150 19.67 1.33 -44.61
CA VAL A 150 19.83 2.80 -44.55
C VAL A 150 19.80 3.26 -43.06
N PRO A 151 18.71 3.11 -42.26
CA PRO A 151 18.84 3.35 -40.81
C PRO A 151 19.00 1.96 -40.11
N TYR A 152 20.13 1.72 -39.41
CA TYR A 152 20.43 0.45 -38.73
C TYR A 152 19.51 0.17 -37.52
N ILE A 153 18.50 -0.69 -37.73
CA ILE A 153 17.50 -1.03 -36.72
C ILE A 153 17.94 -2.14 -35.75
N ASN A 154 18.17 -1.73 -34.50
CA ASN A 154 18.57 -2.54 -33.35
C ASN A 154 19.80 -3.42 -33.60
N ARG A 155 20.91 -2.79 -34.00
CA ARG A 155 22.13 -3.56 -34.24
C ARG A 155 22.86 -3.91 -32.94
N ASP A 156 23.40 -5.12 -32.85
CA ASP A 156 24.12 -5.56 -31.65
C ASP A 156 25.52 -4.94 -31.63
N ASP A 157 25.66 -3.81 -30.93
CA ASP A 157 26.94 -3.13 -30.79
C ASP A 157 27.08 -2.65 -29.36
N LEU A 158 28.08 -3.18 -28.63
CA LEU A 158 28.32 -2.80 -27.24
C LEU A 158 28.66 -1.32 -27.13
N TRP A 159 29.37 -0.76 -28.12
CA TRP A 159 29.73 0.64 -28.09
C TRP A 159 28.56 1.61 -28.42
N LEU A 160 27.34 1.11 -28.35
CA LEU A 160 26.09 1.85 -28.46
C LEU A 160 25.32 1.74 -27.12
N ARG A 161 25.50 0.62 -26.39
CA ARG A 161 24.90 0.33 -25.11
C ARG A 161 25.74 0.82 -23.93
N LEU A 162 27.06 1.01 -24.12
CA LEU A 162 28.00 1.41 -23.09
C LEU A 162 27.64 2.68 -22.30
N PRO A 163 27.13 3.79 -22.90
CA PRO A 163 26.81 4.98 -22.07
C PRO A 163 25.69 4.80 -21.04
N PHE A 164 24.96 3.68 -21.09
CA PHE A 164 23.85 3.45 -20.16
C PHE A 164 24.13 2.38 -19.12
N GLY A 165 25.05 1.47 -19.43
CA GLY A 165 25.43 0.40 -18.52
C GLY A 165 24.28 -0.52 -18.20
N GLN A 166 23.94 -0.62 -16.91
CA GLN A 166 22.86 -1.47 -16.46
C GLN A 166 21.56 -0.71 -16.19
N ARG A 167 21.59 0.64 -16.17
CA ARG A 167 20.38 1.42 -15.87
C ARG A 167 19.30 1.29 -16.96
N ILE A 168 19.69 1.03 -18.20
CA ILE A 168 18.76 0.87 -19.31
C ILE A 168 18.92 -0.51 -19.97
N LEU A 169 17.80 -1.22 -20.19
CA LEU A 169 17.86 -2.54 -20.82
C LEU A 169 17.68 -2.44 -22.33
N PHE A 170 18.40 -3.27 -23.09
CA PHE A 170 18.31 -3.25 -24.54
C PHE A 170 17.52 -4.46 -25.05
N GLU A 171 16.43 -4.20 -25.78
CA GLU A 171 15.56 -5.25 -26.29
C GLU A 171 16.25 -6.07 -27.36
N SER A 172 15.99 -7.38 -27.39
CA SER A 172 16.60 -8.26 -28.38
C SER A 172 15.68 -9.45 -28.71
N ASP A 173 16.05 -10.24 -29.73
CA ASP A 173 15.33 -11.44 -30.16
C ASP A 173 13.89 -11.10 -30.66
N GLU A 174 12.85 -11.78 -30.14
CA GLU A 174 11.45 -11.61 -30.51
C GLU A 174 10.96 -10.17 -30.30
N VAL A 175 11.47 -9.52 -29.25
CA VAL A 175 11.12 -8.15 -28.90
C VAL A 175 11.62 -7.20 -30.01
N GLY A 176 12.86 -7.39 -30.43
CA GLY A 176 13.46 -6.58 -31.47
C GLY A 176 12.88 -6.86 -32.83
N ASN A 177 12.47 -8.12 -33.07
CA ASN A 177 11.88 -8.55 -34.31
C ASN A 177 10.55 -7.82 -34.58
N ILE A 178 9.70 -7.68 -33.54
CA ILE A 178 8.41 -6.99 -33.63
C ILE A 178 8.62 -5.49 -33.78
N GLY A 179 9.57 -4.95 -33.01
CA GLY A 179 9.92 -3.54 -33.05
C GLY A 179 10.41 -3.05 -34.39
N THR A 180 11.10 -3.92 -35.15
CA THR A 180 11.60 -3.57 -36.47
C THR A 180 10.44 -3.28 -37.42
N THR A 181 9.36 -4.05 -37.32
CA THR A 181 8.18 -3.88 -38.16
C THR A 181 7.43 -2.60 -37.81
N ILE A 182 7.36 -2.27 -36.51
CA ILE A 182 6.69 -1.03 -36.08
C ILE A 182 7.51 0.18 -36.54
N VAL A 183 8.87 0.09 -36.45
CA VAL A 183 9.79 1.13 -36.89
C VAL A 183 9.60 1.37 -38.39
N HIS A 184 9.44 0.31 -39.17
CA HIS A 184 9.23 0.42 -40.61
C HIS A 184 7.95 1.18 -40.93
N GLU A 185 6.89 0.95 -40.14
CA GLU A 185 5.64 1.66 -40.34
C GLU A 185 5.71 3.11 -39.88
N SER A 186 6.52 3.40 -38.84
CA SER A 186 6.74 4.76 -38.34
C SER A 186 7.53 5.55 -39.37
N LEU A 187 8.57 4.95 -39.96
CA LEU A 187 9.39 5.60 -40.98
C LEU A 187 8.59 5.81 -42.26
N LYS A 188 7.68 4.88 -42.60
CA LYS A 188 6.81 5.00 -43.77
C LYS A 188 5.79 6.14 -43.55
N LEU A 189 5.32 6.32 -42.31
CA LEU A 189 4.41 7.38 -41.89
C LEU A 189 5.13 8.74 -41.97
N ILE A 190 6.40 8.78 -41.55
CA ILE A 190 7.24 9.98 -41.60
C ILE A 190 7.52 10.34 -43.06
N GLU A 191 7.78 9.34 -43.91
CA GLU A 191 8.02 9.53 -45.34
C GLU A 191 6.79 10.08 -46.05
N SER A 192 5.60 9.62 -45.64
CA SER A 192 4.35 10.10 -46.25
C SER A 192 4.08 11.56 -45.90
N TRP A 193 4.52 12.00 -44.70
CA TRP A 193 4.36 13.39 -44.27
C TRP A 193 5.42 14.27 -44.98
N ARG A 194 6.70 13.96 -44.78
CA ARG A 194 7.79 14.71 -45.39
C ARG A 194 8.87 13.74 -45.81
N PRO A 195 8.98 13.44 -47.11
CA PRO A 195 10.06 12.53 -47.56
C PRO A 195 11.46 13.11 -47.29
N ALA A 196 11.57 14.45 -47.17
CA ALA A 196 12.81 15.15 -46.87
C ALA A 196 13.26 14.88 -45.42
N LEU A 197 12.30 14.67 -44.49
CA LEU A 197 12.61 14.38 -43.10
C LEU A 197 13.14 12.95 -42.94
N LEU A 198 12.64 12.00 -43.76
CA LEU A 198 13.15 10.63 -43.72
C LEU A 198 14.60 10.61 -44.21
N SER A 199 14.90 11.37 -45.28
CA SER A 199 16.27 11.46 -45.79
C SER A 199 17.19 12.08 -44.75
N GLU A 200 16.70 13.11 -44.02
CA GLU A 200 17.41 13.80 -42.95
C GLU A 200 17.72 12.82 -41.82
N ILE A 201 16.77 11.94 -41.50
CA ILE A 201 16.93 10.92 -40.47
C ILE A 201 18.04 9.93 -40.86
N ILE A 202 18.11 9.52 -42.12
CA ILE A 202 19.15 8.59 -42.59
C ILE A 202 20.56 9.20 -42.53
N THR A 203 20.65 10.53 -42.73
CA THR A 203 21.95 11.22 -42.74
C THR A 203 22.46 11.57 -41.34
N ILE A 204 21.57 12.07 -40.48
CA ILE A 204 21.97 12.51 -39.14
C ILE A 204 21.81 11.44 -38.06
N SER A 205 20.70 10.70 -38.08
CA SER A 205 20.43 9.67 -37.06
C SER A 205 20.35 8.28 -37.71
N PRO A 206 21.50 7.67 -38.07
CA PRO A 206 21.44 6.37 -38.75
C PRO A 206 21.30 5.16 -37.86
N GLU A 207 21.22 5.31 -36.53
CA GLU A 207 21.11 4.16 -35.65
C GLU A 207 19.90 4.21 -34.73
N ILE A 208 19.03 3.20 -34.77
CA ILE A 208 17.86 3.15 -33.90
C ILE A 208 18.00 1.97 -32.97
N GLN A 209 18.14 2.20 -31.65
CA GLN A 209 18.27 1.12 -30.68
C GLN A 209 16.96 0.96 -29.89
N PHE A 210 16.60 -0.28 -29.54
CA PHE A 210 15.38 -0.51 -28.78
C PHE A 210 15.71 -0.65 -27.31
N ILE A 211 15.13 0.22 -26.48
CA ILE A 211 15.41 0.23 -25.06
C ILE A 211 14.15 0.00 -24.19
N LYS A 212 14.38 -0.26 -22.89
CA LYS A 212 13.33 -0.42 -21.91
C LYS A 212 13.86 0.10 -20.58
N ASP A 213 13.12 1.02 -19.96
CA ASP A 213 13.53 1.59 -18.68
C ASP A 213 12.76 0.85 -17.60
N PRO A 214 13.46 0.02 -16.80
CA PRO A 214 12.76 -0.74 -15.75
C PRO A 214 12.14 0.15 -14.66
N THR A 215 12.76 1.32 -14.40
CA THR A 215 12.25 2.25 -13.39
C THR A 215 11.04 3.07 -13.87
N ALA A 216 10.81 3.14 -15.18
CA ALA A 216 9.70 3.91 -15.74
C ALA A 216 8.39 3.15 -15.63
N HIS A 217 7.27 3.90 -15.60
CA HIS A 217 5.93 3.33 -15.56
C HIS A 217 5.65 2.63 -16.88
N PRO A 218 5.04 1.43 -16.87
CA PRO A 218 4.79 0.72 -18.15
C PRO A 218 4.09 1.53 -19.24
N ASP A 219 3.11 2.37 -18.89
CA ASP A 219 2.39 3.18 -19.89
C ASP A 219 3.16 4.40 -20.40
N LYS A 220 4.36 4.67 -19.87
CA LYS A 220 5.16 5.80 -20.30
C LYS A 220 6.02 5.44 -21.50
N VAL A 221 5.98 6.26 -22.54
CA VAL A 221 6.84 6.04 -23.71
C VAL A 221 8.20 6.70 -23.45
N VAL A 222 9.26 5.88 -23.40
CA VAL A 222 10.59 6.36 -23.09
C VAL A 222 11.47 6.46 -24.32
N SER A 223 12.07 7.63 -24.53
CA SER A 223 12.97 7.84 -25.66
C SER A 223 14.04 8.83 -25.27
N PHE A 224 15.31 8.49 -25.47
CA PHE A 224 16.39 9.40 -25.11
C PHE A 224 17.54 9.40 -26.12
N SER A 225 18.41 10.43 -26.01
CA SER A 225 19.56 10.58 -26.88
CA SER A 225 19.52 10.70 -26.92
C SER A 225 20.72 11.21 -26.13
N ASP A 226 21.95 10.79 -26.44
CA ASP A 226 23.14 11.32 -25.78
C ASP A 226 24.16 11.73 -26.86
N ASN A 227 24.81 12.88 -26.67
CA ASN A 227 25.80 13.34 -27.64
C ASN A 227 27.16 12.67 -27.49
N SER A 228 27.34 11.79 -26.49
CA SER A 228 28.57 11.00 -26.40
C SER A 228 28.55 9.92 -27.51
N VAL A 229 27.32 9.52 -27.96
CA VAL A 229 27.01 8.60 -29.06
C VAL A 229 26.13 9.36 -30.05
N PRO A 230 26.68 10.32 -30.83
CA PRO A 230 25.84 11.08 -31.76
C PRO A 230 25.47 10.31 -33.02
N GLY A 231 24.18 10.25 -33.28
CA GLY A 231 23.63 9.52 -34.41
C GLY A 231 22.78 8.34 -33.97
N ALA A 232 22.76 8.01 -32.67
CA ALA A 232 21.98 6.91 -32.15
C ALA A 232 20.74 7.41 -31.40
N LEU A 233 19.56 6.92 -31.80
CA LEU A 233 18.27 7.22 -31.22
C LEU A 233 17.87 6.03 -30.36
N TYR A 234 17.54 6.25 -29.10
CA TYR A 234 17.15 5.17 -28.21
C TYR A 234 15.67 5.25 -27.94
N VAL A 235 14.88 4.38 -28.56
CA VAL A 235 13.43 4.41 -28.43
C VAL A 235 12.86 3.15 -27.80
N SER A 236 11.81 3.30 -27.00
CA SER A 236 11.18 2.15 -26.37
C SER A 236 10.09 1.66 -27.27
N ILE A 237 10.06 0.36 -27.53
CA ILE A 237 9.01 -0.22 -28.36
C ILE A 237 7.96 -0.95 -27.49
N ARG A 238 8.34 -1.38 -26.27
CA ARG A 238 7.44 -2.09 -25.37
C ARG A 238 6.90 -1.18 -24.26
N GLN A 239 5.56 -1.11 -24.14
CA GLN A 239 4.82 -0.39 -23.11
C GLN A 239 4.32 -1.49 -22.16
N GLY A 240 5.19 -1.93 -21.27
CA GLY A 240 4.91 -3.05 -20.39
C GLY A 240 5.18 -4.32 -21.17
N SER A 241 4.15 -5.14 -21.39
CA SER A 241 4.27 -6.35 -22.20
C SER A 241 3.80 -6.08 -23.66
N ARG A 242 2.89 -5.10 -23.84
CA ARG A 242 2.29 -4.65 -25.09
C ARG A 242 3.28 -3.82 -25.91
N TYR A 243 3.05 -3.66 -27.22
CA TYR A 243 3.92 -2.86 -28.07
C TYR A 243 3.28 -1.50 -28.38
N ILE A 244 4.09 -0.44 -28.55
CA ILE A 244 3.54 0.88 -28.88
C ILE A 244 3.14 0.96 -30.37
N ASP A 245 2.39 2.00 -30.76
CA ASP A 245 1.93 2.10 -32.14
C ASP A 245 2.89 2.95 -33.03
N GLN A 246 2.65 2.93 -34.35
CA GLN A 246 3.47 3.66 -35.32
C GLN A 246 3.50 5.17 -35.11
N TYR A 247 2.47 5.77 -34.53
CA TYR A 247 2.41 7.22 -34.31
C TYR A 247 3.26 7.63 -33.11
N ASP A 248 3.15 6.88 -32.00
CA ASP A 248 3.94 7.16 -30.81
C ASP A 248 5.41 6.88 -31.05
N LEU A 249 5.73 5.84 -31.83
CA LEU A 249 7.11 5.52 -32.15
C LEU A 249 7.70 6.55 -33.11
N ALA A 250 6.89 7.09 -34.05
CA ALA A 250 7.37 8.13 -34.95
C ALA A 250 7.66 9.40 -34.15
N ASP A 251 6.82 9.70 -33.13
CA ASP A 251 7.03 10.84 -32.23
C ASP A 251 8.38 10.70 -31.52
N SER A 252 8.67 9.51 -30.98
N SER A 252 8.67 9.51 -30.99
CA SER A 252 9.92 9.24 -30.29
CA SER A 252 9.93 9.22 -30.29
C SER A 252 11.12 9.37 -31.23
C SER A 252 11.13 9.35 -31.23
N LEU A 253 10.98 8.89 -32.48
CA LEU A 253 12.06 8.98 -33.47
C LEU A 253 12.32 10.42 -33.86
N ILE A 254 11.27 11.23 -34.09
CA ILE A 254 11.42 12.64 -34.45
C ILE A 254 11.99 13.44 -33.29
N HIS A 255 11.55 13.13 -32.06
CA HIS A 255 12.01 13.78 -30.83
C HIS A 255 13.51 13.63 -30.68
N GLU A 256 14.04 12.38 -30.76
CA GLU A 256 15.47 12.18 -30.59
C GLU A 256 16.27 12.60 -31.81
N HIS A 257 15.67 12.52 -33.02
CA HIS A 257 16.35 12.96 -34.24
C HIS A 257 16.63 14.46 -34.16
N ARG A 258 15.66 15.25 -33.66
CA ARG A 258 15.85 16.68 -33.53
C ARG A 258 17.01 17.04 -32.58
N HIS A 259 17.26 16.21 -31.55
CA HIS A 259 18.39 16.42 -30.65
C HIS A 259 19.67 16.19 -31.44
N GLN A 260 19.73 15.08 -32.19
CA GLN A 260 20.88 14.72 -33.02
C GLN A 260 21.21 15.76 -34.08
N LYS A 261 20.17 16.40 -34.63
CA LYS A 261 20.30 17.44 -35.63
C LYS A 261 20.87 18.71 -35.00
N LEU A 262 20.42 19.05 -33.79
CA LEU A 262 20.93 20.23 -33.09
C LEU A 262 22.35 20.00 -32.58
N TYR A 263 22.73 18.74 -32.23
CA TYR A 263 24.08 18.39 -31.80
C TYR A 263 25.08 18.74 -32.90
N LEU A 264 24.69 18.47 -34.17
CA LEU A 264 25.47 18.70 -35.37
C LEU A 264 25.69 20.19 -35.58
N LEU A 265 24.65 21.01 -35.37
CA LEU A 265 24.74 22.44 -35.54
C LEU A 265 25.59 23.06 -34.44
N GLN A 266 25.32 22.72 -33.17
CA GLN A 266 26.06 23.23 -32.00
C GLN A 266 27.54 22.96 -32.09
N ARG A 267 27.92 21.81 -32.69
CA ARG A 267 29.31 21.41 -32.80
CA ARG A 267 29.31 21.38 -32.85
C ARG A 267 30.15 22.45 -33.52
N SER A 268 29.59 23.08 -34.56
CA SER A 268 30.30 24.08 -35.34
C SER A 268 29.85 25.50 -35.01
N ILE A 269 28.53 25.74 -34.98
CA ILE A 269 28.00 27.07 -34.70
C ILE A 269 27.33 27.11 -33.33
N PRO A 270 28.01 27.68 -32.33
CA PRO A 270 27.42 27.75 -30.98
C PRO A 270 26.15 28.60 -30.96
N LEU A 271 25.16 28.19 -30.16
CA LEU A 271 23.88 28.87 -30.11
C LEU A 271 23.65 29.63 -28.81
N ILE A 272 24.31 29.21 -27.72
CA ILE A 272 24.18 29.88 -26.43
C ILE A 272 25.53 30.49 -26.04
N GLU A 273 25.55 31.81 -25.80
CA GLU A 273 26.75 32.55 -25.42
C GLU A 273 27.16 32.22 -23.98
N ILE A 274 26.20 32.26 -23.04
CA ILE A 274 26.41 31.93 -21.63
C ILE A 274 25.27 31.03 -21.19
N ASP A 275 25.56 29.78 -20.81
CA ASP A 275 24.54 28.82 -20.38
C ASP A 275 24.07 29.04 -18.94
N ALA A 276 23.86 30.31 -18.57
CA ALA A 276 23.41 30.77 -17.27
C ALA A 276 22.80 32.18 -17.40
N PRO A 277 21.86 32.57 -16.52
CA PRO A 277 21.27 31.79 -15.42
C PRO A 277 20.29 30.72 -15.91
N LEU A 278 19.92 29.79 -15.02
CA LEU A 278 19.00 28.73 -15.40
C LEU A 278 17.59 29.26 -15.62
N VAL A 279 16.92 28.75 -16.65
CA VAL A 279 15.58 29.18 -17.06
C VAL A 279 14.54 28.08 -16.83
N PRO A 280 13.29 28.46 -16.53
CA PRO A 280 12.26 27.43 -16.33
C PRO A 280 11.74 26.87 -17.64
N SER A 281 11.52 25.56 -17.65
CA SER A 281 11.02 24.87 -18.83
C SER A 281 9.62 24.34 -18.56
N PRO A 282 8.71 24.45 -19.53
CA PRO A 282 7.36 23.88 -19.34
C PRO A 282 7.35 22.34 -19.32
N TRP A 283 8.45 21.71 -19.75
CA TRP A 283 8.56 20.26 -19.77
C TRP A 283 9.27 19.67 -18.54
N ARG A 284 9.93 20.51 -17.71
CA ARG A 284 10.60 20.01 -16.52
C ARG A 284 10.22 20.80 -15.27
N GLU A 285 10.27 20.13 -14.10
CA GLU A 285 9.91 20.77 -12.83
C GLU A 285 11.03 21.67 -12.31
N ASP A 286 12.28 21.28 -12.55
CA ASP A 286 13.46 22.00 -12.11
C ASP A 286 13.92 23.05 -13.17
N LEU A 287 14.78 24.00 -12.75
CA LEU A 287 15.32 25.00 -13.66
C LEU A 287 16.36 24.33 -14.53
N ARG A 288 16.20 24.44 -15.85
CA ARG A 288 17.16 23.84 -16.78
C ARG A 288 17.99 24.93 -17.49
N PRO A 289 19.21 24.62 -17.98
CA PRO A 289 20.02 25.65 -18.64
C PRO A 289 19.43 26.12 -19.96
N PRO A 290 19.76 27.34 -20.41
CA PRO A 290 19.21 27.83 -21.67
C PRO A 290 19.40 26.89 -22.87
N SER A 291 20.54 26.17 -22.94
CA SER A 291 20.79 25.23 -24.02
C SER A 291 19.80 24.04 -24.00
N GLY A 292 19.37 23.65 -22.81
CA GLY A 292 18.38 22.59 -22.64
C GLY A 292 17.01 23.03 -23.11
N LEU A 293 16.63 24.28 -22.82
CA LEU A 293 15.35 24.83 -23.27
C LEU A 293 15.37 25.04 -24.78
N LEU A 294 16.53 25.38 -25.37
CA LEU A 294 16.66 25.52 -26.81
C LEU A 294 16.49 24.16 -27.46
N HIS A 295 17.08 23.12 -26.88
CA HIS A 295 16.93 21.77 -27.39
C HIS A 295 15.48 21.32 -27.30
N ALA A 296 14.78 21.67 -26.21
CA ALA A 296 13.36 21.34 -26.03
C ALA A 296 12.46 22.03 -27.08
N ILE A 297 12.65 23.35 -27.32
CA ILE A 297 11.85 24.09 -28.30
C ILE A 297 12.12 23.57 -29.71
N PHE A 298 13.40 23.26 -30.02
CA PHE A 298 13.78 22.74 -31.32
C PHE A 298 13.16 21.37 -31.59
N VAL A 299 13.09 20.53 -30.54
CA VAL A 299 12.49 19.20 -30.61
C VAL A 299 10.99 19.34 -30.79
N PHE A 300 10.31 20.09 -29.90
CA PHE A 300 8.86 20.21 -29.90
C PHE A 300 8.27 21.04 -31.03
N THR A 301 9.08 21.83 -31.75
CA THR A 301 8.57 22.56 -32.91
C THR A 301 8.24 21.55 -34.00
N HIS A 302 9.16 20.61 -34.24
CA HIS A 302 8.95 19.56 -35.23
C HIS A 302 7.84 18.58 -34.85
N LEU A 303 7.68 18.26 -33.55
CA LEU A 303 6.60 17.40 -33.08
C LEU A 303 5.24 18.11 -33.17
N LEU A 304 5.23 19.46 -33.05
CA LEU A 304 3.99 20.22 -33.21
C LEU A 304 3.54 20.11 -34.68
N GLU A 305 4.50 20.23 -35.63
CA GLU A 305 4.23 20.12 -37.06
C GLU A 305 3.78 18.70 -37.44
N PHE A 306 4.34 17.67 -36.76
CA PHE A 306 4.00 16.27 -37.01
C PHE A 306 2.59 15.97 -36.56
N TRP A 307 2.21 16.39 -35.34
CA TRP A 307 0.86 16.16 -34.85
C TRP A 307 -0.17 17.09 -35.52
N ALA A 308 0.26 18.22 -36.14
CA ALA A 308 -0.64 19.10 -36.89
C ALA A 308 -1.05 18.40 -38.19
N TYR A 309 -0.10 17.71 -38.84
CA TYR A 309 -0.35 16.95 -40.06
C TYR A 309 -1.30 15.79 -39.75
N LEU A 310 -1.11 15.11 -38.61
CA LEU A 310 -1.97 14.00 -38.23
C LEU A 310 -3.39 14.43 -37.84
N SER A 311 -3.56 15.65 -37.35
CA SER A 311 -4.88 16.14 -36.99
C SER A 311 -5.73 16.55 -38.20
N ARG A 312 -5.10 16.73 -39.39
CA ARG A 312 -5.82 17.10 -40.60
C ARG A 312 -5.83 15.99 -41.66
N GLU A 313 -4.67 15.46 -42.02
CA GLU A 313 -4.55 14.43 -43.05
C GLU A 313 -4.42 13.00 -42.50
N GLY A 314 -4.61 12.81 -41.20
CA GLY A 314 -4.52 11.49 -40.60
C GLY A 314 -5.85 10.77 -40.55
N GLN A 315 -5.87 9.54 -40.04
CA GLN A 315 -7.09 8.75 -39.90
C GLN A 315 -8.02 9.31 -38.82
N ASP A 316 -9.30 8.88 -38.80
CA ASP A 316 -10.25 9.37 -37.80
C ASP A 316 -9.90 8.92 -36.37
N GLN A 317 -9.22 7.77 -36.24
CA GLN A 317 -8.81 7.23 -34.95
C GLN A 317 -7.66 8.01 -34.32
N ILE A 318 -6.77 8.58 -35.14
CA ILE A 318 -5.64 9.33 -34.64
C ILE A 318 -5.95 10.82 -34.43
N LYS A 319 -6.97 11.36 -35.11
CA LYS A 319 -7.35 12.77 -35.03
C LYS A 319 -7.66 13.24 -33.61
N VAL A 320 -8.11 12.34 -32.71
CA VAL A 320 -8.42 12.72 -31.34
C VAL A 320 -7.13 12.98 -30.55
N ARG A 321 -6.17 12.06 -30.65
CA ARG A 321 -4.89 12.19 -29.97
C ARG A 321 -4.06 13.31 -30.55
N ALA A 322 -4.10 13.48 -31.88
CA ALA A 322 -3.34 14.52 -32.57
C ALA A 322 -3.80 15.91 -32.19
N LYS A 323 -5.12 16.12 -32.08
CA LYS A 323 -5.66 17.43 -31.68
C LYS A 323 -5.27 17.78 -30.24
N ASN A 324 -5.15 16.77 -29.37
CA ASN A 324 -4.73 16.94 -27.98
C ASN A 324 -3.24 17.32 -27.93
N GLN A 325 -2.42 16.68 -28.77
CA GLN A 325 -0.99 16.93 -28.83
C GLN A 325 -0.70 18.33 -29.36
N VAL A 326 -1.48 18.80 -30.35
CA VAL A 326 -1.28 20.12 -30.92
C VAL A 326 -1.56 21.19 -29.86
N GLU A 327 -2.64 21.02 -29.10
CA GLU A 327 -2.99 21.99 -28.06
C GLU A 327 -1.99 21.98 -26.90
N THR A 328 -1.54 20.78 -26.50
CA THR A 328 -0.59 20.65 -25.40
C THR A 328 0.78 21.22 -25.76
N ILE A 329 1.28 20.88 -26.96
CA ILE A 329 2.60 21.33 -27.41
C ILE A 329 2.63 22.82 -27.75
N ARG A 330 1.64 23.34 -28.50
CA ARG A 330 1.63 24.77 -28.84
C ARG A 330 1.57 25.65 -27.58
N THR A 331 0.79 25.24 -26.58
CA THR A 331 0.68 25.97 -25.32
C THR A 331 2.04 26.07 -24.63
N ARG A 332 2.77 24.94 -24.55
CA ARG A 332 4.08 24.89 -23.93
C ARG A 332 5.14 25.65 -24.73
N LEU A 333 5.06 25.60 -26.05
CA LEU A 333 6.01 26.31 -26.91
C LEU A 333 5.83 27.81 -26.76
N LEU A 334 4.58 28.28 -26.70
CA LEU A 334 4.28 29.71 -26.53
C LEU A 334 4.72 30.29 -25.18
N VAL A 335 5.11 29.43 -24.22
CA VAL A 335 5.58 29.83 -22.90
C VAL A 335 7.12 29.71 -22.84
N ALA A 336 7.68 28.70 -23.53
CA ALA A 336 9.12 28.46 -23.54
C ALA A 336 9.87 29.46 -24.42
N ILE A 337 9.31 29.81 -25.58
CA ILE A 337 9.94 30.73 -26.51
C ILE A 337 10.22 32.13 -25.88
N PRO A 338 9.25 32.80 -25.21
CA PRO A 338 9.57 34.10 -24.60
C PRO A 338 10.60 34.00 -23.47
N THR A 339 10.59 32.86 -22.75
CA THR A 339 11.51 32.56 -21.66
C THR A 339 12.93 32.48 -22.19
N LEU A 340 13.10 31.78 -23.33
CA LEU A 340 14.39 31.61 -23.95
C LEU A 340 14.91 32.89 -24.61
N LYS A 341 13.99 33.74 -25.11
CA LYS A 341 14.36 35.00 -25.74
C LYS A 341 15.13 35.93 -24.80
N ARG A 342 14.81 35.87 -23.49
CA ARG A 342 15.49 36.70 -22.52
C ARG A 342 16.69 35.99 -21.90
N THR A 343 17.50 35.35 -22.75
CA THR A 343 18.69 34.64 -22.31
C THR A 343 19.92 35.04 -23.18
N HIS A 344 21.13 34.61 -22.80
CA HIS A 344 22.33 34.96 -23.56
C HIS A 344 22.45 34.14 -24.86
N LEU A 345 21.65 34.48 -25.87
CA LEU A 345 21.68 33.76 -27.14
C LEU A 345 22.69 34.41 -28.06
N THR A 346 23.42 33.59 -28.85
CA THR A 346 24.33 34.13 -29.84
C THR A 346 23.49 34.69 -31.04
N THR A 347 24.13 35.27 -32.07
CA THR A 347 23.41 35.79 -33.24
C THR A 347 22.66 34.64 -33.93
N ALA A 348 23.32 33.47 -34.05
CA ALA A 348 22.75 32.27 -34.66
C ALA A 348 21.65 31.66 -33.79
N GLY A 349 21.86 31.67 -32.49
CA GLY A 349 20.90 31.15 -31.52
C GLY A 349 19.61 31.94 -31.53
N ARG A 350 19.72 33.27 -31.63
CA ARG A 350 18.53 34.12 -31.68
C ARG A 350 17.79 33.94 -33.02
N GLU A 351 18.55 33.75 -34.12
CA GLU A 351 17.97 33.50 -35.45
C GLU A 351 17.18 32.19 -35.46
N MET A 352 17.66 31.18 -34.71
CA MET A 352 17.00 29.88 -34.57
C MET A 352 15.70 30.04 -33.78
N VAL A 353 15.75 30.74 -32.64
CA VAL A 353 14.57 30.97 -31.80
C VAL A 353 13.48 31.71 -32.56
N GLU A 354 13.85 32.74 -33.34
CA GLU A 354 12.88 33.52 -34.11
C GLU A 354 12.22 32.71 -35.23
N GLN A 355 12.97 31.75 -35.79
CA GLN A 355 12.44 30.89 -36.84
C GLN A 355 11.47 29.88 -36.22
N LEU A 356 11.83 29.31 -35.05
CA LEU A 356 10.96 28.36 -34.34
C LEU A 356 9.68 29.03 -33.84
N GLU A 357 9.78 30.32 -33.44
CA GLU A 357 8.65 31.11 -32.97
C GLU A 357 7.69 31.40 -34.12
N GLU A 358 8.22 31.64 -35.32
CA GLU A 358 7.43 31.90 -36.51
C GLU A 358 6.59 30.68 -36.88
N LEU A 359 7.16 29.48 -36.75
CA LEU A 359 6.44 28.24 -37.06
C LEU A 359 5.32 27.97 -36.08
N THR A 360 5.56 28.27 -34.80
CA THR A 360 4.55 28.08 -33.76
C THR A 360 3.39 29.07 -33.93
N THR A 361 3.72 30.32 -34.31
CA THR A 361 2.75 31.39 -34.54
C THR A 361 1.90 31.15 -35.79
N ASN A 362 2.54 30.71 -36.89
CA ASN A 362 1.84 30.43 -38.15
C ASN A 362 0.97 29.16 -38.12
N MET A 363 0.91 28.48 -36.97
CA MET A 363 0.10 27.29 -36.75
C MET A 363 -0.96 27.43 -35.65
N GLY A 364 -1.21 28.67 -35.19
CA GLY A 364 -2.20 28.94 -34.16
C GLY A 364 -3.57 29.20 -34.73
N MET B 1 16.88 7.54 -16.48
CA MET B 1 15.55 8.16 -16.48
C MET B 1 15.61 9.68 -16.36
N GLY B 2 16.41 10.19 -15.42
CA GLY B 2 16.60 11.63 -15.19
C GLY B 2 17.36 12.29 -16.32
N SER B 3 18.64 11.92 -16.50
CA SER B 3 19.55 12.34 -17.59
C SER B 3 19.96 13.85 -17.65
N SER B 4 21.11 14.12 -18.31
CA SER B 4 21.74 15.43 -18.58
C SER B 4 22.74 15.24 -19.76
N HIS B 5 22.20 14.71 -20.87
CA HIS B 5 22.96 14.27 -22.05
C HIS B 5 23.16 15.24 -23.21
N HIS B 6 22.77 16.52 -23.12
CA HIS B 6 22.94 17.44 -24.25
C HIS B 6 24.08 18.45 -24.08
N HIS B 7 24.99 18.20 -23.10
CA HIS B 7 26.16 19.01 -22.75
C HIS B 7 26.90 19.50 -23.98
N HIS B 8 26.97 20.81 -24.23
CA HIS B 8 27.71 21.32 -25.40
C HIS B 8 29.22 21.02 -25.38
N HIS B 9 29.70 20.31 -24.35
CA HIS B 9 31.09 19.95 -24.17
C HIS B 9 31.46 18.61 -24.78
N HIS B 10 30.99 18.35 -26.01
CA HIS B 10 31.43 17.18 -26.76
C HIS B 10 32.63 17.61 -27.66
N SER B 11 33.51 18.42 -27.08
CA SER B 11 34.72 18.97 -27.69
C SER B 11 35.90 18.60 -26.80
N SER B 12 36.02 17.31 -26.46
N SER B 12 36.03 17.31 -26.47
CA SER B 12 37.13 16.82 -25.64
CA SER B 12 37.11 16.79 -25.66
C SER B 12 38.32 16.43 -26.53
C SER B 12 38.31 16.43 -26.55
N GLY B 13 38.87 17.43 -27.22
CA GLY B 13 39.99 17.23 -28.12
C GLY B 13 40.43 18.52 -28.79
N PHE B 36 48.21 33.85 -9.48
CA PHE B 36 48.76 32.96 -8.45
C PHE B 36 48.18 33.23 -7.05
N ILE B 37 48.04 32.16 -6.25
CA ILE B 37 47.65 32.14 -4.84
C ILE B 37 48.17 30.84 -4.20
N ASP B 38 48.66 30.89 -2.95
CA ASP B 38 49.14 29.69 -2.27
C ASP B 38 47.90 28.87 -1.94
N ILE B 39 47.60 27.89 -2.81
CA ILE B 39 46.44 27.01 -2.70
C ILE B 39 46.46 26.23 -1.40
N ALA B 40 47.63 25.70 -1.03
CA ALA B 40 47.78 24.92 0.19
C ALA B 40 47.53 25.78 1.42
N ALA B 41 47.99 27.04 1.39
CA ALA B 41 47.77 27.97 2.51
C ALA B 41 46.31 28.44 2.56
N PHE B 42 45.67 28.56 1.40
CA PHE B 42 44.28 28.98 1.33
C PHE B 42 43.36 27.94 1.98
N GLU B 43 43.68 26.65 1.86
CA GLU B 43 42.85 25.59 2.42
C GLU B 43 42.64 25.71 3.93
N SER B 44 43.73 25.76 4.73
CA SER B 44 43.64 25.84 6.19
C SER B 44 43.28 27.25 6.65
N PRO B 45 42.32 27.37 7.58
CA PRO B 45 41.93 28.70 8.06
C PRO B 45 43.01 29.49 8.80
N LEU B 46 44.00 28.76 9.32
CA LEU B 46 45.12 29.35 10.06
C LEU B 46 45.98 30.18 9.11
N THR B 47 46.22 29.67 7.90
CA THR B 47 47.08 30.31 6.92
C THR B 47 46.35 30.93 5.72
N SER B 48 45.03 31.09 5.80
CA SER B 48 44.25 31.62 4.69
C SER B 48 43.96 33.11 4.76
N SER B 49 44.00 33.69 5.97
CA SER B 49 43.70 35.10 6.24
C SER B 49 44.15 36.10 5.15
N ALA B 50 45.40 36.01 4.68
CA ALA B 50 45.93 36.91 3.65
C ALA B 50 45.41 36.61 2.26
N SER B 51 45.29 35.32 1.92
CA SER B 51 44.79 34.85 0.62
C SER B 51 43.34 35.27 0.41
N ILE B 52 42.51 35.15 1.46
CA ILE B 52 41.10 35.53 1.42
C ILE B 52 40.96 37.03 1.22
N GLN B 53 41.78 37.81 1.93
CA GLN B 53 41.78 39.27 1.82
C GLN B 53 42.13 39.71 0.39
N GLN B 54 43.07 39.01 -0.23
CA GLN B 54 43.50 39.28 -1.60
C GLN B 54 42.35 39.00 -2.58
N LEU B 55 41.67 37.86 -2.42
CA LEU B 55 40.55 37.45 -3.28
C LEU B 55 39.36 38.39 -3.10
N LEU B 56 39.11 38.87 -1.87
CA LEU B 56 38.01 39.78 -1.57
C LEU B 56 38.26 41.16 -2.15
N GLU B 57 39.52 41.62 -2.17
CA GLU B 57 39.85 42.94 -2.72
C GLU B 57 39.67 42.96 -4.23
N HIS B 58 39.98 41.84 -4.91
CA HIS B 58 39.81 41.73 -6.34
C HIS B 58 38.34 41.68 -6.70
N TRP B 59 37.55 40.93 -5.92
CA TRP B 59 36.12 40.79 -6.14
C TRP B 59 35.40 42.10 -5.85
N ALA B 60 35.77 42.81 -4.77
CA ALA B 60 35.15 44.08 -4.45
C ALA B 60 35.42 45.16 -5.49
N ALA B 61 36.56 45.07 -6.19
CA ALA B 61 36.90 46.03 -7.23
C ALA B 61 35.96 45.88 -8.43
N ASP B 62 35.60 44.64 -8.77
CA ASP B 62 34.68 44.38 -9.88
C ASP B 62 33.25 44.67 -9.44
N ALA B 63 32.89 44.28 -8.20
CA ALA B 63 31.55 44.47 -7.65
C ALA B 63 31.22 45.93 -7.42
N ARG B 64 32.21 46.78 -7.14
CA ARG B 64 31.95 48.20 -6.95
C ARG B 64 31.56 48.85 -8.28
N LYS B 65 32.18 48.42 -9.39
CA LYS B 65 31.87 48.90 -10.74
C LYS B 65 30.49 48.40 -11.17
N GLU B 66 30.17 47.14 -10.85
CA GLU B 66 28.88 46.54 -11.15
C GLU B 66 27.76 47.24 -10.37
N PHE B 67 28.02 47.59 -9.10
CA PHE B 67 27.07 48.29 -8.26
C PHE B 67 26.84 49.71 -8.75
N GLU B 68 27.91 50.37 -9.23
CA GLU B 68 27.83 51.71 -9.80
C GLU B 68 26.99 51.66 -11.08
N LYS B 69 27.18 50.63 -11.92
CA LYS B 69 26.42 50.45 -13.15
C LYS B 69 24.92 50.27 -12.85
N ALA B 70 24.60 49.56 -11.76
CA ALA B 70 23.23 49.34 -11.33
C ALA B 70 22.63 50.64 -10.82
N LEU B 71 23.41 51.47 -10.12
CA LEU B 71 22.96 52.77 -9.61
C LEU B 71 22.64 53.72 -10.76
N MET B 72 23.40 53.65 -11.88
CA MET B 72 23.14 54.49 -13.05
C MET B 72 21.87 54.02 -13.78
N ALA B 73 21.63 52.69 -13.80
CA ALA B 73 20.43 52.11 -14.39
C ALA B 73 19.17 52.48 -13.59
N VAL B 74 19.31 52.64 -12.26
CA VAL B 74 18.22 53.07 -11.39
C VAL B 74 17.86 54.51 -11.75
N LEU B 75 18.87 55.38 -11.93
CA LEU B 75 18.70 56.78 -12.30
C LEU B 75 18.05 56.96 -13.67
N GLU B 76 18.22 55.99 -14.58
CA GLU B 76 17.61 56.05 -15.91
C GLU B 76 16.13 55.76 -15.84
N LYS B 77 15.72 54.76 -15.03
CA LYS B 77 14.31 54.40 -14.89
C LYS B 77 13.60 55.44 -14.02
N GLU B 78 14.17 55.77 -12.85
CA GLU B 78 13.59 56.78 -11.99
C GLU B 78 14.62 57.83 -11.59
N PRO B 79 14.65 58.97 -12.29
CA PRO B 79 15.59 60.04 -11.92
C PRO B 79 15.32 60.69 -10.56
N GLY B 80 14.11 60.49 -10.02
CA GLY B 80 13.73 61.00 -8.72
C GLY B 80 14.48 60.36 -7.55
N LYS B 81 15.10 59.20 -7.79
CA LYS B 81 15.91 58.51 -6.77
C LYS B 81 17.33 59.10 -6.65
N ARG B 82 17.61 60.27 -7.29
CA ARG B 82 18.90 60.95 -7.31
C ARG B 82 19.48 61.19 -5.92
N ASP B 83 18.63 61.55 -4.94
CA ASP B 83 19.09 61.80 -3.57
C ASP B 83 19.58 60.54 -2.86
N ILE B 84 18.98 59.38 -3.15
CA ILE B 84 19.39 58.10 -2.53
C ILE B 84 20.69 57.59 -3.15
N ILE B 85 20.83 57.75 -4.47
CA ILE B 85 22.02 57.33 -5.20
C ILE B 85 23.24 58.18 -4.80
N ASN B 86 23.04 59.44 -4.42
CA ASN B 86 24.11 60.32 -3.96
C ASN B 86 24.68 59.87 -2.61
N GLN B 87 23.86 59.25 -1.76
CA GLN B 87 24.33 58.74 -0.47
C GLN B 87 25.31 57.59 -0.67
N PHE B 88 25.05 56.75 -1.69
CA PHE B 88 25.91 55.61 -2.01
C PHE B 88 27.17 56.05 -2.70
N GLN B 89 27.07 57.03 -3.60
CA GLN B 89 28.23 57.50 -4.34
C GLN B 89 29.24 58.19 -3.44
N THR B 90 28.76 59.01 -2.48
CA THR B 90 29.63 59.72 -1.54
C THR B 90 29.99 58.88 -0.29
N CYS B 91 29.50 57.63 -0.22
CA CYS B 91 29.76 56.71 0.88
C CYS B 91 31.23 56.32 0.89
N PRO B 92 31.86 56.28 2.07
CA PRO B 92 33.29 55.91 2.16
C PRO B 92 33.61 54.58 1.50
N PRO B 93 34.75 54.49 0.79
CA PRO B 93 35.09 53.24 0.10
C PRO B 93 35.22 52.03 1.02
N GLU B 94 35.58 52.24 2.29
CA GLU B 94 35.74 51.14 3.24
C GLU B 94 34.39 50.49 3.54
N ILE B 95 33.32 51.30 3.61
CA ILE B 95 31.97 50.80 3.86
C ILE B 95 31.41 50.19 2.58
N LEU B 96 31.59 50.90 1.45
CA LEU B 96 31.14 50.50 0.14
C LEU B 96 31.75 49.20 -0.32
N ASN B 97 33.01 48.93 -0.01
CA ASN B 97 33.66 47.67 -0.39
C ASN B 97 33.03 46.48 0.32
N LYS B 98 32.63 46.65 1.59
CA LYS B 98 31.99 45.58 2.34
C LYS B 98 30.53 45.39 1.92
N LEU B 99 29.85 46.50 1.57
CA LEU B 99 28.45 46.52 1.17
C LEU B 99 28.22 45.80 -0.15
N VAL B 100 29.02 46.08 -1.18
CA VAL B 100 28.83 45.47 -2.50
C VAL B 100 29.07 43.97 -2.52
N LEU B 101 29.69 43.40 -1.49
CA LEU B 101 29.94 41.94 -1.45
C LEU B 101 28.96 41.15 -0.56
N ARG B 102 27.93 41.83 -0.03
CA ARG B 102 26.92 41.17 0.78
C ARG B 102 26.04 40.31 -0.10
N PRO B 103 25.64 39.11 0.35
CA PRO B 103 24.84 38.22 -0.53
C PRO B 103 23.59 38.87 -1.12
N SER B 104 22.84 39.63 -0.32
CA SER B 104 21.63 40.32 -0.78
C SER B 104 21.94 41.43 -1.78
N VAL B 105 23.08 42.10 -1.61
CA VAL B 105 23.51 43.19 -2.50
C VAL B 105 24.01 42.63 -3.83
N VAL B 106 24.73 41.49 -3.79
CA VAL B 106 25.25 40.83 -4.99
C VAL B 106 24.06 40.37 -5.84
N LEU B 107 23.04 39.77 -5.22
CA LEU B 107 21.85 39.32 -5.96
C LEU B 107 21.10 40.51 -6.55
N TRP B 108 20.92 41.60 -5.78
CA TRP B 108 20.23 42.79 -6.28
C TRP B 108 20.95 43.40 -7.47
N THR B 109 22.29 43.52 -7.37
CA THR B 109 23.14 44.08 -8.42
C THR B 109 23.08 43.21 -9.68
N THR B 110 23.13 41.89 -9.51
CA THR B 110 23.08 40.93 -10.61
C THR B 110 21.73 40.99 -11.32
N VAL B 111 20.61 40.92 -10.57
CA VAL B 111 19.26 40.99 -11.13
C VAL B 111 19.05 42.33 -11.86
N MET B 112 19.53 43.42 -11.26
CA MET B 112 19.42 44.77 -11.82
C MET B 112 20.18 44.93 -13.15
N LEU B 113 21.43 44.45 -13.20
CA LEU B 113 22.23 44.57 -14.41
C LEU B 113 21.73 43.67 -15.52
N GLN B 114 21.27 42.46 -15.16
CA GLN B 114 20.75 41.53 -16.14
C GLN B 114 19.44 42.05 -16.71
N ALA B 115 18.59 42.69 -15.89
CA ALA B 115 17.33 43.26 -16.38
C ALA B 115 17.57 44.33 -17.45
N SER B 116 18.60 45.17 -17.26
CA SER B 116 18.94 46.21 -18.24
C SER B 116 19.44 45.62 -19.57
N ASN B 117 20.03 44.40 -19.53
CA ASN B 117 20.50 43.70 -20.73
C ASN B 117 19.44 42.74 -21.32
N GLY B 118 18.20 42.83 -20.86
CA GLY B 118 17.09 41.99 -21.31
C GLY B 118 17.23 40.53 -20.91
N ILE B 119 17.86 40.26 -19.76
CA ILE B 119 18.06 38.90 -19.29
C ILE B 119 17.34 38.66 -17.95
N THR B 120 16.44 37.67 -17.94
CA THR B 120 15.65 37.33 -16.77
C THR B 120 16.38 36.36 -15.84
N ILE B 121 16.18 36.54 -14.52
CA ILE B 121 16.73 35.66 -13.50
C ILE B 121 15.56 35.03 -12.73
N HIS B 122 15.60 33.70 -12.51
CA HIS B 122 14.50 33.00 -11.84
C HIS B 122 14.91 32.27 -10.56
N SER B 123 13.97 32.14 -9.62
CA SER B 123 14.21 31.37 -8.41
C SER B 123 14.05 29.87 -8.72
N ILE B 124 14.53 28.98 -7.83
CA ILE B 124 14.46 27.53 -8.07
C ILE B 124 13.05 27.04 -8.40
N ASP B 125 12.01 27.76 -7.95
CA ASP B 125 10.62 27.37 -8.24
C ASP B 125 10.08 27.91 -9.58
N GLY B 126 10.96 28.43 -10.43
CA GLY B 126 10.62 28.94 -11.75
C GLY B 126 10.03 30.34 -11.78
N GLU B 127 9.93 31.01 -10.63
CA GLU B 127 9.35 32.35 -10.59
C GLU B 127 10.36 33.42 -10.95
N LEU B 128 9.92 34.45 -11.66
CA LEU B 128 10.78 35.54 -12.08
C LEU B 128 11.15 36.47 -10.91
N ILE B 129 12.46 36.73 -10.73
CA ILE B 129 12.93 37.65 -9.70
C ILE B 129 12.95 39.04 -10.30
N ALA B 130 11.95 39.85 -9.93
CA ALA B 130 11.80 41.20 -10.46
C ALA B 130 12.79 42.19 -9.87
N PRO B 131 13.37 43.05 -10.73
CA PRO B 131 14.30 44.07 -10.21
C PRO B 131 13.57 45.17 -9.42
N ASP B 132 13.86 45.27 -8.12
CA ASP B 132 13.21 46.23 -7.25
C ASP B 132 14.09 47.43 -6.97
N ILE B 133 13.72 48.57 -7.56
CA ILE B 133 14.43 49.84 -7.37
C ILE B 133 14.34 50.31 -5.91
N ASN B 134 13.21 50.05 -5.25
CA ASN B 134 12.95 50.43 -3.86
C ASN B 134 13.83 49.74 -2.82
N TYR B 135 14.66 48.76 -3.24
CA TYR B 135 15.57 48.10 -2.32
C TYR B 135 16.69 49.05 -1.87
N LEU B 136 17.08 50.01 -2.74
CA LEU B 136 18.12 50.98 -2.46
C LEU B 136 17.83 51.83 -1.23
N GLU B 137 16.55 52.11 -0.95
CA GLU B 137 16.17 52.89 0.22
C GLU B 137 16.38 52.09 1.50
N GLU B 138 16.04 50.80 1.48
CA GLU B 138 16.26 49.91 2.63
C GLU B 138 17.78 49.75 2.86
N LEU B 139 18.55 49.66 1.77
CA LEU B 139 19.99 49.49 1.77
C LEU B 139 20.70 50.76 2.29
N ALA B 140 20.17 51.95 1.97
CA ALA B 140 20.75 53.20 2.46
C ALA B 140 20.52 53.35 3.97
N GLU B 141 19.40 52.85 4.48
CA GLU B 141 19.10 52.89 5.90
C GLU B 141 19.98 51.90 6.71
N SER B 142 20.60 50.90 6.04
CA SER B 142 21.52 49.98 6.71
C SER B 142 22.86 50.68 7.03
N LEU B 143 23.28 51.66 6.17
CA LEU B 143 24.50 52.46 6.36
C LEU B 143 24.34 53.36 7.59
N LYS B 144 23.16 54.00 7.70
CA LYS B 144 22.80 54.91 8.79
C LYS B 144 22.61 54.16 10.10
N SER B 145 22.09 52.93 10.03
CA SER B 145 21.84 52.11 11.22
C SER B 145 23.14 51.55 11.79
N PRO B 146 23.19 51.34 13.11
CA PRO B 146 24.40 50.77 13.71
C PRO B 146 24.50 49.28 13.39
N ASN B 147 25.58 48.90 12.68
CA ASN B 147 25.85 47.52 12.25
C ASN B 147 25.91 46.56 13.46
N GLU B 148 24.98 45.62 13.51
CA GLU B 148 24.87 44.66 14.61
C GLU B 148 25.89 43.49 14.47
N GLY B 149 25.65 42.37 15.19
CA GLY B 149 26.48 41.16 15.22
C GLY B 149 27.12 40.77 13.91
N VAL B 150 28.41 40.40 13.96
CA VAL B 150 29.24 40.04 12.82
C VAL B 150 28.54 38.99 11.91
N PRO B 151 28.12 37.77 12.34
CA PRO B 151 27.35 36.91 11.42
C PRO B 151 25.85 37.16 11.65
N TYR B 152 25.21 37.87 10.72
CA TYR B 152 23.79 38.24 10.81
C TYR B 152 22.87 37.01 10.84
N ILE B 153 22.46 36.63 12.07
CA ILE B 153 21.61 35.47 12.35
C ILE B 153 20.12 35.73 12.08
N ASN B 154 19.61 35.09 11.02
CA ASN B 154 18.24 35.13 10.53
C ASN B 154 17.68 36.53 10.33
N ARG B 155 18.38 37.35 9.53
CA ARG B 155 17.90 38.70 9.27
C ARG B 155 16.76 38.71 8.25
N ASP B 156 15.74 39.56 8.47
CA ASP B 156 14.62 39.65 7.55
C ASP B 156 15.02 40.46 6.31
N ASP B 157 15.43 39.75 5.25
CA ASP B 157 15.81 40.41 3.99
C ASP B 157 15.25 39.59 2.84
N LEU B 158 14.34 40.19 2.06
CA LEU B 158 13.73 39.51 0.91
C LEU B 158 14.78 39.13 -0.13
N TRP B 159 15.81 39.98 -0.29
CA TRP B 159 16.86 39.69 -1.26
C TRP B 159 17.85 38.59 -0.82
N LEU B 160 17.49 37.82 0.19
CA LEU B 160 18.18 36.63 0.67
C LEU B 160 17.27 35.39 0.45
N ARG B 161 15.95 35.59 0.49
CA ARG B 161 14.93 34.58 0.30
C ARG B 161 14.51 34.42 -1.17
N LEU B 162 14.72 35.46 -2.00
CA LEU B 162 14.34 35.49 -3.40
C LEU B 162 14.83 34.32 -4.27
N PRO B 163 16.08 33.81 -4.16
CA PRO B 163 16.48 32.68 -5.04
C PRO B 163 15.72 31.37 -4.81
N PHE B 164 14.93 31.27 -3.74
CA PHE B 164 14.20 30.04 -3.43
C PHE B 164 12.69 30.13 -3.65
N GLY B 165 12.16 31.34 -3.62
CA GLY B 165 10.73 31.58 -3.84
C GLY B 165 9.86 30.88 -2.82
N GLN B 166 8.99 30.00 -3.30
CA GLN B 166 8.08 29.27 -2.42
C GLN B 166 8.55 27.83 -2.13
N ARG B 167 9.58 27.32 -2.85
CA ARG B 167 10.03 25.95 -2.63
C ARG B 167 10.66 25.73 -1.24
N ILE B 168 11.26 26.77 -0.67
CA ILE B 168 11.88 26.70 0.64
C ILE B 168 11.25 27.70 1.60
N LEU B 169 10.88 27.24 2.81
CA LEU B 169 10.27 28.12 3.80
C LEU B 169 11.31 28.71 4.73
N PHE B 170 11.12 29.98 5.11
CA PHE B 170 12.07 30.65 6.00
C PHE B 170 11.50 30.77 7.41
N GLU B 171 12.21 30.21 8.40
CA GLU B 171 11.76 30.23 9.79
C GLU B 171 11.81 31.63 10.37
N SER B 172 10.82 31.95 11.20
CA SER B 172 10.75 33.26 11.83
C SER B 172 10.08 33.17 13.23
N ASP B 173 10.10 34.28 13.98
CA ASP B 173 9.48 34.41 15.29
C ASP B 173 10.13 33.43 16.33
N GLU B 174 9.33 32.61 17.03
CA GLU B 174 9.77 31.66 18.05
C GLU B 174 10.75 30.63 17.51
N VAL B 175 10.58 30.23 16.25
CA VAL B 175 11.47 29.26 15.62
C VAL B 175 12.85 29.84 15.43
N GLY B 176 12.91 31.08 14.97
CA GLY B 176 14.16 31.80 14.77
C GLY B 176 14.84 32.16 16.08
N ASN B 177 14.03 32.44 17.11
CA ASN B 177 14.51 32.79 18.43
C ASN B 177 15.32 31.64 19.05
N ILE B 178 14.81 30.41 18.94
CA ILE B 178 15.49 29.22 19.46
C ILE B 178 16.74 28.92 18.64
N GLY B 179 16.61 28.99 17.33
CA GLY B 179 17.70 28.74 16.41
C GLY B 179 18.91 29.64 16.62
N THR B 180 18.67 30.90 17.06
CA THR B 180 19.76 31.84 17.31
C THR B 180 20.65 31.34 18.46
N THR B 181 20.05 30.75 19.48
CA THR B 181 20.76 30.22 20.64
C THR B 181 21.58 29.00 20.27
N ILE B 182 21.01 28.12 19.40
CA ILE B 182 21.71 26.92 18.94
C ILE B 182 22.89 27.33 18.04
N VAL B 183 22.71 28.36 17.21
CA VAL B 183 23.75 28.89 16.32
C VAL B 183 24.90 29.45 17.16
N HIS B 184 24.59 30.14 18.25
CA HIS B 184 25.60 30.70 19.14
C HIS B 184 26.46 29.62 19.77
N GLU B 185 25.84 28.48 20.13
CA GLU B 185 26.59 27.36 20.71
C GLU B 185 27.40 26.63 19.65
N SER B 186 26.92 26.59 18.40
CA SER B 186 27.62 25.96 17.28
C SER B 186 28.86 26.79 16.94
N LEU B 187 28.71 28.12 16.91
CA LEU B 187 29.83 29.03 16.62
C LEU B 187 30.85 29.02 17.75
N LYS B 188 30.40 28.87 19.01
CA LYS B 188 31.27 28.77 20.17
C LYS B 188 32.07 27.45 20.13
N LEU B 189 31.43 26.36 19.65
CA LEU B 189 32.02 25.04 19.46
C LEU B 189 33.08 25.09 18.34
N ILE B 190 32.78 25.82 17.26
CA ILE B 190 33.68 26.01 16.14
C ILE B 190 34.90 26.84 16.58
N GLU B 191 34.67 27.87 17.40
CA GLU B 191 35.71 28.74 17.94
C GLU B 191 36.65 27.97 18.86
N SER B 192 36.09 27.02 19.65
CA SER B 192 36.90 26.21 20.56
C SER B 192 37.81 25.24 19.79
N TRP B 193 37.37 24.78 18.61
CA TRP B 193 38.15 23.89 17.77
C TRP B 193 39.24 24.71 17.04
N ARG B 194 38.82 25.70 16.23
CA ARG B 194 39.72 26.54 15.48
C ARG B 194 39.20 27.96 15.50
N PRO B 195 39.80 28.85 16.31
CA PRO B 195 39.35 30.25 16.31
C PRO B 195 39.57 30.94 14.96
N ALA B 196 40.50 30.42 14.14
CA ALA B 196 40.80 30.93 12.80
C ALA B 196 39.64 30.63 11.84
N LEU B 197 38.92 29.50 12.04
CA LEU B 197 37.79 29.12 11.21
C LEU B 197 36.59 30.02 11.52
N LEU B 198 36.41 30.43 12.79
CA LEU B 198 35.31 31.33 13.12
C LEU B 198 35.55 32.69 12.46
N SER B 199 36.81 33.18 12.48
CA SER B 199 37.14 34.45 11.83
C SER B 199 36.90 34.36 10.32
N GLU B 200 37.24 33.21 9.73
CA GLU B 200 37.06 32.92 8.30
C GLU B 200 35.57 32.95 7.97
N ILE B 201 34.72 32.40 8.85
CA ILE B 201 33.28 32.37 8.70
C ILE B 201 32.72 33.80 8.68
N ILE B 202 33.21 34.68 9.56
CA ILE B 202 32.75 36.07 9.62
C ILE B 202 33.12 36.86 8.35
N THR B 203 34.24 36.53 7.73
CA THR B 203 34.72 37.25 6.54
C THR B 203 34.07 36.76 5.24
N ILE B 204 33.94 35.43 5.07
CA ILE B 204 33.40 34.85 3.84
C ILE B 204 31.89 34.59 3.89
N SER B 205 31.39 34.06 5.01
CA SER B 205 29.97 33.73 5.14
C SER B 205 29.32 34.55 6.26
N PRO B 206 29.04 35.84 6.04
CA PRO B 206 28.48 36.66 7.13
C PRO B 206 26.98 36.54 7.36
N GLU B 207 26.28 35.69 6.63
CA GLU B 207 24.83 35.57 6.81
C GLU B 207 24.36 34.16 7.05
N ILE B 208 23.54 33.98 8.08
CA ILE B 208 23.00 32.65 8.39
C ILE B 208 21.49 32.75 8.38
N GLN B 209 20.83 32.08 7.42
CA GLN B 209 19.37 32.09 7.33
C GLN B 209 18.80 30.75 7.80
N PHE B 210 17.64 30.77 8.48
CA PHE B 210 17.01 29.53 8.94
C PHE B 210 15.96 29.08 7.97
N ILE B 211 16.12 27.87 7.42
CA ILE B 211 15.22 27.35 6.42
C ILE B 211 14.53 26.04 6.83
N LYS B 212 13.49 25.65 6.08
CA LYS B 212 12.78 24.40 6.27
C LYS B 212 12.33 23.91 4.90
N ASP B 213 12.70 22.68 4.55
CA ASP B 213 12.30 22.08 3.28
C ASP B 213 11.07 21.22 3.55
N PRO B 214 9.89 21.65 3.08
CA PRO B 214 8.67 20.86 3.34
C PRO B 214 8.70 19.47 2.68
N THR B 215 9.39 19.35 1.53
CA THR B 215 9.49 18.08 0.81
C THR B 215 10.49 17.10 1.44
N ALA B 216 11.41 17.59 2.28
CA ALA B 216 12.41 16.73 2.90
C ALA B 216 11.86 15.95 4.08
N HIS B 217 12.49 14.80 4.38
CA HIS B 217 12.10 13.94 5.49
C HIS B 217 12.44 14.66 6.79
N PRO B 218 11.56 14.64 7.80
CA PRO B 218 11.84 15.35 9.06
C PRO B 218 13.20 15.07 9.71
N ASP B 219 13.68 13.82 9.69
CA ASP B 219 14.97 13.47 10.28
C ASP B 219 16.20 13.86 9.43
N LYS B 220 15.99 14.41 8.23
CA LYS B 220 17.10 14.81 7.37
C LYS B 220 17.51 16.24 7.70
N VAL B 221 18.81 16.47 7.89
CA VAL B 221 19.31 17.81 8.15
C VAL B 221 19.53 18.49 6.80
N VAL B 222 18.81 19.58 6.54
CA VAL B 222 18.90 20.28 5.27
C VAL B 222 19.72 21.54 5.37
N SER B 223 20.73 21.68 4.51
CA SER B 223 21.57 22.86 4.48
C SER B 223 22.04 23.07 3.06
N PHE B 224 21.85 24.28 2.53
CA PHE B 224 22.28 24.57 1.16
C PHE B 224 22.86 25.97 1.00
N SER B 225 23.54 26.20 -0.13
CA SER B 225 24.13 27.49 -0.46
C SER B 225 24.10 27.71 -1.96
N ASP B 226 23.90 28.97 -2.37
CA ASP B 226 23.85 29.32 -3.79
C ASP B 226 24.82 30.49 -4.04
N ASN B 227 25.56 30.43 -5.16
CA ASN B 227 26.50 31.51 -5.49
C ASN B 227 25.83 32.73 -6.11
N SER B 228 24.51 32.70 -6.33
CA SER B 228 23.80 33.90 -6.77
C SER B 228 23.67 34.88 -5.57
N VAL B 229 23.70 34.34 -4.33
CA VAL B 229 23.71 35.02 -3.04
C VAL B 229 24.97 34.53 -2.30
N PRO B 230 26.18 34.98 -2.70
CA PRO B 230 27.40 34.53 -2.02
C PRO B 230 27.63 35.21 -0.67
N GLY B 231 27.79 34.40 0.36
CA GLY B 231 27.94 34.89 1.72
C GLY B 231 26.75 34.56 2.60
N ALA B 232 25.76 33.84 2.05
CA ALA B 232 24.60 33.43 2.82
C ALA B 232 24.58 31.91 2.93
N LEU B 233 24.51 31.41 4.18
CA LEU B 233 24.41 29.99 4.54
C LEU B 233 22.98 29.72 4.91
N TYR B 234 22.35 28.72 4.30
CA TYR B 234 20.96 28.39 4.60
C TYR B 234 20.93 27.09 5.35
N VAL B 235 20.67 27.15 6.67
CA VAL B 235 20.66 25.96 7.51
C VAL B 235 19.31 25.69 8.15
N SER B 236 18.97 24.40 8.28
CA SER B 236 17.70 24.02 8.91
C SER B 236 17.94 23.84 10.38
N ILE B 237 17.07 24.42 11.20
CA ILE B 237 17.19 24.28 12.64
C ILE B 237 16.05 23.41 13.20
N ARG B 238 14.85 23.52 12.62
CA ARG B 238 13.72 22.70 13.06
C ARG B 238 13.67 21.41 12.23
N GLN B 239 13.65 20.25 12.90
CA GLN B 239 13.60 18.97 12.20
C GLN B 239 12.58 18.01 12.77
N GLY B 240 11.38 18.07 12.22
CA GLY B 240 10.26 17.27 12.64
C GLY B 240 9.69 17.88 13.90
N SER B 241 9.47 17.06 14.92
CA SER B 241 9.00 17.53 16.23
C SER B 241 10.14 17.89 17.19
N ARG B 242 11.35 18.11 16.67
CA ARG B 242 12.51 18.45 17.48
C ARG B 242 13.35 19.57 16.85
N TYR B 243 14.45 19.97 17.50
CA TYR B 243 15.39 20.98 17.01
C TYR B 243 16.77 20.32 16.86
N ILE B 244 17.57 20.82 15.93
CA ILE B 244 18.92 20.32 15.70
C ILE B 244 19.83 20.62 16.91
N ASP B 245 20.89 19.83 17.12
CA ASP B 245 21.84 20.12 18.21
C ASP B 245 23.03 20.97 17.70
N GLN B 246 23.86 21.49 18.62
CA GLN B 246 25.00 22.33 18.27
C GLN B 246 26.04 21.66 17.36
N TYR B 247 26.17 20.33 17.41
CA TYR B 247 27.15 19.61 16.60
C TYR B 247 26.66 19.47 15.16
N ASP B 248 25.40 19.08 14.98
CA ASP B 248 24.82 18.93 13.64
C ASP B 248 24.68 20.29 12.97
N LEU B 249 24.36 21.34 13.73
CA LEU B 249 24.25 22.68 13.16
C LEU B 249 25.62 23.23 12.81
N ALA B 250 26.66 22.92 13.60
CA ALA B 250 28.02 23.35 13.26
C ALA B 250 28.47 22.65 11.97
N ASP B 251 28.11 21.36 11.80
CA ASP B 251 28.40 20.61 10.58
C ASP B 251 27.76 21.32 9.38
N SER B 252 26.48 21.71 9.50
CA SER B 252 25.74 22.40 8.47
C SER B 252 26.40 23.73 8.12
N LEU B 253 26.84 24.48 9.13
CA LEU B 253 27.50 25.78 8.93
C LEU B 253 28.87 25.62 8.25
N ILE B 254 29.68 24.64 8.66
CA ILE B 254 30.98 24.39 8.05
C ILE B 254 30.82 23.87 6.61
N HIS B 255 29.81 23.02 6.38
CA HIS B 255 29.50 22.48 5.06
C HIS B 255 29.21 23.60 4.07
N GLU B 256 28.31 24.52 4.44
CA GLU B 256 27.94 25.61 3.54
C GLU B 256 29.00 26.70 3.47
N HIS B 257 29.77 26.89 4.55
CA HIS B 257 30.86 27.87 4.55
C HIS B 257 31.93 27.45 3.55
N ARG B 258 32.26 26.14 3.51
CA ARG B 258 33.26 25.65 2.58
C ARG B 258 32.87 25.89 1.11
N HIS B 259 31.56 25.86 0.79
CA HIS B 259 31.09 26.17 -0.55
C HIS B 259 31.36 27.63 -0.83
N GLN B 260 31.00 28.52 0.12
CA GLN B 260 31.20 29.97 0.01
C GLN B 260 32.66 30.35 -0.14
N LYS B 261 33.55 29.59 0.52
CA LYS B 261 34.98 29.83 0.45
C LYS B 261 35.52 29.42 -0.92
N LEU B 262 35.02 28.30 -1.47
CA LEU B 262 35.45 27.86 -2.80
C LEU B 262 34.88 28.75 -3.89
N TYR B 263 33.68 29.35 -3.69
CA TYR B 263 33.07 30.29 -4.65
C TYR B 263 33.99 31.48 -4.85
N LEU B 264 34.62 31.96 -3.75
CA LEU B 264 35.53 33.09 -3.70
C LEU B 264 36.79 32.78 -4.48
N LEU B 265 37.33 31.57 -4.31
CA LEU B 265 38.53 31.17 -5.03
C LEU B 265 38.26 30.99 -6.52
N GLN B 266 37.20 30.23 -6.88
CA GLN B 266 36.80 29.99 -8.27
C GLN B 266 36.59 31.28 -9.06
N ARG B 267 36.09 32.32 -8.38
CA ARG B 267 35.82 33.65 -8.91
C ARG B 267 37.03 34.21 -9.63
N SER B 268 38.20 34.06 -9.03
CA SER B 268 39.42 34.61 -9.58
C SER B 268 40.29 33.53 -10.21
N ILE B 269 40.53 32.43 -9.48
CA ILE B 269 41.37 31.34 -9.97
C ILE B 269 40.57 30.10 -10.33
N PRO B 270 40.31 29.87 -11.62
CA PRO B 270 39.53 28.69 -12.02
C PRO B 270 40.22 27.38 -11.63
N LEU B 271 39.43 26.37 -11.24
CA LEU B 271 39.97 25.10 -10.78
C LEU B 271 39.71 23.95 -11.75
N ILE B 272 38.65 24.05 -12.57
CA ILE B 272 38.32 23.03 -13.56
C ILE B 272 38.49 23.60 -14.98
N GLU B 273 39.33 22.95 -15.79
CA GLU B 273 39.61 23.37 -17.16
C GLU B 273 38.40 23.08 -18.06
N ILE B 274 37.86 21.85 -17.97
CA ILE B 274 36.68 21.42 -18.73
C ILE B 274 35.75 20.68 -17.78
N ASP B 275 34.53 21.21 -17.56
CA ASP B 275 33.57 20.58 -16.64
C ASP B 275 32.82 19.39 -17.25
N ALA B 276 33.57 18.54 -17.97
CA ALA B 276 33.09 17.34 -18.64
C ALA B 276 34.28 16.40 -18.88
N PRO B 277 34.06 15.07 -18.98
CA PRO B 277 32.79 14.37 -18.86
C PRO B 277 32.28 14.28 -17.41
N LEU B 278 31.00 13.93 -17.23
CA LEU B 278 30.46 13.81 -15.89
C LEU B 278 31.10 12.64 -15.16
N VAL B 279 31.28 12.81 -13.86
CA VAL B 279 31.99 11.88 -13.03
C VAL B 279 31.10 11.41 -11.85
N PRO B 280 31.29 10.17 -11.35
CA PRO B 280 30.46 9.69 -10.25
C PRO B 280 30.89 10.22 -8.88
N SER B 281 29.91 10.56 -8.05
CA SER B 281 30.17 11.07 -6.71
C SER B 281 29.66 10.09 -5.68
N PRO B 282 30.40 9.88 -4.58
CA PRO B 282 29.91 8.99 -3.51
C PRO B 282 28.73 9.59 -2.73
N TRP B 283 28.47 10.90 -2.90
CA TRP B 283 27.39 11.59 -2.22
C TRP B 283 26.12 11.71 -3.07
N ARG B 284 26.18 11.43 -4.39
CA ARG B 284 25.00 11.49 -5.25
C ARG B 284 24.79 10.21 -6.06
N GLU B 285 23.53 9.92 -6.39
CA GLU B 285 23.13 8.71 -7.10
C GLU B 285 23.55 8.68 -8.55
N ASP B 286 23.63 9.85 -9.17
CA ASP B 286 24.00 9.93 -10.58
C ASP B 286 25.17 10.89 -10.84
N LEU B 287 25.71 10.81 -12.05
CA LEU B 287 26.86 11.55 -12.55
C LEU B 287 26.76 13.06 -12.33
N ARG B 288 27.71 13.61 -11.57
CA ARG B 288 27.80 15.05 -11.35
C ARG B 288 29.06 15.62 -12.04
N PRO B 289 29.08 16.93 -12.39
CA PRO B 289 30.25 17.49 -13.05
C PRO B 289 31.48 17.55 -12.16
N PRO B 290 32.69 17.54 -12.76
CA PRO B 290 33.91 17.61 -11.95
C PRO B 290 33.95 18.74 -10.93
N SER B 291 33.40 19.92 -11.25
CA SER B 291 33.38 21.05 -10.33
C SER B 291 32.50 20.75 -9.09
N GLY B 292 31.45 19.96 -9.27
CA GLY B 292 30.58 19.54 -8.18
C GLY B 292 31.28 18.58 -7.25
N LEU B 293 32.06 17.64 -7.82
CA LEU B 293 32.83 16.69 -7.01
C LEU B 293 33.97 17.40 -6.27
N LEU B 294 34.56 18.44 -6.88
CA LEU B 294 35.60 19.24 -6.23
C LEU B 294 35.00 19.99 -5.07
N HIS B 295 33.80 20.57 -5.24
CA HIS B 295 33.12 21.25 -4.17
C HIS B 295 32.79 20.29 -3.03
N ALA B 296 32.38 19.05 -3.37
CA ALA B 296 32.07 18.02 -2.39
C ALA B 296 33.31 17.62 -1.56
N ILE B 297 34.45 17.35 -2.22
CA ILE B 297 35.68 16.95 -1.52
C ILE B 297 36.19 18.10 -0.64
N PHE B 298 36.09 19.35 -1.15
CA PHE B 298 36.53 20.53 -0.40
C PHE B 298 35.68 20.74 0.85
N VAL B 299 34.38 20.47 0.75
CA VAL B 299 33.42 20.59 1.86
C VAL B 299 33.68 19.47 2.88
N PHE B 300 33.73 18.22 2.41
CA PHE B 300 33.88 17.08 3.29
C PHE B 300 35.27 16.90 3.89
N THR B 301 36.31 17.57 3.36
CA THR B 301 37.65 17.49 3.96
C THR B 301 37.60 18.22 5.31
N HIS B 302 37.00 19.43 5.33
CA HIS B 302 36.88 20.19 6.56
C HIS B 302 35.95 19.51 7.52
N LEU B 303 34.86 18.90 7.05
CA LEU B 303 33.94 18.18 7.92
C LEU B 303 34.59 16.94 8.53
N LEU B 304 35.52 16.30 7.80
CA LEU B 304 36.25 15.15 8.33
C LEU B 304 37.14 15.61 9.48
N GLU B 305 37.80 16.79 9.34
CA GLU B 305 38.66 17.37 10.37
C GLU B 305 37.85 17.79 11.60
N PHE B 306 36.60 18.26 11.38
CA PHE B 306 35.71 18.68 12.46
C PHE B 306 35.26 17.50 13.29
N TRP B 307 34.82 16.41 12.65
CA TRP B 307 34.39 15.22 13.36
C TRP B 307 35.59 14.43 13.93
N ALA B 308 36.81 14.63 13.41
CA ALA B 308 38.01 13.98 13.96
C ALA B 308 38.33 14.64 15.30
N TYR B 309 38.18 15.98 15.39
CA TYR B 309 38.40 16.72 16.63
C TYR B 309 37.37 16.29 17.67
N LEU B 310 36.11 16.10 17.25
CA LEU B 310 35.06 15.69 18.18
C LEU B 310 35.22 14.23 18.66
N SER B 311 35.86 13.38 17.86
CA SER B 311 36.10 11.99 18.26
C SER B 311 37.27 11.86 19.25
N ARG B 312 38.17 12.87 19.30
CA ARG B 312 39.32 12.87 20.20
C ARG B 312 39.15 13.80 21.41
N GLU B 313 38.83 15.08 21.17
CA GLU B 313 38.68 16.08 22.23
C GLU B 313 37.23 16.40 22.63
N GLY B 314 36.26 15.68 22.10
CA GLY B 314 34.86 15.93 22.41
C GLY B 314 34.38 15.18 23.64
N GLN B 315 33.11 15.39 24.01
CA GLN B 315 32.48 14.71 25.15
C GLN B 315 32.27 13.21 24.86
N ASP B 316 32.02 12.40 25.90
CA ASP B 316 31.82 10.96 25.73
C ASP B 316 30.53 10.63 24.94
N GLN B 317 29.54 11.51 25.02
CA GLN B 317 28.25 11.35 24.35
C GLN B 317 28.35 11.60 22.83
N ILE B 318 29.25 12.49 22.41
CA ILE B 318 29.42 12.82 21.01
C ILE B 318 30.43 11.90 20.31
N LYS B 319 31.36 11.28 21.07
CA LYS B 319 32.40 10.39 20.53
C LYS B 319 31.87 9.23 19.71
N VAL B 320 30.65 8.77 19.98
CA VAL B 320 30.06 7.66 19.22
C VAL B 320 29.64 8.13 17.82
N ARG B 321 28.97 9.28 17.76
CA ARG B 321 28.50 9.88 16.52
C ARG B 321 29.67 10.36 15.67
N ALA B 322 30.68 10.95 16.31
CA ALA B 322 31.87 11.48 15.66
C ALA B 322 32.71 10.39 15.03
N LYS B 323 32.89 9.26 15.72
CA LYS B 323 33.66 8.14 15.16
C LYS B 323 32.96 7.53 13.92
N ASN B 324 31.62 7.57 13.89
CA ASN B 324 30.83 7.09 12.76
C ASN B 324 30.98 8.05 11.57
N GLN B 325 31.00 9.37 11.85
CA GLN B 325 31.16 10.38 10.81
C GLN B 325 32.54 10.32 10.18
N VAL B 326 33.57 10.08 11.00
CA VAL B 326 34.95 9.99 10.49
C VAL B 326 35.09 8.81 9.54
N GLU B 327 34.51 7.66 9.90
CA GLU B 327 34.59 6.47 9.06
C GLU B 327 33.77 6.63 7.77
N THR B 328 32.57 7.24 7.87
CA THR B 328 31.72 7.43 6.71
C THR B 328 32.32 8.44 5.73
N ILE B 329 32.82 9.58 6.24
CA ILE B 329 33.39 10.63 5.42
C ILE B 329 34.74 10.24 4.82
N ARG B 330 35.68 9.66 5.61
CA ARG B 330 36.98 9.26 5.08
C ARG B 330 36.83 8.22 3.97
N THR B 331 35.91 7.27 4.13
CA THR B 331 35.65 6.25 3.11
C THR B 331 35.21 6.88 1.79
N ARG B 332 34.27 7.83 1.85
CA ARG B 332 33.79 8.52 0.67
C ARG B 332 34.84 9.42 0.03
N LEU B 333 35.68 10.08 0.86
CA LEU B 333 36.74 10.95 0.37
C LEU B 333 37.80 10.13 -0.37
N LEU B 334 38.14 8.95 0.17
CA LEU B 334 39.13 8.08 -0.45
C LEU B 334 38.69 7.48 -1.80
N VAL B 335 37.39 7.60 -2.14
CA VAL B 335 36.83 7.12 -3.40
C VAL B 335 36.61 8.30 -4.38
N ALA B 336 36.27 9.48 -3.85
CA ALA B 336 36.04 10.66 -4.67
C ALA B 336 37.32 11.29 -5.17
N ILE B 337 38.36 11.33 -4.33
CA ILE B 337 39.65 11.93 -4.70
C ILE B 337 40.28 11.25 -5.93
N PRO B 338 40.41 9.91 -6.01
CA PRO B 338 40.99 9.31 -7.23
C PRO B 338 40.14 9.54 -8.48
N THR B 339 38.81 9.60 -8.30
CA THR B 339 37.84 9.84 -9.36
C THR B 339 38.05 11.24 -9.94
N LEU B 340 38.24 12.23 -9.06
CA LEU B 340 38.46 13.62 -9.48
C LEU B 340 39.83 13.83 -10.09
N LYS B 341 40.84 13.07 -9.66
CA LYS B 341 42.20 13.17 -10.18
C LYS B 341 42.26 12.89 -11.69
N ARG B 342 41.39 12.00 -12.18
CA ARG B 342 41.36 11.68 -13.60
C ARG B 342 40.36 12.55 -14.35
N THR B 343 40.40 13.87 -14.08
CA THR B 343 39.51 14.83 -14.73
C THR B 343 40.31 16.04 -15.24
N HIS B 344 39.68 16.95 -16.03
CA HIS B 344 40.38 18.11 -16.55
C HIS B 344 40.60 19.18 -15.49
N LEU B 345 41.55 18.97 -14.59
CA LEU B 345 41.84 19.92 -13.52
C LEU B 345 42.88 20.91 -14.00
N THR B 346 42.74 22.18 -13.61
CA THR B 346 43.76 23.19 -13.92
C THR B 346 44.99 22.93 -13.00
N THR B 347 46.09 23.71 -13.15
CA THR B 347 47.26 23.55 -12.28
C THR B 347 46.87 23.82 -10.81
N ALA B 348 46.04 24.84 -10.58
CA ALA B 348 45.55 25.22 -9.26
C ALA B 348 44.56 24.19 -8.70
N GLY B 349 43.71 23.66 -9.59
CA GLY B 349 42.72 22.65 -9.23
C GLY B 349 43.39 21.36 -8.79
N ARG B 350 44.45 20.95 -9.48
CA ARG B 350 45.17 19.74 -9.11
C ARG B 350 45.93 19.94 -7.81
N GLU B 351 46.48 21.15 -7.58
CA GLU B 351 47.18 21.50 -6.34
C GLU B 351 46.22 21.43 -5.14
N MET B 352 44.95 21.82 -5.36
CA MET B 352 43.90 21.78 -4.34
C MET B 352 43.57 20.32 -4.01
N VAL B 353 43.35 19.49 -5.03
CA VAL B 353 43.02 18.07 -4.85
C VAL B 353 44.14 17.34 -4.09
N GLU B 354 45.40 17.61 -4.43
CA GLU B 354 46.54 16.96 -3.77
C GLU B 354 46.70 17.38 -2.31
N GLN B 355 46.30 18.62 -1.98
CA GLN B 355 46.34 19.11 -0.61
C GLN B 355 45.22 18.46 0.20
N LEU B 356 44.01 18.35 -0.39
CA LEU B 356 42.87 17.72 0.26
C LEU B 356 43.11 16.21 0.46
N GLU B 357 43.82 15.57 -0.47
CA GLU B 357 44.18 14.16 -0.38
C GLU B 357 45.18 13.91 0.73
N GLU B 358 46.12 14.85 0.93
CA GLU B 358 47.12 14.76 1.98
C GLU B 358 46.46 14.82 3.36
N LEU B 359 45.43 15.67 3.53
CA LEU B 359 44.72 15.78 4.79
C LEU B 359 43.93 14.52 5.12
N THR B 360 43.32 13.92 4.09
CA THR B 360 42.54 12.70 4.25
C THR B 360 43.46 11.52 4.62
N THR B 361 44.65 11.46 3.99
CA THR B 361 45.63 10.42 4.21
C THR B 361 46.29 10.53 5.58
N ASN B 362 46.62 11.76 6.02
CA ASN B 362 47.26 11.99 7.32
C ASN B 362 46.32 11.78 8.53
N MET B 363 45.23 11.02 8.36
CA MET B 363 44.27 10.71 9.43
C MET B 363 44.32 9.25 9.94
N GLY B 364 45.24 8.45 9.40
CA GLY B 364 45.38 7.04 9.79
C GLY B 364 44.47 6.12 9.00
N MET C 1 -33.51 -14.27 -16.68
CA MET C 1 -34.08 -13.17 -17.47
C MET C 1 -33.95 -13.40 -18.98
N GLY C 2 -32.78 -13.81 -19.44
CA GLY C 2 -32.54 -14.08 -20.86
C GLY C 2 -33.25 -15.34 -21.31
N SER C 3 -32.81 -16.50 -20.77
CA SER C 3 -33.38 -17.84 -20.99
C SER C 3 -33.33 -18.43 -22.44
N SER C 4 -33.42 -19.78 -22.53
CA SER C 4 -33.44 -20.59 -23.77
C SER C 4 -34.19 -21.90 -23.46
N HIS C 5 -35.45 -21.74 -23.07
CA HIS C 5 -36.37 -22.77 -22.58
C HIS C 5 -37.30 -23.46 -23.59
N HIS C 6 -37.17 -23.22 -24.91
CA HIS C 6 -38.07 -23.87 -25.88
C HIS C 6 -37.43 -25.02 -26.66
N HIS C 7 -36.32 -25.57 -26.14
CA HIS C 7 -35.53 -26.69 -26.67
C HIS C 7 -36.44 -27.85 -27.08
N HIS C 8 -36.48 -28.23 -28.37
CA HIS C 8 -37.31 -29.38 -28.78
C HIS C 8 -36.86 -30.73 -28.17
N HIS C 9 -35.84 -30.71 -27.31
CA HIS C 9 -35.29 -31.88 -26.65
C HIS C 9 -35.93 -32.16 -25.29
N HIS C 10 -37.27 -32.08 -25.22
CA HIS C 10 -37.99 -32.49 -24.01
C HIS C 10 -38.38 -33.98 -24.16
N SER C 11 -37.45 -34.78 -24.74
CA SER C 11 -37.60 -36.19 -25.02
C SER C 11 -36.42 -36.94 -24.39
N SER C 12 -36.16 -36.67 -23.10
CA SER C 12 -35.09 -37.32 -22.36
C SER C 12 -35.58 -38.66 -21.79
N GLY C 13 -35.87 -39.61 -22.66
CA GLY C 13 -36.36 -40.92 -22.27
C GLY C 13 -36.50 -41.87 -23.47
N PHE C 36 -14.57 -45.69 -34.62
CA PHE C 36 -13.59 -46.26 -35.56
C PHE C 36 -12.26 -45.46 -35.62
N ILE C 37 -12.05 -44.51 -34.69
CA ILE C 37 -10.85 -43.68 -34.63
C ILE C 37 -10.30 -43.60 -33.19
N ASP C 38 -8.96 -43.57 -33.01
CA ASP C 38 -8.38 -43.49 -31.67
C ASP C 38 -8.55 -42.07 -31.12
N ILE C 39 -9.46 -41.89 -30.15
CA ILE C 39 -9.74 -40.57 -29.59
C ILE C 39 -8.59 -40.05 -28.70
N ALA C 40 -7.99 -40.90 -27.84
CA ALA C 40 -6.88 -40.50 -26.99
C ALA C 40 -5.68 -40.03 -27.82
N ALA C 41 -5.44 -40.71 -28.95
CA ALA C 41 -4.35 -40.34 -29.86
C ALA C 41 -4.68 -39.04 -30.58
N PHE C 42 -5.96 -38.82 -30.90
CA PHE C 42 -6.40 -37.62 -31.61
C PHE C 42 -6.17 -36.36 -30.78
N GLU C 43 -6.30 -36.45 -29.45
CA GLU C 43 -6.13 -35.30 -28.57
C GLU C 43 -4.73 -34.66 -28.68
N SER C 44 -3.66 -35.43 -28.47
CA SER C 44 -2.30 -34.91 -28.51
C SER C 44 -1.81 -34.70 -29.94
N PRO C 45 -1.21 -33.54 -30.23
CA PRO C 45 -0.72 -33.29 -31.60
C PRO C 45 0.38 -34.23 -32.08
N LEU C 46 1.10 -34.84 -31.14
CA LEU C 46 2.18 -35.77 -31.45
C LEU C 46 1.63 -37.04 -32.11
N THR C 47 0.50 -37.53 -31.60
CA THR C 47 -0.11 -38.76 -32.07
C THR C 47 -1.40 -38.57 -32.88
N SER C 48 -1.70 -37.35 -33.33
CA SER C 48 -2.94 -37.08 -34.05
C SER C 48 -2.79 -37.06 -35.56
N SER C 49 -1.58 -36.82 -36.07
CA SER C 49 -1.26 -36.72 -37.50
C SER C 49 -2.04 -37.65 -38.44
N ALA C 50 -2.13 -38.94 -38.10
CA ALA C 50 -2.84 -39.93 -38.92
C ALA C 50 -4.35 -39.83 -38.77
N SER C 51 -4.83 -39.59 -37.55
CA SER C 51 -6.26 -39.47 -37.25
C SER C 51 -6.86 -38.26 -37.97
N ILE C 52 -6.13 -37.13 -38.00
CA ILE C 52 -6.57 -35.90 -38.67
C ILE C 52 -6.65 -36.14 -40.17
N GLN C 53 -5.65 -36.83 -40.74
CA GLN C 53 -5.61 -37.14 -42.16
C GLN C 53 -6.81 -38.00 -42.56
N GLN C 54 -7.18 -38.95 -41.69
CA GLN C 54 -8.32 -39.83 -41.91
C GLN C 54 -9.64 -39.03 -41.90
N LEU C 55 -9.79 -38.11 -40.93
CA LEU C 55 -10.98 -37.26 -40.81
C LEU C 55 -11.10 -36.28 -41.97
N LEU C 56 -9.96 -35.78 -42.46
CA LEU C 56 -9.93 -34.84 -43.58
C LEU C 56 -10.28 -35.53 -44.88
N GLU C 57 -9.89 -36.80 -45.05
CA GLU C 57 -10.20 -37.54 -46.26
C GLU C 57 -11.69 -37.85 -46.35
N HIS C 58 -12.34 -38.13 -45.22
CA HIS C 58 -13.78 -38.40 -45.17
C HIS C 58 -14.56 -37.12 -45.45
N TRP C 59 -14.10 -35.99 -44.89
CA TRP C 59 -14.75 -34.70 -45.08
C TRP C 59 -14.57 -34.21 -46.51
N ALA C 60 -13.37 -34.39 -47.10
CA ALA C 60 -13.13 -33.97 -48.47
C ALA C 60 -13.95 -34.77 -49.48
N ALA C 61 -14.30 -36.02 -49.14
CA ALA C 61 -15.13 -36.86 -50.01
C ALA C 61 -16.54 -36.30 -50.11
N ASP C 62 -17.09 -35.78 -49.00
CA ASP C 62 -18.42 -35.19 -49.00
C ASP C 62 -18.37 -33.79 -49.60
N ALA C 63 -17.33 -33.02 -49.28
CA ALA C 63 -17.16 -31.65 -49.75
C ALA C 63 -16.91 -31.55 -51.24
N ARG C 64 -16.25 -32.57 -51.84
CA ARG C 64 -16.02 -32.58 -53.29
C ARG C 64 -17.34 -32.72 -54.04
N LYS C 65 -18.26 -33.54 -53.51
CA LYS C 65 -19.57 -33.75 -54.10
C LYS C 65 -20.43 -32.48 -53.95
N GLU C 66 -20.35 -31.84 -52.78
CA GLU C 66 -21.06 -30.60 -52.49
C GLU C 66 -20.57 -29.48 -53.39
N PHE C 67 -19.24 -29.41 -53.62
CA PHE C 67 -18.66 -28.39 -54.48
C PHE C 67 -19.04 -28.60 -55.94
N GLU C 68 -19.10 -29.87 -56.40
CA GLU C 68 -19.51 -30.13 -57.78
C GLU C 68 -21.00 -29.89 -57.97
N LYS C 69 -21.83 -30.05 -56.91
CA LYS C 69 -23.26 -29.71 -56.96
C LYS C 69 -23.43 -28.19 -57.10
N ALA C 70 -22.56 -27.40 -56.42
CA ALA C 70 -22.58 -25.95 -56.48
C ALA C 70 -22.12 -25.47 -57.86
N LEU C 71 -21.12 -26.16 -58.46
CA LEU C 71 -20.62 -25.83 -59.79
C LEU C 71 -21.71 -26.06 -60.84
N MET C 72 -22.54 -27.11 -60.67
CA MET C 72 -23.62 -27.39 -61.61
C MET C 72 -24.74 -26.36 -61.48
N ALA C 73 -24.99 -25.87 -60.24
CA ALA C 73 -26.00 -24.83 -59.97
C ALA C 73 -25.58 -23.49 -60.58
N VAL C 74 -24.26 -23.21 -60.63
CA VAL C 74 -23.72 -22.00 -61.24
C VAL C 74 -23.96 -22.07 -62.75
N LEU C 75 -23.75 -23.24 -63.36
CA LEU C 75 -23.96 -23.45 -64.79
C LEU C 75 -25.43 -23.37 -65.22
N GLU C 76 -26.35 -23.66 -64.29
CA GLU C 76 -27.78 -23.58 -64.57
C GLU C 76 -28.24 -22.13 -64.62
N LYS C 77 -27.74 -21.31 -63.69
CA LYS C 77 -28.10 -19.90 -63.65
C LYS C 77 -27.37 -19.17 -64.79
N GLU C 78 -26.04 -19.28 -64.84
CA GLU C 78 -25.24 -18.63 -65.88
C GLU C 78 -24.44 -19.64 -66.68
N PRO C 79 -24.99 -20.09 -67.82
CA PRO C 79 -24.23 -21.05 -68.65
C PRO C 79 -22.96 -20.48 -69.28
N GLY C 80 -22.83 -19.15 -69.30
CA GLY C 80 -21.65 -18.46 -69.83
C GLY C 80 -20.40 -18.69 -69.01
N LYS C 81 -20.55 -19.12 -67.75
CA LYS C 81 -19.41 -19.42 -66.89
C LYS C 81 -18.82 -20.84 -67.13
N ARG C 82 -19.18 -21.48 -68.26
CA ARG C 82 -18.74 -22.83 -68.63
C ARG C 82 -17.22 -22.98 -68.68
N ASP C 83 -16.51 -21.95 -69.14
CA ASP C 83 -15.04 -22.00 -69.23
C ASP C 83 -14.36 -22.02 -67.87
N ILE C 84 -14.95 -21.34 -66.89
CA ILE C 84 -14.41 -21.28 -65.53
C ILE C 84 -14.63 -22.60 -64.82
N ILE C 85 -15.83 -23.18 -64.99
CA ILE C 85 -16.21 -24.46 -64.38
C ILE C 85 -15.36 -25.62 -64.91
N ASN C 86 -14.95 -25.55 -66.18
CA ASN C 86 -14.09 -26.57 -66.81
C ASN C 86 -12.71 -26.64 -66.15
N GLN C 87 -12.22 -25.51 -65.62
CA GLN C 87 -10.92 -25.48 -64.94
C GLN C 87 -10.97 -26.29 -63.64
N PHE C 88 -12.13 -26.29 -62.94
CA PHE C 88 -12.30 -27.04 -61.71
C PHE C 88 -12.55 -28.52 -61.96
N GLN C 89 -13.26 -28.84 -63.05
CA GLN C 89 -13.55 -30.23 -63.39
C GLN C 89 -12.29 -30.98 -63.83
N THR C 90 -11.37 -30.30 -64.54
CA THR C 90 -10.11 -30.90 -64.98
C THR C 90 -8.97 -30.81 -63.94
N CYS C 91 -9.19 -30.08 -62.84
CA CYS C 91 -8.21 -29.88 -61.78
C CYS C 91 -7.84 -31.20 -61.08
N PRO C 92 -6.53 -31.44 -60.85
CA PRO C 92 -6.10 -32.68 -60.17
C PRO C 92 -6.79 -32.89 -58.82
N PRO C 93 -7.16 -34.13 -58.51
CA PRO C 93 -7.87 -34.40 -57.24
C PRO C 93 -7.08 -34.01 -56.00
N GLU C 94 -5.75 -34.01 -56.06
CA GLU C 94 -4.91 -33.63 -54.92
C GLU C 94 -5.08 -32.15 -54.57
N ILE C 95 -5.22 -31.31 -55.61
CA ILE C 95 -5.43 -29.87 -55.42
C ILE C 95 -6.87 -29.60 -55.00
N LEU C 96 -7.82 -30.26 -55.70
CA LEU C 96 -9.24 -30.12 -55.47
C LEU C 96 -9.66 -30.56 -54.08
N ASN C 97 -9.01 -31.59 -53.52
CA ASN C 97 -9.34 -32.05 -52.16
C ASN C 97 -8.96 -31.00 -51.11
N LYS C 98 -7.84 -30.29 -51.33
CA LYS C 98 -7.42 -29.25 -50.40
C LYS C 98 -8.26 -27.97 -50.56
N LEU C 99 -8.67 -27.67 -51.80
CA LEU C 99 -9.46 -26.49 -52.13
C LEU C 99 -10.86 -26.53 -51.53
N VAL C 100 -11.58 -27.65 -51.67
CA VAL C 100 -12.95 -27.75 -51.17
C VAL C 100 -13.06 -27.66 -49.64
N LEU C 101 -11.95 -27.81 -48.90
CA LEU C 101 -11.98 -27.73 -47.44
C LEU C 101 -11.50 -26.39 -46.85
N ARG C 102 -11.22 -25.40 -47.72
CA ARG C 102 -10.81 -24.08 -47.27
C ARG C 102 -12.01 -23.35 -46.66
N PRO C 103 -11.82 -22.60 -45.56
CA PRO C 103 -12.96 -21.95 -44.90
C PRO C 103 -13.83 -21.10 -45.83
N SER C 104 -13.20 -20.31 -46.71
CA SER C 104 -13.92 -19.45 -47.65
C SER C 104 -14.68 -20.27 -48.72
N VAL C 105 -14.12 -21.42 -49.12
CA VAL C 105 -14.72 -22.30 -50.11
C VAL C 105 -15.89 -23.06 -49.50
N VAL C 106 -15.77 -23.51 -48.22
CA VAL C 106 -16.83 -24.21 -47.51
C VAL C 106 -18.04 -23.28 -47.34
N LEU C 107 -17.79 -22.01 -46.96
CA LEU C 107 -18.88 -21.04 -46.80
C LEU C 107 -19.54 -20.76 -48.14
N TRP C 108 -18.75 -20.58 -49.22
CA TRP C 108 -19.32 -20.32 -50.54
C TRP C 108 -20.17 -21.48 -51.02
N THR C 109 -19.69 -22.70 -50.84
CA THR C 109 -20.37 -23.92 -51.25
C THR C 109 -21.67 -24.08 -50.46
N THR C 110 -21.62 -23.83 -49.15
CA THR C 110 -22.78 -23.92 -48.27
C THR C 110 -23.84 -22.90 -48.64
N VAL C 111 -23.48 -21.62 -48.79
CA VAL C 111 -24.40 -20.55 -49.17
C VAL C 111 -25.03 -20.84 -50.55
N MET C 112 -24.21 -21.31 -51.48
CA MET C 112 -24.63 -21.65 -52.83
C MET C 112 -25.65 -22.78 -52.88
N LEU C 113 -25.37 -23.88 -52.16
CA LEU C 113 -26.27 -25.03 -52.13
C LEU C 113 -27.56 -24.73 -51.40
N GLN C 114 -27.47 -23.97 -50.31
CA GLN C 114 -28.66 -23.61 -49.54
C GLN C 114 -29.54 -22.68 -50.34
N ALA C 115 -28.96 -21.76 -51.13
CA ALA C 115 -29.75 -20.85 -51.97
C ALA C 115 -30.59 -21.63 -52.99
N SER C 116 -30.02 -22.68 -53.59
CA SER C 116 -30.74 -23.52 -54.55
C SER C 116 -31.90 -24.29 -53.91
N ASN C 117 -31.79 -24.59 -52.59
CA ASN C 117 -32.86 -25.26 -51.84
C ASN C 117 -33.83 -24.28 -51.13
N GLY C 118 -33.76 -23.00 -51.49
CA GLY C 118 -34.61 -21.96 -50.92
C GLY C 118 -34.33 -21.65 -49.47
N ILE C 119 -33.08 -21.83 -49.02
CA ILE C 119 -32.70 -21.58 -47.63
C ILE C 119 -31.68 -20.44 -47.52
N THR C 120 -32.03 -19.41 -46.77
CA THR C 120 -31.18 -18.23 -46.59
C THR C 120 -30.19 -18.40 -45.43
N ILE C 121 -28.98 -17.83 -45.61
CA ILE C 121 -27.91 -17.85 -44.61
C ILE C 121 -27.61 -16.41 -44.20
N HIS C 122 -27.53 -16.14 -42.89
CA HIS C 122 -27.29 -14.78 -42.39
C HIS C 122 -25.99 -14.62 -41.60
N SER C 123 -25.42 -13.41 -41.59
CA SER C 123 -24.24 -13.08 -40.77
C SER C 123 -24.73 -12.73 -39.33
N ILE C 124 -23.80 -12.67 -38.36
CA ILE C 124 -24.18 -12.38 -36.97
C ILE C 124 -24.94 -11.07 -36.81
N ASP C 125 -24.73 -10.11 -37.72
CA ASP C 125 -25.45 -8.83 -37.66
C ASP C 125 -26.83 -8.84 -38.36
N GLY C 126 -27.34 -10.02 -38.70
CA GLY C 126 -28.64 -10.19 -39.33
C GLY C 126 -28.69 -9.93 -40.82
N GLU C 127 -27.55 -9.66 -41.45
CA GLU C 127 -27.52 -9.39 -42.89
C GLU C 127 -27.49 -10.67 -43.72
N LEU C 128 -28.21 -10.67 -44.84
CA LEU C 128 -28.28 -11.83 -45.71
C LEU C 128 -26.98 -12.02 -46.51
N ILE C 129 -26.41 -13.23 -46.47
CA ILE C 129 -25.21 -13.55 -47.23
C ILE C 129 -25.65 -14.02 -48.62
N ALA C 130 -25.52 -13.15 -49.62
CA ALA C 130 -25.94 -13.44 -50.98
C ALA C 130 -24.99 -14.38 -51.72
N PRO C 131 -25.53 -15.36 -52.47
CA PRO C 131 -24.66 -16.24 -53.23
C PRO C 131 -24.02 -15.56 -54.43
N ASP C 132 -22.69 -15.43 -54.42
CA ASP C 132 -21.95 -14.74 -55.47
C ASP C 132 -21.31 -15.71 -56.45
N ILE C 133 -21.86 -15.77 -57.67
CA ILE C 133 -21.34 -16.62 -58.75
C ILE C 133 -19.91 -16.19 -59.15
N ASN C 134 -19.64 -14.87 -59.12
CA ASN C 134 -18.36 -14.26 -59.48
C ASN C 134 -17.19 -14.64 -58.56
N TYR C 135 -17.45 -15.35 -57.46
CA TYR C 135 -16.39 -15.80 -56.57
C TYR C 135 -15.54 -16.89 -57.23
N LEU C 136 -16.15 -17.70 -58.13
CA LEU C 136 -15.46 -18.77 -58.85
C LEU C 136 -14.28 -18.27 -59.67
N GLU C 137 -14.34 -17.02 -60.17
CA GLU C 137 -13.25 -16.44 -60.95
C GLU C 137 -12.05 -16.15 -60.04
N GLU C 138 -12.30 -15.71 -58.80
CA GLU C 138 -11.23 -15.46 -57.83
C GLU C 138 -10.59 -16.79 -57.41
N LEU C 139 -11.41 -17.84 -57.25
CA LEU C 139 -10.94 -19.17 -56.88
C LEU C 139 -10.15 -19.82 -58.00
N ALA C 140 -10.52 -19.56 -59.27
CA ALA C 140 -9.76 -20.10 -60.42
C ALA C 140 -8.37 -19.45 -60.51
N GLU C 141 -8.23 -18.20 -60.05
CA GLU C 141 -6.96 -17.51 -60.01
C GLU C 141 -6.05 -18.07 -58.89
N SER C 142 -6.62 -18.69 -57.83
CA SER C 142 -5.85 -19.28 -56.74
C SER C 142 -5.17 -20.60 -57.15
N LEU C 143 -5.69 -21.29 -58.20
CA LEU C 143 -5.11 -22.52 -58.72
C LEU C 143 -3.76 -22.26 -59.42
N LYS C 144 -3.56 -21.03 -59.95
CA LYS C 144 -2.32 -20.59 -60.61
C LYS C 144 -1.48 -19.86 -59.56
N SER C 145 -0.27 -20.39 -59.28
CA SER C 145 0.65 -19.93 -58.24
C SER C 145 0.07 -20.30 -56.86
N PRO C 146 -0.02 -21.61 -56.56
CA PRO C 146 -0.62 -22.04 -55.29
C PRO C 146 0.37 -22.27 -54.15
N ASN C 147 1.61 -21.81 -54.30
CA ASN C 147 2.63 -21.97 -53.27
C ASN C 147 2.77 -20.62 -52.56
N GLU C 148 1.67 -20.16 -51.92
CA GLU C 148 1.62 -18.87 -51.25
C GLU C 148 2.27 -18.85 -49.87
N GLY C 149 2.11 -19.93 -49.12
CA GLY C 149 2.70 -20.02 -47.79
C GLY C 149 1.95 -20.90 -46.81
N VAL C 150 2.44 -20.96 -45.56
CA VAL C 150 1.86 -21.73 -44.46
C VAL C 150 0.50 -21.11 -44.04
N PRO C 151 0.07 -20.90 -42.75
CA PRO C 151 -1.24 -20.24 -42.53
C PRO C 151 -1.31 -18.89 -43.24
N TYR C 152 -2.35 -18.67 -44.05
CA TYR C 152 -2.51 -17.43 -44.80
C TYR C 152 -2.86 -16.30 -43.84
N ILE C 153 -1.80 -15.58 -43.43
CA ILE C 153 -1.90 -14.47 -42.48
C ILE C 153 -2.56 -13.24 -43.08
N ASN C 154 -3.78 -12.95 -42.62
CA ASN C 154 -4.65 -11.84 -42.97
C ASN C 154 -4.85 -11.67 -44.48
N ARG C 155 -5.36 -12.71 -45.14
CA ARG C 155 -5.61 -12.62 -46.58
C ARG C 155 -6.91 -11.87 -46.86
N ASP C 156 -6.92 -11.03 -47.90
CA ASP C 156 -8.10 -10.27 -48.29
C ASP C 156 -9.09 -11.17 -49.01
N ASP C 157 -10.05 -11.73 -48.27
CA ASP C 157 -11.07 -12.59 -48.86
C ASP C 157 -12.41 -12.26 -48.22
N LEU C 158 -13.36 -11.76 -49.02
CA LEU C 158 -14.68 -11.41 -48.52
C LEU C 158 -15.41 -12.63 -47.96
N TRP C 159 -15.19 -13.81 -48.56
CA TRP C 159 -15.85 -15.02 -48.09
C TRP C 159 -15.23 -15.61 -46.78
N LEU C 160 -14.45 -14.80 -46.07
CA LEU C 160 -13.91 -15.06 -44.74
C LEU C 160 -14.49 -14.03 -43.75
N ARG C 161 -14.83 -12.81 -44.24
CA ARG C 161 -15.40 -11.72 -43.47
C ARG C 161 -16.93 -11.74 -43.46
N LEU C 162 -17.56 -12.40 -44.45
CA LEU C 162 -19.02 -12.47 -44.62
C LEU C 162 -19.80 -12.96 -43.39
N PRO C 163 -19.39 -13.99 -42.61
CA PRO C 163 -20.22 -14.40 -41.45
C PRO C 163 -20.34 -13.35 -40.32
N PHE C 164 -19.56 -12.27 -40.38
CA PHE C 164 -19.58 -11.24 -39.33
C PHE C 164 -20.22 -9.92 -39.76
N GLY C 165 -20.23 -9.65 -41.06
CA GLY C 165 -20.81 -8.43 -41.61
C GLY C 165 -20.16 -7.17 -41.09
N GLN C 166 -20.95 -6.33 -40.42
CA GLN C 166 -20.44 -5.07 -39.87
C GLN C 166 -20.17 -5.14 -38.37
N ARG C 167 -20.60 -6.21 -37.67
CA ARG C 167 -20.39 -6.29 -36.22
C ARG C 167 -18.92 -6.43 -35.83
N ILE C 168 -18.10 -7.01 -36.71
CA ILE C 168 -16.67 -7.19 -36.45
C ILE C 168 -15.84 -6.50 -37.54
N LEU C 169 -14.84 -5.70 -37.14
CA LEU C 169 -13.99 -5.01 -38.11
C LEU C 169 -12.75 -5.82 -38.42
N PHE C 170 -12.30 -5.79 -39.68
CA PHE C 170 -11.12 -6.54 -40.09
C PHE C 170 -9.94 -5.61 -40.30
N GLU C 171 -8.84 -5.86 -39.58
CA GLU C 171 -7.64 -5.02 -39.64
C GLU C 171 -6.95 -5.17 -40.98
N SER C 172 -6.41 -4.08 -41.50
CA SER C 172 -5.72 -4.11 -42.78
C SER C 172 -4.58 -3.06 -42.84
N ASP C 173 -3.76 -3.12 -43.90
CA ASP C 173 -2.66 -2.19 -44.16
C ASP C 173 -1.58 -2.26 -43.04
N GLU C 174 -1.19 -1.12 -42.44
CA GLU C 174 -0.17 -1.01 -41.40
C GLU C 174 -0.49 -1.85 -40.17
N VAL C 175 -1.76 -1.96 -39.83
CA VAL C 175 -2.18 -2.73 -38.67
C VAL C 175 -1.92 -4.21 -38.91
N GLY C 176 -2.29 -4.69 -40.11
CA GLY C 176 -2.07 -6.08 -40.50
C GLY C 176 -0.60 -6.40 -40.68
N ASN C 177 0.19 -5.41 -41.13
CA ASN C 177 1.61 -5.56 -41.34
C ASN C 177 2.35 -5.86 -40.02
N ILE C 178 1.98 -5.15 -38.94
CA ILE C 178 2.57 -5.36 -37.63
C ILE C 178 2.10 -6.69 -37.03
N GLY C 179 0.81 -6.97 -37.17
CA GLY C 179 0.21 -8.21 -36.69
C GLY C 179 0.83 -9.46 -37.27
N THR C 180 1.29 -9.40 -38.53
CA THR C 180 1.93 -10.54 -39.19
C THR C 180 3.23 -10.92 -38.46
N THR C 181 3.99 -9.91 -38.00
CA THR C 181 5.24 -10.14 -37.29
C THR C 181 4.99 -10.74 -35.90
N ILE C 182 3.92 -10.30 -35.22
CA ILE C 182 3.57 -10.83 -33.91
C ILE C 182 3.08 -12.28 -34.05
N VAL C 183 2.33 -12.57 -35.14
CA VAL C 183 1.85 -13.93 -35.45
C VAL C 183 3.04 -14.85 -35.69
N HIS C 184 4.06 -14.38 -36.40
CA HIS C 184 5.25 -15.16 -36.69
C HIS C 184 5.99 -15.54 -35.42
N GLU C 185 6.04 -14.62 -34.44
CA GLU C 185 6.68 -14.91 -33.16
C GLU C 185 5.84 -15.84 -32.29
N SER C 186 4.51 -15.77 -32.41
CA SER C 186 3.58 -16.64 -31.69
C SER C 186 3.69 -18.05 -32.23
N LEU C 187 3.75 -18.20 -33.57
CA LEU C 187 3.88 -19.50 -34.21
C LEU C 187 5.26 -20.11 -33.93
N LYS C 188 6.30 -19.28 -33.84
CA LYS C 188 7.67 -19.72 -33.51
C LYS C 188 7.71 -20.21 -32.05
N LEU C 189 6.96 -19.55 -31.16
CA LEU C 189 6.82 -19.90 -29.74
C LEU C 189 6.07 -21.23 -29.60
N ILE C 190 5.03 -21.42 -30.43
CA ILE C 190 4.24 -22.65 -30.45
C ILE C 190 5.11 -23.80 -30.97
N GLU C 191 5.92 -23.54 -32.01
CA GLU C 191 6.83 -24.52 -32.60
C GLU C 191 7.90 -24.95 -31.60
N SER C 192 8.39 -24.01 -30.77
CA SER C 192 9.41 -24.32 -29.76
C SER C 192 8.83 -25.21 -28.65
N TRP C 193 7.53 -25.06 -28.35
CA TRP C 193 6.87 -25.88 -27.34
C TRP C 193 6.57 -27.27 -27.92
N ARG C 194 5.79 -27.33 -29.02
CA ARG C 194 5.43 -28.58 -29.68
C ARG C 194 5.45 -28.36 -31.18
N PRO C 195 6.49 -28.84 -31.87
CA PRO C 195 6.51 -28.70 -33.34
C PRO C 195 5.35 -29.44 -34.03
N ALA C 196 4.80 -30.46 -33.37
CA ALA C 196 3.67 -31.24 -33.85
C ALA C 196 2.39 -30.39 -33.83
N LEU C 197 2.26 -29.44 -32.88
CA LEU C 197 1.09 -28.56 -32.78
C LEU C 197 1.12 -27.52 -33.89
N LEU C 198 2.30 -27.05 -34.29
CA LEU C 198 2.40 -26.10 -35.40
C LEU C 198 1.98 -26.79 -36.70
N SER C 199 2.41 -28.04 -36.90
CA SER C 199 2.02 -28.80 -38.09
C SER C 199 0.52 -29.03 -38.11
N GLU C 200 -0.07 -29.31 -36.94
CA GLU C 200 -1.50 -29.52 -36.74
C GLU C 200 -2.26 -28.24 -37.11
N ILE C 201 -1.73 -27.07 -36.72
CA ILE C 201 -2.31 -25.77 -37.03
C ILE C 201 -2.33 -25.53 -38.54
N ILE C 202 -1.26 -25.89 -39.26
CA ILE C 202 -1.21 -25.72 -40.71
C ILE C 202 -2.21 -26.61 -41.44
N THR C 203 -2.50 -27.79 -40.90
CA THR C 203 -3.42 -28.75 -41.53
C THR C 203 -4.89 -28.46 -41.24
N ILE C 204 -5.22 -28.13 -40.00
CA ILE C 204 -6.61 -27.89 -39.60
C ILE C 204 -7.04 -26.43 -39.67
N SER C 205 -6.20 -25.50 -39.21
CA SER C 205 -6.52 -24.07 -39.21
C SER C 205 -5.56 -23.28 -40.11
N PRO C 206 -5.75 -23.34 -41.45
CA PRO C 206 -4.79 -22.66 -42.33
C PRO C 206 -5.05 -21.19 -42.58
N GLU C 207 -6.00 -20.56 -41.87
CA GLU C 207 -6.29 -19.14 -42.10
C GLU C 207 -6.32 -18.34 -40.82
N ILE C 208 -5.55 -17.26 -40.76
CA ILE C 208 -5.55 -16.41 -39.57
C ILE C 208 -5.99 -15.02 -39.98
N GLN C 209 -7.15 -14.56 -39.51
CA GLN C 209 -7.65 -13.23 -39.85
C GLN C 209 -7.50 -12.28 -38.65
N PHE C 210 -7.19 -11.01 -38.91
CA PHE C 210 -7.04 -10.03 -37.83
C PHE C 210 -8.31 -9.25 -37.64
N ILE C 211 -8.89 -9.32 -36.44
CA ILE C 211 -10.17 -8.67 -36.17
C ILE C 211 -10.08 -7.65 -35.04
N LYS C 212 -11.13 -6.81 -34.91
CA LYS C 212 -11.27 -5.83 -33.85
C LYS C 212 -12.75 -5.71 -33.52
N ASP C 213 -13.10 -5.88 -32.24
CA ASP C 213 -14.48 -5.79 -31.80
C ASP C 213 -14.67 -4.40 -31.22
N PRO C 214 -15.43 -3.54 -31.92
CA PRO C 214 -15.63 -2.16 -31.41
C PRO C 214 -16.39 -2.11 -30.09
N THR C 215 -17.27 -3.08 -29.84
CA THR C 215 -18.04 -3.14 -28.60
C THR C 215 -17.23 -3.65 -27.41
N ALA C 216 -16.11 -4.35 -27.65
CA ALA C 216 -15.29 -4.89 -26.59
C ALA C 216 -14.41 -3.82 -25.93
N HIS C 217 -14.03 -4.05 -24.67
CA HIS C 217 -13.16 -3.17 -23.91
C HIS C 217 -11.75 -3.24 -24.50
N PRO C 218 -11.06 -2.10 -24.66
CA PRO C 218 -9.72 -2.14 -25.27
C PRO C 218 -8.73 -3.14 -24.68
N ASP C 219 -8.72 -3.33 -23.35
CA ASP C 219 -7.80 -4.27 -22.72
C ASP C 219 -8.20 -5.76 -22.86
N LYS C 220 -9.36 -6.05 -23.45
CA LYS C 220 -9.82 -7.41 -23.62
C LYS C 220 -9.26 -8.02 -24.91
N VAL C 221 -8.68 -9.21 -24.81
CA VAL C 221 -8.18 -9.91 -25.98
C VAL C 221 -9.34 -10.71 -26.60
N VAL C 222 -9.72 -10.36 -27.83
CA VAL C 222 -10.85 -10.98 -28.50
C VAL C 222 -10.41 -11.99 -29.54
N SER C 223 -10.95 -13.21 -29.48
CA SER C 223 -10.65 -14.25 -30.45
C SER C 223 -11.84 -15.17 -30.59
N PHE C 224 -12.28 -15.40 -31.84
CA PHE C 224 -13.44 -16.28 -32.06
C PHE C 224 -13.29 -17.15 -33.31
N SER C 225 -14.14 -18.18 -33.42
CA SER C 225 -14.14 -19.10 -34.56
C SER C 225 -15.56 -19.59 -34.85
N ASP C 226 -15.89 -19.78 -36.14
CA ASP C 226 -17.22 -20.25 -36.54
C ASP C 226 -17.07 -21.45 -37.47
N ASN C 227 -17.92 -22.47 -37.29
CA ASN C 227 -17.86 -23.65 -38.15
C ASN C 227 -18.52 -23.46 -39.51
N SER C 228 -19.12 -22.30 -39.79
CA SER C 228 -19.63 -22.00 -41.12
C SER C 228 -18.42 -21.70 -42.07
N VAL C 229 -17.28 -21.25 -41.49
CA VAL C 229 -15.98 -21.00 -42.10
C VAL C 229 -14.96 -21.87 -41.34
N PRO C 230 -14.96 -23.20 -41.53
CA PRO C 230 -14.00 -24.04 -40.80
C PRO C 230 -12.58 -23.99 -41.36
N GLY C 231 -11.64 -23.67 -40.49
CA GLY C 231 -10.23 -23.50 -40.82
C GLY C 231 -9.74 -22.09 -40.60
N ALA C 232 -10.65 -21.14 -40.36
CA ALA C 232 -10.30 -19.75 -40.15
C ALA C 232 -10.35 -19.37 -38.68
N LEU C 233 -9.24 -18.82 -38.16
CA LEU C 233 -9.08 -18.35 -36.79
C LEU C 233 -9.15 -16.84 -36.82
N TYR C 234 -10.02 -16.24 -35.99
CA TYR C 234 -10.17 -14.79 -35.97
C TYR C 234 -9.59 -14.26 -34.69
N VAL C 235 -8.40 -13.64 -34.76
CA VAL C 235 -7.72 -13.13 -33.57
C VAL C 235 -7.51 -11.64 -33.59
N SER C 236 -7.59 -10.99 -32.42
CA SER C 236 -7.37 -9.56 -32.33
C SER C 236 -5.90 -9.31 -32.06
N ILE C 237 -5.28 -8.39 -32.79
CA ILE C 237 -3.87 -8.07 -32.56
C ILE C 237 -3.66 -6.72 -31.83
N ARG C 238 -4.75 -6.01 -31.51
CA ARG C 238 -4.68 -4.72 -30.84
C ARG C 238 -5.41 -4.69 -29.49
N GLN C 239 -4.96 -3.78 -28.62
CA GLN C 239 -5.55 -3.51 -27.33
C GLN C 239 -5.70 -2.00 -27.28
N GLY C 240 -6.69 -1.51 -28.00
CA GLY C 240 -6.91 -0.07 -28.11
C GLY C 240 -6.02 0.42 -29.23
N SER C 241 -5.00 1.21 -28.87
CA SER C 241 -4.01 1.69 -29.85
C SER C 241 -2.88 0.65 -29.97
N ARG C 242 -2.41 0.16 -28.81
CA ARG C 242 -1.33 -0.79 -28.58
C ARG C 242 -1.51 -2.15 -29.25
N TYR C 243 -0.43 -2.93 -29.36
CA TYR C 243 -0.48 -4.26 -29.96
C TYR C 243 -0.23 -5.32 -28.89
N ILE C 244 -0.90 -6.48 -28.99
CA ILE C 244 -0.73 -7.55 -28.01
C ILE C 244 0.61 -8.29 -28.17
N ASP C 245 0.99 -9.12 -27.17
CA ASP C 245 2.28 -9.79 -27.23
C ASP C 245 2.16 -11.22 -27.82
N GLN C 246 3.32 -11.84 -28.12
CA GLN C 246 3.39 -13.17 -28.70
C GLN C 246 2.75 -14.28 -27.85
N TYR C 247 2.70 -14.11 -26.52
CA TYR C 247 2.12 -15.13 -25.65
C TYR C 247 0.60 -15.07 -25.67
N ASP C 248 0.03 -13.87 -25.58
CA ASP C 248 -1.41 -13.69 -25.62
C ASP C 248 -1.97 -14.05 -26.99
N LEU C 249 -1.22 -13.73 -28.06
CA LEU C 249 -1.65 -14.08 -29.40
C LEU C 249 -1.54 -15.58 -29.65
N ALA C 250 -0.52 -16.25 -29.07
CA ALA C 250 -0.42 -17.70 -29.20
C ALA C 250 -1.58 -18.36 -28.47
N ASP C 251 -1.99 -17.82 -27.31
CA ASP C 251 -3.13 -18.30 -26.55
C ASP C 251 -4.40 -18.22 -27.42
N SER C 252 -4.60 -17.09 -28.08
CA SER C 252 -5.74 -16.85 -28.95
C SER C 252 -5.74 -17.84 -30.11
N LEU C 253 -4.57 -18.09 -30.73
CA LEU C 253 -4.43 -19.02 -31.85
C LEU C 253 -4.72 -20.46 -31.41
N ILE C 254 -4.19 -20.89 -30.26
CA ILE C 254 -4.42 -22.25 -29.75
C ILE C 254 -5.89 -22.43 -29.35
N HIS C 255 -6.48 -21.40 -28.75
CA HIS C 255 -7.89 -21.41 -28.33
C HIS C 255 -8.80 -21.67 -29.52
N GLU C 256 -8.66 -20.90 -30.61
CA GLU C 256 -9.53 -21.10 -31.77
C GLU C 256 -9.14 -22.31 -32.60
N HIS C 257 -7.85 -22.71 -32.58
CA HIS C 257 -7.42 -23.91 -33.30
C HIS C 257 -8.09 -25.14 -32.70
N ARG C 258 -8.18 -25.21 -31.36
CA ARG C 258 -8.81 -26.34 -30.69
C ARG C 258 -10.29 -26.47 -31.07
N HIS C 259 -10.98 -25.34 -31.33
CA HIS C 259 -12.38 -25.39 -31.78
C HIS C 259 -12.41 -26.00 -33.16
N GLN C 260 -11.52 -25.55 -34.08
CA GLN C 260 -11.41 -26.04 -35.45
C GLN C 260 -11.08 -27.52 -35.51
N LYS C 261 -10.27 -28.00 -34.55
CA LYS C 261 -9.88 -29.40 -34.48
C LYS C 261 -11.07 -30.25 -34.02
N LEU C 262 -11.87 -29.74 -33.07
CA LEU C 262 -13.04 -30.47 -32.59
C LEU C 262 -14.17 -30.44 -33.64
N TYR C 263 -14.27 -29.38 -34.46
CA TYR C 263 -15.26 -29.28 -35.55
C TYR C 263 -15.04 -30.43 -36.56
N LEU C 264 -13.76 -30.73 -36.84
CA LEU C 264 -13.31 -31.76 -37.75
C LEU C 264 -13.73 -33.13 -37.23
N LEU C 265 -13.54 -33.38 -35.91
CA LEU C 265 -13.91 -34.65 -35.27
C LEU C 265 -15.43 -34.84 -35.20
N GLN C 266 -16.18 -33.83 -34.72
CA GLN C 266 -17.64 -33.93 -34.61
C GLN C 266 -18.35 -34.10 -35.97
N ARG C 267 -17.69 -33.69 -37.07
CA ARG C 267 -18.23 -33.83 -38.41
C ARG C 267 -18.41 -35.32 -38.75
N SER C 268 -17.46 -36.17 -38.34
CA SER C 268 -17.52 -37.61 -38.66
C SER C 268 -17.88 -38.52 -37.47
N ILE C 269 -17.48 -38.14 -36.25
CA ILE C 269 -17.75 -38.92 -35.04
C ILE C 269 -18.46 -38.04 -34.02
N PRO C 270 -19.78 -38.23 -33.85
CA PRO C 270 -20.52 -37.40 -32.87
C PRO C 270 -20.03 -37.64 -31.44
N LEU C 271 -19.99 -36.59 -30.62
CA LEU C 271 -19.50 -36.72 -29.24
C LEU C 271 -20.62 -36.59 -28.19
N ILE C 272 -21.71 -35.90 -28.54
CA ILE C 272 -22.85 -35.73 -27.63
C ILE C 272 -24.08 -36.46 -28.19
N GLU C 273 -24.65 -37.38 -27.40
CA GLU C 273 -25.82 -38.16 -27.80
C GLU C 273 -27.08 -37.29 -27.77
N ILE C 274 -27.28 -36.53 -26.68
CA ILE C 274 -28.40 -35.60 -26.53
C ILE C 274 -27.84 -34.30 -25.96
N ASP C 275 -27.94 -33.19 -26.72
CA ASP C 275 -27.42 -31.88 -26.30
C ASP C 275 -28.35 -31.16 -25.31
N ALA C 276 -28.89 -31.92 -24.34
CA ALA C 276 -29.81 -31.47 -23.30
C ALA C 276 -29.77 -32.47 -22.13
N PRO C 277 -30.04 -32.05 -20.88
CA PRO C 277 -30.37 -30.68 -20.46
C PRO C 277 -29.16 -29.75 -20.44
N LEU C 278 -29.40 -28.44 -20.36
CA LEU C 278 -28.30 -27.48 -20.34
C LEU C 278 -27.52 -27.59 -19.04
N VAL C 279 -26.20 -27.46 -19.15
CA VAL C 279 -25.28 -27.64 -18.06
C VAL C 279 -24.52 -26.34 -17.72
N PRO C 280 -24.14 -26.13 -16.45
CA PRO C 280 -23.43 -24.88 -16.10
C PRO C 280 -21.94 -24.92 -16.46
N SER C 281 -21.44 -23.79 -16.97
CA SER C 281 -20.05 -23.70 -17.39
C SER C 281 -19.32 -22.71 -16.49
N PRO C 282 -18.07 -23.02 -16.09
CA PRO C 282 -17.30 -22.05 -15.29
C PRO C 282 -16.86 -20.81 -16.09
N TRP C 283 -16.98 -20.86 -17.43
CA TRP C 283 -16.60 -19.75 -18.29
C TRP C 283 -17.79 -18.86 -18.68
N ARG C 284 -19.03 -19.29 -18.42
CA ARG C 284 -20.21 -18.49 -18.77
C ARG C 284 -21.20 -18.36 -17.62
N GLU C 285 -21.96 -17.26 -17.58
CA GLU C 285 -22.95 -17.03 -16.53
C GLU C 285 -24.23 -17.84 -16.76
N ASP C 286 -24.61 -18.00 -18.04
CA ASP C 286 -25.81 -18.73 -18.42
C ASP C 286 -25.54 -20.24 -18.61
N LEU C 287 -26.61 -21.04 -18.64
CA LEU C 287 -26.50 -22.48 -18.84
C LEU C 287 -26.20 -22.73 -20.30
N ARG C 288 -25.12 -23.45 -20.59
CA ARG C 288 -24.73 -23.75 -21.96
C ARG C 288 -24.96 -25.24 -22.28
N PRO C 289 -25.16 -25.61 -23.56
CA PRO C 289 -25.40 -27.03 -23.87
C PRO C 289 -24.16 -27.89 -23.64
N PRO C 290 -24.34 -29.20 -23.41
CA PRO C 290 -23.18 -30.08 -23.18
C PRO C 290 -22.09 -30.00 -24.26
N SER C 291 -22.47 -29.82 -25.53
CA SER C 291 -21.49 -29.70 -26.61
C SER C 291 -20.61 -28.43 -26.46
N GLY C 292 -21.19 -27.37 -25.91
CA GLY C 292 -20.48 -26.13 -25.65
C GLY C 292 -19.47 -26.30 -24.53
N LEU C 293 -19.85 -27.00 -23.46
CA LEU C 293 -18.94 -27.27 -22.34
C LEU C 293 -17.82 -28.23 -22.76
N LEU C 294 -18.11 -29.18 -23.70
CA LEU C 294 -17.12 -30.10 -24.25
C LEU C 294 -16.12 -29.30 -25.07
N HIS C 295 -16.60 -28.34 -25.88
CA HIS C 295 -15.73 -27.49 -26.67
C HIS C 295 -14.85 -26.65 -25.74
N ALA C 296 -15.41 -26.15 -24.63
CA ALA C 296 -14.67 -25.37 -23.64
C ALA C 296 -13.57 -26.18 -22.96
N ILE C 297 -13.87 -27.39 -22.49
CA ILE C 297 -12.86 -28.23 -21.84
C ILE C 297 -11.76 -28.65 -22.82
N PHE C 298 -12.15 -28.95 -24.07
CA PHE C 298 -11.20 -29.34 -25.11
C PHE C 298 -10.23 -28.20 -25.44
N VAL C 299 -10.74 -26.96 -25.46
CA VAL C 299 -9.96 -25.76 -25.73
C VAL C 299 -9.03 -25.47 -24.54
N PHE C 300 -9.60 -25.41 -23.32
CA PHE C 300 -8.84 -25.05 -22.13
C PHE C 300 -7.87 -26.13 -21.64
N THR C 301 -8.00 -27.39 -22.10
CA THR C 301 -7.03 -28.42 -21.72
C THR C 301 -5.70 -28.10 -22.40
N HIS C 302 -5.74 -27.75 -23.69
CA HIS C 302 -4.54 -27.40 -24.44
C HIS C 302 -3.95 -26.07 -23.96
N LEU C 303 -4.80 -25.12 -23.56
CA LEU C 303 -4.31 -23.83 -23.02
C LEU C 303 -3.69 -24.02 -21.65
N LEU C 304 -4.14 -25.01 -20.86
CA LEU C 304 -3.55 -25.31 -19.55
C LEU C 304 -2.13 -25.87 -19.79
N GLU C 305 -1.96 -26.75 -20.79
CA GLU C 305 -0.67 -27.33 -21.15
C GLU C 305 0.29 -26.28 -21.70
N PHE C 306 -0.23 -25.29 -22.44
CA PHE C 306 0.57 -24.20 -23.00
C PHE C 306 1.10 -23.30 -21.91
N TRP C 307 0.25 -22.88 -20.97
CA TRP C 307 0.69 -22.03 -19.88
C TRP C 307 1.50 -22.80 -18.83
N ALA C 308 1.39 -24.14 -18.77
CA ALA C 308 2.21 -24.95 -17.86
C ALA C 308 3.64 -24.97 -18.38
N TYR C 309 3.82 -25.09 -19.70
CA TYR C 309 5.13 -25.06 -20.34
C TYR C 309 5.77 -23.69 -20.12
N LEU C 310 4.99 -22.60 -20.22
CA LEU C 310 5.52 -21.25 -20.01
C LEU C 310 5.89 -20.96 -18.56
N SER C 311 5.22 -21.62 -17.61
CA SER C 311 5.54 -21.43 -16.20
C SER C 311 6.81 -22.20 -15.78
N ARG C 312 7.22 -23.22 -16.55
CA ARG C 312 8.40 -24.01 -16.26
C ARG C 312 9.60 -23.66 -17.17
N GLU C 313 9.42 -23.69 -18.50
CA GLU C 313 10.47 -23.41 -19.48
C GLU C 313 10.45 -22.01 -20.11
N GLY C 314 9.51 -21.17 -19.70
CA GLY C 314 9.41 -19.82 -20.24
C GLY C 314 10.35 -18.85 -19.55
N GLN C 315 10.40 -17.61 -20.06
CA GLN C 315 11.25 -16.55 -19.49
C GLN C 315 10.79 -16.11 -18.08
N ASP C 316 11.64 -15.37 -17.34
CA ASP C 316 11.28 -14.93 -16.00
C ASP C 316 10.12 -13.91 -16.00
N GLN C 317 9.98 -13.14 -17.08
CA GLN C 317 8.94 -12.14 -17.25
C GLN C 317 7.55 -12.76 -17.47
N ILE C 318 7.52 -13.91 -18.14
CA ILE C 318 6.24 -14.57 -18.42
C ILE C 318 5.80 -15.54 -17.33
N LYS C 319 6.74 -16.02 -16.48
CA LYS C 319 6.46 -16.97 -15.41
C LYS C 319 5.39 -16.50 -14.42
N VAL C 320 5.22 -15.18 -14.25
CA VAL C 320 4.22 -14.64 -13.33
C VAL C 320 2.81 -14.81 -13.90
N ARG C 321 2.63 -14.43 -15.16
CA ARG C 321 1.34 -14.54 -15.85
C ARG C 321 0.97 -16.00 -16.09
N ALA C 322 1.97 -16.82 -16.43
CA ALA C 322 1.77 -18.24 -16.71
C ALA C 322 1.31 -18.99 -15.48
N LYS C 323 1.90 -18.71 -14.31
CA LYS C 323 1.49 -19.37 -13.07
C LYS C 323 0.06 -19.00 -12.68
N ASN C 324 -0.37 -17.78 -13.00
CA ASN C 324 -1.73 -17.31 -12.73
C ASN C 324 -2.72 -18.01 -13.67
N GLN C 325 -2.33 -18.20 -14.94
CA GLN C 325 -3.17 -18.87 -15.93
C GLN C 325 -3.34 -20.34 -15.59
N VAL C 326 -2.29 -21.00 -15.10
CA VAL C 326 -2.36 -22.42 -14.74
C VAL C 326 -3.34 -22.63 -13.59
N GLU C 327 -3.29 -21.75 -12.57
CA GLU C 327 -4.18 -21.86 -11.43
C GLU C 327 -5.63 -21.55 -11.81
N THR C 328 -5.84 -20.52 -12.64
CA THR C 328 -7.18 -20.13 -13.07
C THR C 328 -7.83 -21.20 -13.95
N ILE C 329 -7.08 -21.71 -14.94
CA ILE C 329 -7.60 -22.71 -15.86
C ILE C 329 -7.79 -24.08 -15.22
N ARG C 330 -6.81 -24.59 -14.44
CA ARG C 330 -6.97 -25.89 -13.80
C ARG C 330 -8.16 -25.93 -12.84
N THR C 331 -8.39 -24.82 -12.10
CA THR C 331 -9.53 -24.72 -11.19
C THR C 331 -10.85 -24.87 -11.95
N ARG C 332 -10.97 -24.15 -13.07
CA ARG C 332 -12.19 -24.20 -13.89
C ARG C 332 -12.37 -25.54 -14.58
N LEU C 333 -11.28 -26.17 -15.02
CA LEU C 333 -11.35 -27.47 -15.67
C LEU C 333 -11.79 -28.54 -14.68
N LEU C 334 -11.28 -28.48 -13.45
CA LEU C 334 -11.66 -29.44 -12.40
C LEU C 334 -13.13 -29.35 -11.96
N VAL C 335 -13.83 -28.29 -12.35
CA VAL C 335 -15.23 -28.08 -12.04
C VAL C 335 -16.11 -28.41 -13.28
N ALA C 336 -15.59 -28.15 -14.49
CA ALA C 336 -16.32 -28.42 -15.73
C ALA C 336 -16.34 -29.89 -16.10
N ILE C 337 -15.22 -30.59 -15.89
CA ILE C 337 -15.12 -32.01 -16.22
C ILE C 337 -16.16 -32.88 -15.47
N PRO C 338 -16.33 -32.78 -14.13
CA PRO C 338 -17.36 -33.60 -13.47
C PRO C 338 -18.77 -33.24 -13.91
N THR C 339 -19.00 -31.95 -14.23
CA THR C 339 -20.28 -31.44 -14.72
C THR C 339 -20.63 -32.08 -16.06
N LEU C 340 -19.65 -32.16 -16.96
CA LEU C 340 -19.84 -32.76 -18.28
C LEU C 340 -19.98 -34.28 -18.21
N LYS C 341 -19.33 -34.92 -17.23
CA LYS C 341 -19.42 -36.38 -17.07
C LYS C 341 -20.84 -36.86 -16.83
N ARG C 342 -21.66 -36.04 -16.17
CA ARG C 342 -23.05 -36.39 -15.90
C ARG C 342 -23.97 -35.87 -17.00
N THR C 343 -23.57 -36.07 -18.26
CA THR C 343 -24.36 -35.65 -19.41
C THR C 343 -24.48 -36.82 -20.43
N HIS C 344 -25.33 -36.66 -21.46
CA HIS C 344 -25.50 -37.70 -22.48
C HIS C 344 -24.33 -37.75 -23.45
N LEU C 345 -23.19 -38.28 -23.02
CA LEU C 345 -22.01 -38.38 -23.88
C LEU C 345 -22.05 -39.69 -24.64
N THR C 346 -21.61 -39.69 -25.90
CA THR C 346 -21.50 -40.93 -26.66
C THR C 346 -20.27 -41.72 -26.15
N THR C 347 -20.01 -42.93 -26.67
CA THR C 347 -18.84 -43.71 -26.25
C THR C 347 -17.54 -42.93 -26.56
N ALA C 348 -17.48 -42.28 -27.73
CA ALA C 348 -16.35 -41.46 -28.16
C ALA C 348 -16.22 -40.18 -27.33
N GLY C 349 -17.36 -39.57 -27.02
CA GLY C 349 -17.43 -38.35 -26.22
C GLY C 349 -16.93 -38.58 -24.81
N ARG C 350 -17.30 -39.73 -24.21
CA ARG C 350 -16.84 -40.06 -22.86
C ARG C 350 -15.36 -40.38 -22.86
N GLU C 351 -14.86 -41.04 -23.92
CA GLU C 351 -13.44 -41.36 -24.08
C GLU C 351 -12.61 -40.06 -24.17
N MET C 352 -13.16 -39.02 -24.82
CA MET C 352 -12.53 -37.72 -24.95
C MET C 352 -12.47 -37.02 -23.59
N VAL C 353 -13.59 -37.00 -22.85
CA VAL C 353 -13.66 -36.39 -21.53
C VAL C 353 -12.68 -37.04 -20.55
N GLU C 354 -12.59 -38.37 -20.56
CA GLU C 354 -11.68 -39.09 -19.67
C GLU C 354 -10.22 -38.83 -19.99
N GLN C 355 -9.90 -38.59 -21.27
CA GLN C 355 -8.53 -38.28 -21.67
C GLN C 355 -8.18 -36.86 -21.24
N LEU C 356 -9.12 -35.91 -21.42
CA LEU C 356 -8.91 -34.51 -21.01
C LEU C 356 -8.80 -34.39 -19.48
N GLU C 357 -9.53 -35.24 -18.74
CA GLU C 357 -9.49 -35.27 -17.28
C GLU C 357 -8.15 -35.80 -16.78
N GLU C 358 -7.60 -36.78 -17.49
CA GLU C 358 -6.31 -37.38 -17.16
C GLU C 358 -5.19 -36.34 -17.28
N LEU C 359 -5.25 -35.49 -18.32
CA LEU C 359 -4.25 -34.46 -18.52
C LEU C 359 -4.31 -33.38 -17.46
N THR C 360 -5.53 -33.03 -17.02
CA THR C 360 -5.73 -32.01 -16.00
C THR C 360 -5.23 -32.53 -14.63
N THR C 361 -5.49 -33.83 -14.36
CA THR C 361 -5.08 -34.49 -13.12
C THR C 361 -3.56 -34.70 -13.04
N ASN C 362 -2.93 -35.12 -14.15
CA ASN C 362 -1.49 -35.35 -14.21
C ASN C 362 -0.63 -34.07 -14.22
N MET C 363 -1.27 -32.89 -14.24
CA MET C 363 -0.55 -31.63 -14.23
C MET C 363 -0.51 -30.94 -12.86
N GLY C 364 -1.49 -31.25 -12.00
CA GLY C 364 -1.59 -30.66 -10.67
C GLY C 364 -0.44 -31.02 -9.74
N MET D 1 -20.31 -10.24 -30.72
CA MET D 1 -19.60 -10.31 -29.43
C MET D 1 -20.00 -11.55 -28.62
N GLY D 2 -21.30 -11.80 -28.47
CA GLY D 2 -21.83 -12.96 -27.74
C GLY D 2 -21.58 -14.25 -28.48
N SER D 3 -22.21 -14.41 -29.66
CA SER D 3 -22.06 -15.54 -30.59
C SER D 3 -22.55 -16.94 -30.09
N SER D 4 -22.80 -17.87 -31.04
CA SER D 4 -23.24 -19.27 -30.85
C SER D 4 -22.84 -20.07 -32.11
N HIS D 5 -21.52 -20.08 -32.36
CA HIS D 5 -20.87 -20.60 -33.56
C HIS D 5 -20.35 -22.04 -33.55
N HIS D 6 -20.58 -22.86 -32.51
CA HIS D 6 -20.07 -24.24 -32.50
C HIS D 6 -21.13 -25.31 -32.75
N HIS D 7 -22.30 -24.91 -33.29
CA HIS D 7 -23.44 -25.74 -33.64
C HIS D 7 -23.02 -27.00 -34.38
N HIS D 8 -23.27 -28.21 -33.82
CA HIS D 8 -22.90 -29.44 -34.54
C HIS D 8 -23.67 -29.66 -35.86
N HIS D 9 -24.52 -28.70 -36.25
CA HIS D 9 -25.31 -28.74 -37.47
C HIS D 9 -24.61 -28.10 -38.67
N HIS D 10 -23.32 -28.40 -38.86
CA HIS D 10 -22.61 -27.98 -40.07
C HIS D 10 -22.71 -29.12 -41.10
N SER D 11 -23.90 -29.74 -41.18
CA SER D 11 -24.25 -30.85 -42.05
C SER D 11 -25.49 -30.47 -42.86
N SER D 12 -25.44 -29.29 -43.50
CA SER D 12 -26.55 -28.81 -44.33
C SER D 12 -26.39 -29.37 -45.77
N GLY D 13 -26.58 -30.68 -45.91
CA GLY D 13 -26.47 -31.38 -47.18
C GLY D 13 -26.90 -32.82 -47.08
N ILE D 37 -50.00 -36.85 -39.03
CA ILE D 37 -51.10 -37.45 -38.28
C ILE D 37 -52.26 -36.45 -38.10
N ASP D 38 -51.96 -35.22 -37.65
CA ASP D 38 -52.99 -34.21 -37.44
C ASP D 38 -52.91 -33.03 -38.43
N ILE D 39 -54.02 -32.31 -38.58
CA ILE D 39 -54.18 -31.19 -39.51
C ILE D 39 -53.82 -29.82 -38.89
N ALA D 40 -53.76 -28.75 -39.72
CA ALA D 40 -53.46 -27.39 -39.29
C ALA D 40 -54.62 -26.72 -38.51
N ALA D 41 -55.82 -27.38 -38.47
CA ALA D 41 -56.97 -26.89 -37.70
C ALA D 41 -56.68 -26.80 -36.18
N PHE D 42 -55.52 -27.33 -35.75
CA PHE D 42 -54.94 -27.28 -34.43
C PHE D 42 -54.67 -25.83 -34.01
N GLU D 43 -54.37 -24.94 -34.96
CA GLU D 43 -54.08 -23.54 -34.65
C GLU D 43 -55.22 -22.83 -33.92
N SER D 44 -56.44 -22.82 -34.50
CA SER D 44 -57.58 -22.12 -33.89
C SER D 44 -58.17 -22.92 -32.73
N PRO D 45 -58.45 -22.26 -31.60
CA PRO D 45 -59.03 -22.98 -30.45
C PRO D 45 -60.41 -23.58 -30.69
N LEU D 46 -61.14 -23.04 -31.66
CA LEU D 46 -62.48 -23.51 -32.01
C LEU D 46 -62.41 -24.92 -32.60
N THR D 47 -61.41 -25.17 -33.45
CA THR D 47 -61.25 -26.44 -34.14
C THR D 47 -60.08 -27.31 -33.65
N SER D 48 -59.52 -26.99 -32.48
CA SER D 48 -58.38 -27.74 -31.96
C SER D 48 -58.73 -28.81 -30.95
N SER D 49 -59.89 -28.69 -30.28
CA SER D 49 -60.36 -29.58 -29.23
C SER D 49 -60.02 -31.08 -29.42
N ALA D 50 -60.28 -31.62 -30.61
CA ALA D 50 -60.02 -33.04 -30.90
C ALA D 50 -58.53 -33.33 -31.12
N SER D 51 -57.82 -32.43 -31.81
CA SER D 51 -56.40 -32.56 -32.10
C SER D 51 -55.58 -32.55 -30.80
N ILE D 52 -55.95 -31.67 -29.85
CA ILE D 52 -55.28 -31.56 -28.56
C ILE D 52 -55.48 -32.83 -27.75
N GLN D 53 -56.71 -33.35 -27.76
CA GLN D 53 -57.05 -34.57 -27.04
C GLN D 53 -56.24 -35.76 -27.57
N GLN D 54 -56.05 -35.82 -28.89
CA GLN D 54 -55.27 -36.85 -29.55
C GLN D 54 -53.80 -36.76 -29.13
N LEU D 55 -53.23 -35.54 -29.11
CA LEU D 55 -51.84 -35.29 -28.72
C LEU D 55 -51.60 -35.54 -27.24
N LEU D 56 -52.60 -35.29 -26.40
CA LEU D 56 -52.50 -35.52 -24.97
C LEU D 56 -52.56 -37.00 -24.65
N GLU D 57 -53.34 -37.79 -25.41
CA GLU D 57 -53.46 -39.22 -25.19
C GLU D 57 -52.17 -39.93 -25.55
N HIS D 58 -51.47 -39.49 -26.60
CA HIS D 58 -50.21 -40.09 -26.98
C HIS D 58 -49.10 -39.70 -25.99
N TRP D 59 -49.12 -38.46 -25.50
CA TRP D 59 -48.13 -37.98 -24.54
C TRP D 59 -48.34 -38.69 -23.19
N ALA D 60 -49.60 -38.85 -22.77
CA ALA D 60 -49.89 -39.53 -21.50
C ALA D 60 -49.51 -41.01 -21.54
N ALA D 61 -49.52 -41.63 -22.72
CA ALA D 61 -49.14 -43.03 -22.87
C ALA D 61 -47.64 -43.19 -22.60
N ASP D 62 -46.82 -42.24 -23.04
CA ASP D 62 -45.38 -42.29 -22.82
C ASP D 62 -45.06 -41.86 -21.40
N ALA D 63 -45.76 -40.83 -20.89
CA ALA D 63 -45.55 -40.28 -19.54
C ALA D 63 -45.97 -41.24 -18.45
N ARG D 64 -46.98 -42.09 -18.71
CA ARG D 64 -47.43 -43.08 -17.72
C ARG D 64 -46.32 -44.11 -17.50
N LYS D 65 -45.64 -44.52 -18.58
CA LYS D 65 -44.53 -45.49 -18.54
C LYS D 65 -43.31 -44.88 -17.87
N GLU D 66 -43.04 -43.60 -18.14
CA GLU D 66 -41.94 -42.87 -17.53
C GLU D 66 -42.19 -42.70 -16.02
N PHE D 67 -43.45 -42.43 -15.63
CA PHE D 67 -43.83 -42.29 -14.23
C PHE D 67 -43.72 -43.65 -13.51
N GLU D 68 -44.09 -44.74 -14.22
CA GLU D 68 -44.00 -46.12 -13.74
C GLU D 68 -42.53 -46.43 -13.44
N LYS D 69 -41.62 -46.06 -14.36
CA LYS D 69 -40.18 -46.29 -14.25
C LYS D 69 -39.61 -45.54 -13.05
N ALA D 70 -40.10 -44.32 -12.80
CA ALA D 70 -39.67 -43.51 -11.66
C ALA D 70 -40.15 -44.11 -10.36
N LEU D 71 -41.36 -44.68 -10.35
CA LEU D 71 -41.92 -45.35 -9.16
C LEU D 71 -41.12 -46.59 -8.81
N MET D 72 -40.64 -47.33 -9.81
CA MET D 72 -39.82 -48.52 -9.57
C MET D 72 -38.45 -48.12 -9.02
N ALA D 73 -37.89 -46.99 -9.49
CA ALA D 73 -36.59 -46.47 -9.02
C ALA D 73 -36.70 -46.00 -7.56
N VAL D 74 -37.87 -45.48 -7.15
CA VAL D 74 -38.13 -45.05 -5.78
C VAL D 74 -38.14 -46.29 -4.87
N LEU D 75 -38.78 -47.38 -5.34
CA LEU D 75 -38.86 -48.65 -4.61
C LEU D 75 -37.50 -49.35 -4.45
N GLU D 76 -36.56 -49.09 -5.37
CA GLU D 76 -35.23 -49.68 -5.28
C GLU D 76 -34.40 -48.97 -4.22
N LYS D 77 -34.49 -47.64 -4.15
CA LYS D 77 -33.75 -46.85 -3.15
C LYS D 77 -34.39 -47.03 -1.77
N GLU D 78 -35.71 -46.86 -1.68
CA GLU D 78 -36.45 -47.00 -0.42
C GLU D 78 -37.62 -47.96 -0.58
N PRO D 79 -37.44 -49.24 -0.25
CA PRO D 79 -38.55 -50.20 -0.37
C PRO D 79 -39.71 -49.96 0.61
N GLY D 80 -39.50 -49.11 1.61
CA GLY D 80 -40.54 -48.76 2.58
C GLY D 80 -41.67 -47.95 1.99
N LYS D 81 -41.45 -47.31 0.83
CA LYS D 81 -42.45 -46.51 0.13
C LYS D 81 -43.43 -47.35 -0.71
N ARG D 82 -43.38 -48.70 -0.60
CA ARG D 82 -44.22 -49.65 -1.34
C ARG D 82 -45.72 -49.37 -1.22
N ASP D 83 -46.20 -48.98 -0.03
CA ASP D 83 -47.61 -48.68 0.17
C ASP D 83 -48.03 -47.37 -0.52
N ILE D 84 -47.10 -46.40 -0.59
CA ILE D 84 -47.36 -45.12 -1.25
C ILE D 84 -47.42 -45.35 -2.76
N ILE D 85 -46.48 -46.14 -3.29
CA ILE D 85 -46.43 -46.50 -4.71
C ILE D 85 -47.64 -47.35 -5.14
N ASN D 86 -48.20 -48.14 -4.20
CA ASN D 86 -49.38 -48.96 -4.44
C ASN D 86 -50.63 -48.09 -4.67
N GLN D 87 -50.69 -46.89 -4.07
CA GLN D 87 -51.81 -45.96 -4.26
C GLN D 87 -51.86 -45.38 -5.68
N PHE D 88 -50.71 -45.35 -6.38
CA PHE D 88 -50.60 -44.87 -7.76
C PHE D 88 -50.96 -45.97 -8.74
N GLN D 89 -50.64 -47.23 -8.43
CA GLN D 89 -50.99 -48.35 -9.30
C GLN D 89 -52.48 -48.70 -9.20
N THR D 90 -53.09 -48.51 -8.01
CA THR D 90 -54.52 -48.73 -7.82
C THR D 90 -55.39 -47.51 -8.24
N CYS D 91 -54.74 -46.39 -8.58
CA CYS D 91 -55.39 -45.15 -9.00
C CYS D 91 -56.02 -45.33 -10.38
N PRO D 92 -57.27 -44.88 -10.55
CA PRO D 92 -57.94 -45.01 -11.86
C PRO D 92 -57.14 -44.40 -13.01
N PRO D 93 -57.13 -45.06 -14.18
CA PRO D 93 -56.35 -44.54 -15.32
C PRO D 93 -56.77 -43.15 -15.77
N GLU D 94 -58.02 -42.75 -15.56
CA GLU D 94 -58.51 -41.43 -15.95
C GLU D 94 -57.84 -40.34 -15.11
N ILE D 95 -57.61 -40.61 -13.82
CA ILE D 95 -56.95 -39.67 -12.91
C ILE D 95 -55.45 -39.70 -13.18
N LEU D 96 -54.87 -40.90 -13.32
CA LEU D 96 -53.46 -41.12 -13.56
C LEU D 96 -52.97 -40.50 -14.86
N ASN D 97 -53.81 -40.50 -15.91
CA ASN D 97 -53.44 -39.90 -17.19
C ASN D 97 -53.32 -38.38 -17.06
N LYS D 98 -54.17 -37.75 -16.24
CA LYS D 98 -54.11 -36.31 -16.02
C LYS D 98 -52.97 -35.93 -15.07
N LEU D 99 -52.68 -36.80 -14.09
CA LEU D 99 -51.63 -36.60 -13.09
C LEU D 99 -50.23 -36.61 -13.71
N VAL D 100 -49.91 -37.61 -14.55
CA VAL D 100 -48.58 -37.73 -15.14
C VAL D 100 -48.22 -36.58 -16.10
N LEU D 101 -49.21 -35.79 -16.54
CA LEU D 101 -48.94 -34.67 -17.45
C LEU D 101 -48.89 -33.29 -16.77
N ARG D 102 -48.98 -33.24 -15.43
CA ARG D 102 -48.92 -32.00 -14.69
C ARG D 102 -47.50 -31.48 -14.71
N PRO D 103 -47.30 -30.15 -14.84
CA PRO D 103 -45.93 -29.63 -14.92
C PRO D 103 -44.99 -30.06 -13.81
N SER D 104 -45.46 -30.06 -12.55
CA SER D 104 -44.67 -30.46 -11.41
C SER D 104 -44.35 -31.96 -11.42
N VAL D 105 -45.28 -32.78 -11.95
CA VAL D 105 -45.09 -34.22 -12.05
C VAL D 105 -44.14 -34.58 -13.17
N VAL D 106 -44.20 -33.86 -14.31
CA VAL D 106 -43.31 -34.07 -15.45
C VAL D 106 -41.88 -33.75 -15.02
N LEU D 107 -41.67 -32.64 -14.31
CA LEU D 107 -40.34 -32.28 -13.84
C LEU D 107 -39.82 -33.31 -12.83
N TRP D 108 -40.65 -33.75 -11.89
CA TRP D 108 -40.23 -34.74 -10.91
C TRP D 108 -39.84 -36.05 -11.57
N THR D 109 -40.64 -36.51 -12.54
CA THR D 109 -40.42 -37.75 -13.27
C THR D 109 -39.11 -37.66 -14.09
N THR D 110 -38.90 -36.50 -14.75
CA THR D 110 -37.71 -36.27 -15.55
C THR D 110 -36.45 -36.25 -14.69
N VAL D 111 -36.45 -35.49 -13.59
CA VAL D 111 -35.32 -35.40 -12.67
C VAL D 111 -35.01 -36.78 -12.06
N MET D 112 -36.05 -37.53 -11.70
CA MET D 112 -35.94 -38.85 -11.11
C MET D 112 -35.32 -39.87 -12.07
N LEU D 113 -35.80 -39.91 -13.33
CA LEU D 113 -35.27 -40.85 -14.32
C LEU D 113 -33.87 -40.50 -14.74
N GLN D 114 -33.57 -39.20 -14.88
CA GLN D 114 -32.24 -38.77 -15.26
C GLN D 114 -31.24 -39.06 -14.16
N ALA D 115 -31.64 -38.92 -12.88
CA ALA D 115 -30.75 -39.23 -11.76
C ALA D 115 -30.33 -40.70 -11.76
N SER D 116 -31.25 -41.62 -12.09
CA SER D 116 -30.96 -43.04 -12.16
C SER D 116 -29.98 -43.38 -13.31
N ASN D 117 -29.97 -42.56 -14.37
CA ASN D 117 -29.06 -42.72 -15.51
C ASN D 117 -27.75 -41.90 -15.36
N GLY D 118 -27.50 -41.36 -14.17
CA GLY D 118 -26.31 -40.56 -13.87
C GLY D 118 -26.27 -39.22 -14.58
N ILE D 119 -27.45 -38.64 -14.85
CA ILE D 119 -27.55 -37.34 -15.53
C ILE D 119 -28.17 -36.28 -14.64
N THR D 120 -27.42 -35.19 -14.42
CA THR D 120 -27.83 -34.09 -13.57
C THR D 120 -28.68 -33.06 -14.33
N ILE D 121 -29.68 -32.51 -13.62
CA ILE D 121 -30.54 -31.46 -14.15
C ILE D 121 -30.35 -30.21 -13.28
N HIS D 122 -30.14 -29.04 -13.93
CA HIS D 122 -29.93 -27.80 -13.17
C HIS D 122 -30.96 -26.74 -13.47
N SER D 123 -31.17 -25.84 -12.50
CA SER D 123 -32.05 -24.68 -12.64
C SER D 123 -31.30 -23.57 -13.40
N ILE D 124 -32.01 -22.54 -13.89
CA ILE D 124 -31.38 -21.46 -14.65
C ILE D 124 -30.24 -20.77 -13.89
N ASP D 125 -30.26 -20.80 -12.55
CA ASP D 125 -29.20 -20.19 -11.76
C ASP D 125 -27.99 -21.14 -11.50
N GLY D 126 -27.93 -22.25 -12.22
CA GLY D 126 -26.84 -23.21 -12.12
C GLY D 126 -26.90 -24.18 -10.95
N GLU D 127 -27.98 -24.13 -10.15
CA GLU D 127 -28.12 -25.02 -9.00
C GLU D 127 -28.65 -26.39 -9.38
N LEU D 128 -28.14 -27.44 -8.74
CA LEU D 128 -28.56 -28.80 -9.02
C LEU D 128 -29.95 -29.09 -8.44
N ILE D 129 -30.85 -29.62 -9.28
CA ILE D 129 -32.19 -29.99 -8.84
C ILE D 129 -32.13 -31.42 -8.34
N ALA D 130 -32.11 -31.60 -7.01
CA ALA D 130 -32.00 -32.92 -6.39
C ALA D 130 -33.28 -33.74 -6.48
N PRO D 131 -33.15 -35.04 -6.79
CA PRO D 131 -34.34 -35.90 -6.85
C PRO D 131 -34.91 -36.19 -5.46
N ASP D 132 -36.13 -35.72 -5.20
CA ASP D 132 -36.78 -35.87 -3.90
C ASP D 132 -37.80 -36.99 -3.90
N ILE D 133 -37.47 -38.10 -3.22
CA ILE D 133 -38.37 -39.25 -3.09
C ILE D 133 -39.63 -38.88 -2.30
N ASN D 134 -39.49 -37.98 -1.29
CA ASN D 134 -40.57 -37.52 -0.44
C ASN D 134 -41.67 -36.70 -1.15
N TYR D 135 -41.48 -36.39 -2.43
CA TYR D 135 -42.49 -35.67 -3.20
C TYR D 135 -43.72 -36.56 -3.46
N LEU D 136 -43.52 -37.89 -3.59
CA LEU D 136 -44.62 -38.83 -3.83
C LEU D 136 -45.66 -38.80 -2.72
N GLU D 137 -45.24 -38.50 -1.47
CA GLU D 137 -46.16 -38.43 -0.34
C GLU D 137 -47.12 -37.25 -0.53
N GLU D 138 -46.58 -36.10 -0.97
CA GLU D 138 -47.37 -34.90 -1.22
C GLU D 138 -48.29 -35.09 -2.43
N LEU D 139 -47.78 -35.76 -3.47
CA LEU D 139 -48.51 -36.02 -4.69
C LEU D 139 -49.72 -36.91 -4.48
N ALA D 140 -49.57 -38.00 -3.69
CA ALA D 140 -50.64 -38.95 -3.38
C ALA D 140 -51.74 -38.38 -2.47
N GLU D 141 -51.45 -37.29 -1.75
CA GLU D 141 -52.38 -36.62 -0.86
C GLU D 141 -53.45 -35.87 -1.69
N SER D 142 -53.04 -35.25 -2.80
CA SER D 142 -53.93 -34.51 -3.70
C SER D 142 -54.76 -35.40 -4.65
N LEU D 143 -54.69 -36.73 -4.50
CA LEU D 143 -55.44 -37.67 -5.32
C LEU D 143 -56.92 -37.67 -4.95
N LYS D 144 -57.23 -37.56 -3.65
CA LYS D 144 -58.61 -37.53 -3.17
C LYS D 144 -59.19 -36.11 -3.07
N SER D 145 -58.33 -35.08 -3.03
CA SER D 145 -58.79 -33.70 -2.92
C SER D 145 -58.44 -32.87 -4.16
N PRO D 146 -59.34 -32.79 -5.15
CA PRO D 146 -59.05 -31.98 -6.34
C PRO D 146 -59.51 -30.52 -6.18
N GLY D 149 -60.73 -28.13 -8.88
CA GLY D 149 -60.22 -28.08 -10.24
C GLY D 149 -59.96 -26.68 -10.74
N VAL D 150 -60.08 -26.46 -12.08
CA VAL D 150 -59.90 -25.17 -12.80
C VAL D 150 -58.48 -24.58 -12.57
N PRO D 151 -57.82 -23.96 -13.60
CA PRO D 151 -56.44 -23.44 -13.44
C PRO D 151 -55.95 -23.13 -12.04
N TYR D 152 -54.92 -23.85 -11.60
CA TYR D 152 -54.38 -23.72 -10.26
C TYR D 152 -53.63 -22.41 -10.11
N ILE D 153 -54.33 -21.42 -9.56
CA ILE D 153 -53.79 -20.08 -9.40
C ILE D 153 -52.88 -19.96 -8.19
N ASN D 154 -51.58 -19.81 -8.46
CA ASN D 154 -50.47 -19.64 -7.52
C ASN D 154 -50.43 -20.71 -6.43
N ARG D 155 -50.36 -21.99 -6.83
CA ARG D 155 -50.30 -23.06 -5.86
C ARG D 155 -48.89 -23.22 -5.30
N ASP D 156 -48.77 -23.47 -3.99
CA ASP D 156 -47.46 -23.64 -3.37
C ASP D 156 -46.91 -25.04 -3.67
N ASP D 157 -46.08 -25.13 -4.72
CA ASP D 157 -45.46 -26.38 -5.11
C ASP D 157 -44.02 -26.11 -5.47
N LEU D 158 -43.10 -26.71 -4.71
CA LEU D 158 -41.66 -26.58 -4.91
C LEU D 158 -41.23 -27.11 -6.28
N TRP D 159 -41.90 -28.14 -6.78
CA TRP D 159 -41.58 -28.71 -8.09
C TRP D 159 -42.14 -27.91 -9.29
N LEU D 160 -42.53 -26.66 -9.04
CA LEU D 160 -42.95 -25.66 -10.03
C LEU D 160 -41.95 -24.49 -10.00
N ARG D 161 -41.35 -24.20 -8.82
CA ARG D 161 -40.36 -23.16 -8.58
C ARG D 161 -38.90 -23.64 -8.76
N LEU D 162 -38.68 -24.96 -8.81
CA LEU D 162 -37.34 -25.55 -8.93
C LEU D 162 -36.57 -25.16 -10.20
N PRO D 163 -37.16 -25.11 -11.42
CA PRO D 163 -36.34 -24.75 -12.60
C PRO D 163 -35.75 -23.34 -12.58
N PHE D 164 -36.16 -22.48 -11.64
CA PHE D 164 -35.68 -21.10 -11.58
C PHE D 164 -34.73 -20.82 -10.41
N GLY D 165 -34.82 -21.61 -9.35
CA GLY D 165 -33.97 -21.46 -8.18
C GLY D 165 -34.12 -20.13 -7.51
N GLN D 166 -33.03 -19.36 -7.45
CA GLN D 166 -33.04 -18.04 -6.82
C GLN D 166 -33.13 -16.89 -7.82
N ARG D 167 -32.96 -17.15 -9.13
CA ARG D 167 -32.99 -16.08 -10.13
C ARG D 167 -34.38 -15.43 -10.27
N ILE D 168 -35.44 -16.19 -9.98
CA ILE D 168 -36.80 -15.67 -10.08
C ILE D 168 -37.53 -15.81 -8.73
N LEU D 169 -38.18 -14.73 -8.28
CA LEU D 169 -38.90 -14.76 -7.01
C LEU D 169 -40.38 -15.11 -7.22
N PHE D 170 -40.97 -15.88 -6.31
CA PHE D 170 -42.37 -16.28 -6.42
C PHE D 170 -43.23 -15.51 -5.43
N GLU D 171 -44.24 -14.81 -5.94
CA GLU D 171 -45.13 -13.99 -5.10
C GLU D 171 -46.02 -14.85 -4.24
N SER D 172 -46.28 -14.38 -3.01
CA SER D 172 -47.12 -15.12 -2.08
C SER D 172 -47.89 -14.18 -1.12
N ASP D 173 -48.83 -14.75 -0.34
CA ASP D 173 -49.63 -14.04 0.65
C ASP D 173 -50.53 -12.94 0.00
N GLU D 174 -50.47 -11.67 0.49
CA GLU D 174 -51.25 -10.54 0.00
C GLU D 174 -51.03 -10.26 -1.48
N VAL D 175 -49.79 -10.47 -1.97
CA VAL D 175 -49.45 -10.25 -3.36
C VAL D 175 -50.19 -11.26 -4.25
N GLY D 176 -50.18 -12.52 -3.83
CA GLY D 176 -50.87 -13.58 -4.54
C GLY D 176 -52.37 -13.47 -4.48
N ASN D 177 -52.87 -12.94 -3.35
CA ASN D 177 -54.30 -12.75 -3.13
C ASN D 177 -54.89 -11.76 -4.13
N ILE D 178 -54.19 -10.64 -4.37
CA ILE D 178 -54.63 -9.63 -5.33
C ILE D 178 -54.53 -10.16 -6.75
N GLY D 179 -53.41 -10.82 -7.05
CA GLY D 179 -53.14 -11.41 -8.35
C GLY D 179 -54.19 -12.41 -8.80
N THR D 180 -54.77 -13.16 -7.85
CA THR D 180 -55.81 -14.14 -8.16
C THR D 180 -57.05 -13.45 -8.75
N THR D 181 -57.39 -12.27 -8.21
CA THR D 181 -58.55 -11.51 -8.68
C THR D 181 -58.31 -10.93 -10.08
N ILE D 182 -57.08 -10.49 -10.34
CA ILE D 182 -56.72 -9.94 -11.66
C ILE D 182 -56.71 -11.07 -12.70
N VAL D 183 -56.24 -12.27 -12.30
CA VAL D 183 -56.22 -13.46 -13.16
C VAL D 183 -57.66 -13.86 -13.53
N HIS D 184 -58.58 -13.78 -12.55
CA HIS D 184 -59.97 -14.11 -12.78
C HIS D 184 -60.61 -13.19 -13.81
N GLU D 185 -60.26 -11.90 -13.77
CA GLU D 185 -60.78 -10.94 -14.74
C GLU D 185 -60.14 -11.10 -16.11
N SER D 186 -58.87 -11.53 -16.16
CA SER D 186 -58.16 -11.78 -17.41
C SER D 186 -58.76 -13.01 -18.10
N LEU D 187 -59.04 -14.07 -17.32
CA LEU D 187 -59.65 -15.29 -17.85
C LEU D 187 -61.09 -15.04 -18.30
N LYS D 188 -61.82 -14.16 -17.59
CA LYS D 188 -63.18 -13.77 -17.95
C LYS D 188 -63.19 -12.96 -19.25
N LEU D 189 -62.16 -12.13 -19.46
CA LEU D 189 -61.93 -11.33 -20.65
C LEU D 189 -61.61 -12.23 -21.84
N ILE D 190 -60.79 -13.28 -21.59
CA ILE D 190 -60.42 -14.26 -22.60
C ILE D 190 -61.66 -15.08 -23.00
N GLU D 191 -62.48 -15.45 -22.01
CA GLU D 191 -63.72 -16.21 -22.22
C GLU D 191 -64.72 -15.40 -23.05
N SER D 192 -64.79 -14.09 -22.81
CA SER D 192 -65.71 -13.22 -23.57
C SER D 192 -65.27 -13.10 -25.05
N TRP D 193 -63.97 -13.17 -25.32
CA TRP D 193 -63.44 -13.11 -26.68
C TRP D 193 -63.66 -14.47 -27.36
N ARG D 194 -63.09 -15.53 -26.80
CA ARG D 194 -63.20 -16.89 -27.35
C ARG D 194 -63.36 -17.87 -26.20
N PRO D 195 -64.57 -18.37 -25.96
CA PRO D 195 -64.76 -19.36 -24.89
C PRO D 195 -63.98 -20.67 -25.16
N ALA D 196 -63.67 -20.95 -26.44
CA ALA D 196 -62.89 -22.10 -26.86
C ALA D 196 -61.42 -21.98 -26.42
N LEU D 197 -60.89 -20.74 -26.35
CA LEU D 197 -59.52 -20.49 -25.92
C LEU D 197 -59.40 -20.69 -24.41
N LEU D 198 -60.44 -20.34 -23.63
CA LEU D 198 -60.39 -20.57 -22.19
C LEU D 198 -60.38 -22.08 -21.91
N SER D 199 -61.19 -22.85 -22.65
CA SER D 199 -61.22 -24.30 -22.49
C SER D 199 -59.85 -24.91 -22.85
N GLU D 200 -59.22 -24.37 -23.90
CA GLU D 200 -57.90 -24.78 -24.38
C GLU D 200 -56.86 -24.51 -23.29
N ILE D 201 -56.97 -23.35 -22.62
CA ILE D 201 -56.08 -22.97 -21.52
C ILE D 201 -56.18 -23.96 -20.36
N ILE D 202 -57.41 -24.39 -20.01
CA ILE D 202 -57.61 -25.34 -18.92
C ILE D 202 -57.02 -26.73 -19.22
N THR D 203 -57.02 -27.12 -20.50
CA THR D 203 -56.52 -28.43 -20.91
C THR D 203 -55.00 -28.47 -21.08
N ILE D 204 -54.42 -27.44 -21.70
CA ILE D 204 -52.98 -27.43 -21.98
C ILE D 204 -52.15 -26.73 -20.89
N SER D 205 -52.62 -25.58 -20.40
CA SER D 205 -51.89 -24.80 -19.38
C SER D 205 -52.70 -24.70 -18.08
N PRO D 206 -52.73 -25.78 -17.26
CA PRO D 206 -53.55 -25.73 -16.05
C PRO D 206 -52.91 -25.08 -14.83
N GLU D 207 -51.71 -24.50 -14.97
CA GLU D 207 -51.01 -23.90 -13.83
C GLU D 207 -50.61 -22.47 -14.06
N ILE D 208 -50.94 -21.57 -13.14
CA ILE D 208 -50.54 -20.18 -13.28
C ILE D 208 -49.76 -19.76 -12.04
N GLN D 209 -48.46 -19.49 -12.17
CA GLN D 209 -47.63 -19.08 -11.03
C GLN D 209 -47.33 -17.58 -11.10
N PHE D 210 -47.27 -16.91 -9.95
CA PHE D 210 -46.97 -15.47 -9.91
C PHE D 210 -45.51 -15.25 -9.63
N ILE D 211 -44.81 -14.59 -10.56
CA ILE D 211 -43.38 -14.37 -10.44
C ILE D 211 -42.98 -12.89 -10.42
N LYS D 212 -41.71 -12.62 -10.04
CA LYS D 212 -41.12 -11.29 -10.04
C LYS D 212 -39.65 -11.43 -10.39
N ASP D 213 -39.20 -10.72 -11.42
CA ASP D 213 -37.81 -10.75 -11.85
C ASP D 213 -37.12 -9.54 -11.22
N PRO D 214 -36.22 -9.77 -10.24
CA PRO D 214 -35.54 -8.64 -9.60
C PRO D 214 -34.63 -7.87 -10.54
N THR D 215 -34.07 -8.54 -11.55
CA THR D 215 -33.19 -7.89 -12.52
C THR D 215 -33.94 -7.07 -13.57
N ALA D 216 -35.24 -7.33 -13.76
CA ALA D 216 -36.03 -6.61 -14.75
C ALA D 216 -36.45 -5.22 -14.29
N HIS D 217 -36.72 -4.32 -15.24
CA HIS D 217 -37.19 -2.97 -14.96
C HIS D 217 -38.61 -3.06 -14.40
N PRO D 218 -38.95 -2.30 -13.34
CA PRO D 218 -40.30 -2.40 -12.76
C PRO D 218 -41.47 -2.27 -13.75
N ASP D 219 -41.37 -1.37 -14.73
CA ASP D 219 -42.45 -1.17 -15.71
C ASP D 219 -42.52 -2.25 -16.81
N LYS D 220 -41.59 -3.20 -16.82
CA LYS D 220 -41.58 -4.27 -17.81
C LYS D 220 -42.46 -5.42 -17.36
N VAL D 221 -43.34 -5.89 -18.24
CA VAL D 221 -44.19 -7.04 -17.93
C VAL D 221 -43.41 -8.31 -18.23
N VAL D 222 -43.14 -9.11 -17.20
CA VAL D 222 -42.35 -10.33 -17.35
C VAL D 222 -43.22 -11.57 -17.33
N SER D 223 -43.09 -12.41 -18.35
CA SER D 223 -43.83 -13.66 -18.43
C SER D 223 -43.00 -14.67 -19.17
N PHE D 224 -42.82 -15.87 -18.59
CA PHE D 224 -42.04 -16.91 -19.24
C PHE D 224 -42.61 -18.32 -19.05
N SER D 225 -42.13 -19.27 -19.86
CA SER D 225 -42.55 -20.65 -19.79
C SER D 225 -41.39 -21.58 -20.16
N ASP D 226 -41.31 -22.74 -19.51
CA ASP D 226 -40.25 -23.71 -19.78
C ASP D 226 -40.87 -25.07 -20.04
N ASN D 227 -40.35 -25.81 -21.02
CA ASN D 227 -40.89 -27.14 -21.32
C ASN D 227 -40.39 -28.24 -20.37
N SER D 228 -39.51 -27.92 -19.41
CA SER D 228 -39.13 -28.87 -18.39
C SER D 228 -40.31 -29.03 -17.38
N VAL D 229 -41.16 -27.99 -17.27
CA VAL D 229 -42.40 -27.91 -16.50
C VAL D 229 -43.52 -27.56 -17.49
N PRO D 230 -43.96 -28.51 -18.35
CA PRO D 230 -45.00 -28.17 -19.33
C PRO D 230 -46.40 -28.14 -18.72
N GLY D 231 -47.07 -27.02 -18.95
CA GLY D 231 -48.40 -26.74 -18.43
C GLY D 231 -48.40 -25.56 -17.47
N ALA D 232 -47.23 -25.11 -17.00
CA ALA D 232 -47.12 -24.02 -16.06
C ALA D 232 -46.75 -22.71 -16.75
N LEU D 233 -47.58 -21.68 -16.52
CA LEU D 233 -47.41 -20.32 -17.04
C LEU D 233 -46.89 -19.47 -15.92
N TYR D 234 -45.78 -18.75 -16.13
CA TYR D 234 -45.20 -17.92 -15.10
C TYR D 234 -45.41 -16.46 -15.47
N VAL D 235 -46.35 -15.79 -14.79
CA VAL D 235 -46.68 -14.40 -15.11
C VAL D 235 -46.42 -13.45 -13.95
N SER D 236 -45.98 -12.23 -14.28
CA SER D 236 -45.72 -11.22 -13.26
C SER D 236 -46.98 -10.43 -13.03
N ILE D 237 -47.35 -10.22 -11.78
CA ILE D 237 -48.55 -9.45 -11.45
C ILE D 237 -48.17 -8.12 -10.80
N ARG D 238 -47.10 -8.10 -9.99
CA ARG D 238 -46.61 -6.87 -9.36
C ARG D 238 -45.63 -6.20 -10.30
N GLN D 239 -45.88 -4.93 -10.65
CA GLN D 239 -44.96 -4.19 -11.51
C GLN D 239 -44.55 -2.87 -10.87
N GLY D 240 -43.56 -2.96 -10.00
CA GLY D 240 -43.06 -1.83 -9.25
C GLY D 240 -43.99 -1.45 -8.14
N SER D 241 -44.39 -0.18 -8.11
CA SER D 241 -45.30 0.37 -7.11
C SER D 241 -46.80 0.14 -7.47
N ARG D 242 -47.09 -0.66 -8.52
CA ARG D 242 -48.46 -0.89 -8.96
C ARG D 242 -48.69 -2.39 -9.32
N TYR D 243 -49.90 -2.73 -9.78
CA TYR D 243 -50.25 -4.08 -10.21
C TYR D 243 -50.64 -4.06 -11.68
N ILE D 244 -50.45 -5.16 -12.38
CA ILE D 244 -50.79 -5.27 -13.79
C ILE D 244 -52.33 -5.21 -13.98
N ASP D 245 -52.80 -4.79 -15.17
CA ASP D 245 -54.25 -4.78 -15.44
C ASP D 245 -54.69 -6.09 -16.12
N GLN D 246 -56.01 -6.33 -16.23
CA GLN D 246 -56.55 -7.54 -16.84
C GLN D 246 -56.16 -7.76 -18.29
N TYR D 247 -55.89 -6.69 -19.06
CA TYR D 247 -55.52 -6.82 -20.47
C TYR D 247 -54.07 -7.26 -20.62
N ASP D 248 -53.16 -6.63 -19.87
CA ASP D 248 -51.74 -6.99 -19.91
C ASP D 248 -51.52 -8.38 -19.35
N LEU D 249 -52.27 -8.77 -18.31
CA LEU D 249 -52.14 -10.10 -17.73
C LEU D 249 -52.73 -11.16 -18.67
N ALA D 250 -53.82 -10.83 -19.40
CA ALA D 250 -54.37 -11.76 -20.38
C ALA D 250 -53.37 -11.96 -21.51
N ASP D 251 -52.66 -10.89 -21.93
CA ASP D 251 -51.61 -10.96 -22.95
C ASP D 251 -50.52 -11.94 -22.49
N SER D 252 -50.09 -11.80 -21.23
CA SER D 252 -49.06 -12.64 -20.63
C SER D 252 -49.51 -14.10 -20.61
N LEU D 253 -50.77 -14.36 -20.24
CA LEU D 253 -51.34 -15.71 -20.18
C LEU D 253 -51.43 -16.33 -21.57
N ILE D 254 -51.90 -15.58 -22.58
CA ILE D 254 -52.02 -16.09 -23.95
C ILE D 254 -50.63 -16.35 -24.54
N HIS D 255 -49.68 -15.45 -24.25
CA HIS D 255 -48.30 -15.56 -24.72
C HIS D 255 -47.67 -16.88 -24.27
N GLU D 256 -47.72 -17.18 -22.97
CA GLU D 256 -47.13 -18.40 -22.46
C GLU D 256 -47.96 -19.63 -22.76
N HIS D 257 -49.30 -19.49 -22.90
CA HIS D 257 -50.16 -20.62 -23.26
C HIS D 257 -49.81 -21.09 -24.67
N ARG D 258 -49.56 -20.17 -25.60
CA ARG D 258 -49.20 -20.53 -26.96
C ARG D 258 -47.89 -21.33 -27.02
N HIS D 259 -46.95 -21.06 -26.10
CA HIS D 259 -45.71 -21.84 -26.04
C HIS D 259 -46.05 -23.24 -25.59
N GLN D 260 -46.88 -23.38 -24.53
CA GLN D 260 -47.31 -24.67 -23.99
C GLN D 260 -48.08 -25.51 -25.01
N LYS D 261 -48.85 -24.85 -25.88
CA LYS D 261 -49.62 -25.51 -26.92
C LYS D 261 -48.68 -26.02 -28.00
N LEU D 262 -47.65 -25.25 -28.37
CA LEU D 262 -46.69 -25.68 -29.38
C LEU D 262 -45.77 -26.77 -28.84
N TYR D 263 -45.48 -26.78 -27.51
CA TYR D 263 -44.66 -27.82 -26.87
C TYR D 263 -45.33 -29.19 -27.07
N LEU D 264 -46.68 -29.22 -26.94
CA LEU D 264 -47.53 -30.39 -27.09
C LEU D 264 -47.46 -30.93 -28.53
N LEU D 265 -47.49 -30.03 -29.52
CA LEU D 265 -47.40 -30.42 -30.92
C LEU D 265 -45.98 -30.86 -31.30
N GLN D 266 -44.95 -30.31 -30.65
CA GLN D 266 -43.57 -30.67 -30.91
C GLN D 266 -43.28 -32.15 -30.57
N ARG D 267 -43.80 -32.64 -29.42
CA ARG D 267 -43.60 -34.01 -28.94
C ARG D 267 -43.89 -35.06 -30.02
N SER D 268 -45.06 -34.94 -30.62
CA SER D 268 -45.55 -35.80 -31.67
C SER D 268 -45.71 -34.89 -32.89
N ILE D 269 -45.16 -35.27 -34.05
CA ILE D 269 -45.17 -34.43 -35.26
C ILE D 269 -44.20 -33.24 -35.12
N PRO D 270 -42.96 -33.39 -35.62
CA PRO D 270 -42.00 -32.29 -35.52
C PRO D 270 -42.23 -31.23 -36.60
N LEU D 271 -41.78 -29.99 -36.34
CA LEU D 271 -42.00 -28.90 -37.28
C LEU D 271 -40.73 -28.40 -37.97
N ILE D 272 -39.56 -28.54 -37.33
CA ILE D 272 -38.31 -28.08 -37.92
C ILE D 272 -37.44 -29.28 -38.25
N GLU D 273 -37.04 -29.44 -39.54
CA GLU D 273 -36.19 -30.55 -40.01
C GLU D 273 -34.80 -30.34 -39.44
N ILE D 274 -34.21 -29.17 -39.70
CA ILE D 274 -32.87 -28.82 -39.26
C ILE D 274 -32.93 -27.44 -38.60
N ASP D 275 -32.60 -27.36 -37.31
CA ASP D 275 -32.63 -26.11 -36.56
C ASP D 275 -31.41 -25.22 -36.80
N ALA D 276 -31.00 -25.13 -38.07
CA ALA D 276 -29.87 -24.35 -38.56
C ALA D 276 -30.04 -24.10 -40.07
N PRO D 277 -29.49 -23.00 -40.62
CA PRO D 277 -28.73 -21.94 -39.95
C PRO D 277 -29.61 -21.01 -39.11
N LEU D 278 -28.98 -20.20 -38.24
CA LEU D 278 -29.74 -19.29 -37.39
C LEU D 278 -30.33 -18.14 -38.21
N VAL D 279 -31.57 -17.77 -37.89
CA VAL D 279 -32.30 -16.73 -38.60
C VAL D 279 -32.56 -15.52 -37.69
N PRO D 280 -32.67 -14.31 -38.28
CA PRO D 280 -32.95 -13.13 -37.44
C PRO D 280 -34.41 -13.01 -37.04
N SER D 281 -34.64 -12.60 -35.79
CA SER D 281 -35.99 -12.44 -35.26
C SER D 281 -36.26 -10.96 -34.99
N PRO D 282 -37.45 -10.46 -35.31
CA PRO D 282 -37.79 -9.06 -35.00
C PRO D 282 -37.94 -8.79 -33.49
N TRP D 283 -38.04 -9.85 -32.67
CA TRP D 283 -38.18 -9.72 -31.23
C TRP D 283 -36.85 -9.87 -30.47
N ARG D 284 -35.76 -10.32 -31.13
CA ARG D 284 -34.47 -10.44 -30.48
C ARG D 284 -33.33 -9.78 -31.28
N GLU D 285 -32.29 -9.31 -30.58
CA GLU D 285 -31.15 -8.65 -31.23
C GLU D 285 -30.20 -9.65 -31.87
N ASP D 286 -30.04 -10.82 -31.25
CA ASP D 286 -29.17 -11.89 -31.73
C ASP D 286 -29.88 -12.85 -32.70
N LEU D 287 -29.12 -13.66 -33.45
CA LEU D 287 -29.66 -14.64 -34.37
C LEU D 287 -30.23 -15.79 -33.56
N ARG D 288 -31.51 -16.11 -33.74
CA ARG D 288 -32.13 -17.20 -33.02
C ARG D 288 -32.42 -18.40 -33.95
N PRO D 289 -32.51 -19.63 -33.41
CA PRO D 289 -32.76 -20.79 -34.29
C PRO D 289 -34.16 -20.77 -34.90
N PRO D 290 -34.35 -21.44 -36.05
CA PRO D 290 -35.68 -21.47 -36.67
C PRO D 290 -36.83 -21.89 -35.75
N SER D 291 -36.59 -22.83 -34.83
CA SER D 291 -37.63 -23.26 -33.88
C SER D 291 -38.05 -22.15 -32.92
N GLY D 292 -37.13 -21.26 -32.58
CA GLY D 292 -37.39 -20.12 -31.72
C GLY D 292 -38.23 -19.07 -32.43
N LEU D 293 -37.96 -18.87 -33.74
CA LEU D 293 -38.74 -17.93 -34.55
C LEU D 293 -40.15 -18.51 -34.81
N LEU D 294 -40.27 -19.84 -34.94
CA LEU D 294 -41.57 -20.49 -35.13
C LEU D 294 -42.38 -20.32 -33.86
N HIS D 295 -41.76 -20.49 -32.68
CA HIS D 295 -42.45 -20.29 -31.41
C HIS D 295 -42.90 -18.85 -31.27
N ALA D 296 -42.07 -17.89 -31.70
CA ALA D 296 -42.40 -16.46 -31.66
C ALA D 296 -43.59 -16.11 -32.56
N ILE D 297 -43.60 -16.57 -33.82
CA ILE D 297 -44.71 -16.30 -34.75
C ILE D 297 -46.00 -16.96 -34.25
N PHE D 298 -45.90 -18.17 -33.71
CA PHE D 298 -47.07 -18.89 -33.19
C PHE D 298 -47.68 -18.17 -31.99
N VAL D 299 -46.83 -17.59 -31.13
CA VAL D 299 -47.28 -16.86 -29.96
C VAL D 299 -47.88 -15.52 -30.39
N PHE D 300 -47.16 -14.75 -31.22
CA PHE D 300 -47.62 -13.43 -31.63
C PHE D 300 -48.78 -13.42 -32.63
N THR D 301 -49.10 -14.56 -33.27
CA THR D 301 -50.27 -14.61 -34.16
C THR D 301 -51.53 -14.52 -33.30
N HIS D 302 -51.57 -15.28 -32.21
CA HIS D 302 -52.70 -15.27 -31.29
C HIS D 302 -52.80 -13.95 -30.53
N LEU D 303 -51.65 -13.34 -30.23
CA LEU D 303 -51.62 -12.04 -29.55
C LEU D 303 -52.13 -10.94 -30.49
N LEU D 304 -51.86 -11.05 -31.80
CA LEU D 304 -52.35 -10.10 -32.79
C LEU D 304 -53.87 -10.17 -32.85
N GLU D 305 -54.44 -11.39 -32.82
CA GLU D 305 -55.88 -11.62 -32.85
C GLU D 305 -56.56 -11.11 -31.57
N PHE D 306 -55.87 -11.21 -30.43
CA PHE D 306 -56.39 -10.76 -29.14
C PHE D 306 -56.48 -9.23 -29.11
N TRP D 307 -55.40 -8.55 -29.53
CA TRP D 307 -55.41 -7.09 -29.55
C TRP D 307 -56.26 -6.52 -30.70
N ALA D 308 -56.53 -7.33 -31.74
CA ALA D 308 -57.41 -6.90 -32.83
C ALA D 308 -58.85 -6.85 -32.31
N TYR D 309 -59.26 -7.85 -31.50
CA TYR D 309 -60.58 -7.91 -30.88
C TYR D 309 -60.73 -6.73 -29.92
N LEU D 310 -59.69 -6.39 -29.16
CA LEU D 310 -59.76 -5.27 -28.22
C LEU D 310 -59.82 -3.90 -28.92
N SER D 311 -59.25 -3.79 -30.13
CA SER D 311 -59.33 -2.54 -30.89
C SER D 311 -60.74 -2.36 -31.52
N ARG D 312 -61.52 -3.46 -31.64
CA ARG D 312 -62.88 -3.45 -32.15
C ARG D 312 -63.91 -3.70 -31.02
N GLU D 313 -63.59 -3.27 -29.78
CA GLU D 313 -64.45 -3.38 -28.59
C GLU D 313 -64.31 -2.17 -27.67
N ILE D 318 -59.20 1.19 -23.78
CA ILE D 318 -58.24 0.18 -24.22
C ILE D 318 -57.94 0.27 -25.72
N LYS D 319 -58.86 0.87 -26.52
CA LYS D 319 -58.71 1.01 -27.97
C LYS D 319 -57.41 1.71 -28.41
N VAL D 320 -56.85 2.57 -27.56
CA VAL D 320 -55.61 3.27 -27.89
C VAL D 320 -54.40 2.33 -27.83
N ARG D 321 -54.31 1.56 -26.74
CA ARG D 321 -53.24 0.60 -26.55
C ARG D 321 -53.35 -0.56 -27.52
N ALA D 322 -54.58 -1.01 -27.77
CA ALA D 322 -54.85 -2.13 -28.67
C ALA D 322 -54.47 -1.81 -30.10
N LYS D 323 -54.77 -0.59 -30.58
CA LYS D 323 -54.40 -0.19 -31.94
C LYS D 323 -52.88 -0.12 -32.12
N ASN D 324 -52.15 0.25 -31.04
CA ASN D 324 -50.70 0.32 -31.06
C ASN D 324 -50.10 -1.09 -31.10
N GLN D 325 -50.71 -2.04 -30.35
CA GLN D 325 -50.26 -3.42 -30.32
C GLN D 325 -50.49 -4.11 -31.65
N VAL D 326 -51.60 -3.82 -32.32
CA VAL D 326 -51.91 -4.42 -33.62
C VAL D 326 -50.88 -3.99 -34.66
N GLU D 327 -50.53 -2.70 -34.67
CA GLU D 327 -49.56 -2.18 -35.62
C GLU D 327 -48.15 -2.70 -35.34
N THR D 328 -47.76 -2.77 -34.06
CA THR D 328 -46.44 -3.26 -33.66
C THR D 328 -46.27 -4.74 -33.97
N ILE D 329 -47.27 -5.55 -33.61
CA ILE D 329 -47.21 -7.00 -33.81
C ILE D 329 -47.34 -7.40 -35.29
N ARG D 330 -48.30 -6.82 -36.04
CA ARG D 330 -48.46 -7.17 -37.46
C ARG D 330 -47.21 -6.83 -38.26
N THR D 331 -46.55 -5.70 -37.96
CA THR D 331 -45.32 -5.30 -38.63
C THR D 331 -44.23 -6.34 -38.42
N ARG D 332 -44.05 -6.79 -37.17
CA ARG D 332 -43.03 -7.79 -36.84
C ARG D 332 -43.35 -9.16 -37.41
N LEU D 333 -44.64 -9.53 -37.45
CA LEU D 333 -45.05 -10.81 -38.00
C LEU D 333 -44.79 -10.85 -39.50
N LEU D 334 -45.10 -9.75 -40.20
CA LEU D 334 -44.87 -9.65 -41.65
C LEU D 334 -43.40 -9.71 -42.08
N VAL D 335 -42.48 -9.59 -41.12
CA VAL D 335 -41.05 -9.65 -41.36
C VAL D 335 -40.50 -11.03 -40.94
N ALA D 336 -41.07 -11.61 -39.87
CA ALA D 336 -40.63 -12.92 -39.37
C ALA D 336 -41.11 -14.07 -40.22
N ILE D 337 -42.35 -14.00 -40.73
CA ILE D 337 -42.91 -15.06 -41.56
C ILE D 337 -42.08 -15.34 -42.83
N PRO D 338 -41.71 -14.33 -43.66
CA PRO D 338 -40.88 -14.63 -44.84
C PRO D 338 -39.50 -15.18 -44.49
N THR D 339 -38.95 -14.73 -43.35
CA THR D 339 -37.65 -15.16 -42.83
C THR D 339 -37.71 -16.65 -42.48
N LEU D 340 -38.79 -17.07 -41.81
CA LEU D 340 -38.98 -18.46 -41.42
C LEU D 340 -39.30 -19.38 -42.61
N LYS D 341 -39.96 -18.84 -43.63
CA LYS D 341 -40.31 -19.61 -44.83
C LYS D 341 -39.08 -20.16 -45.55
N ARG D 342 -37.96 -19.42 -45.50
CA ARG D 342 -36.73 -19.84 -46.15
C ARG D 342 -35.84 -20.62 -45.17
N THR D 343 -36.44 -21.55 -44.42
CA THR D 343 -35.71 -22.40 -43.47
C THR D 343 -36.08 -23.89 -43.67
N HIS D 344 -35.37 -24.81 -43.00
CA HIS D 344 -35.66 -26.24 -43.13
C HIS D 344 -36.93 -26.65 -42.36
N LEU D 345 -38.10 -26.32 -42.91
CA LEU D 345 -39.36 -26.65 -42.27
C LEU D 345 -39.83 -28.02 -42.75
N THR D 346 -40.42 -28.81 -41.85
CA THR D 346 -40.99 -30.10 -42.24
C THR D 346 -42.32 -29.81 -43.02
N THR D 347 -43.01 -30.84 -43.52
CA THR D 347 -44.29 -30.65 -44.22
C THR D 347 -45.31 -30.01 -43.28
N ALA D 348 -45.34 -30.47 -42.01
CA ALA D 348 -46.24 -29.97 -40.99
C ALA D 348 -45.85 -28.56 -40.54
N GLY D 349 -44.55 -28.30 -40.44
CA GLY D 349 -44.01 -27.00 -40.06
C GLY D 349 -44.35 -25.94 -41.09
N ARG D 350 -44.25 -26.29 -42.37
CA ARG D 350 -44.59 -25.34 -43.44
C ARG D 350 -46.09 -25.07 -43.48
N GLU D 351 -46.90 -26.11 -43.21
CA GLU D 351 -48.36 -25.98 -43.14
C GLU D 351 -48.78 -25.04 -42.01
N MET D 352 -48.03 -25.07 -40.88
CA MET D 352 -48.27 -24.20 -39.73
C MET D 352 -47.92 -22.76 -40.09
N VAL D 353 -46.76 -22.53 -40.71
CA VAL D 353 -46.33 -21.19 -41.12
C VAL D 353 -47.32 -20.56 -42.11
N GLU D 354 -47.80 -21.33 -43.09
CA GLU D 354 -48.74 -20.82 -44.08
C GLU D 354 -50.11 -20.48 -43.48
N GLN D 355 -50.50 -21.19 -42.42
CA GLN D 355 -51.76 -20.91 -41.74
C GLN D 355 -51.61 -19.64 -40.90
N LEU D 356 -50.46 -19.47 -40.22
CA LEU D 356 -50.18 -18.27 -39.42
C LEU D 356 -50.05 -17.03 -40.31
N GLU D 357 -49.51 -17.20 -41.53
CA GLU D 357 -49.35 -16.13 -42.50
C GLU D 357 -50.71 -15.67 -43.03
N GLU D 358 -51.63 -16.62 -43.22
CA GLU D 358 -52.97 -16.35 -43.70
C GLU D 358 -53.73 -15.50 -42.69
N LEU D 359 -53.57 -15.78 -41.39
CA LEU D 359 -54.24 -15.01 -40.34
C LEU D 359 -53.71 -13.59 -40.25
N THR D 360 -52.40 -13.41 -40.44
CA THR D 360 -51.77 -12.09 -40.40
C THR D 360 -52.20 -11.26 -41.61
N THR D 361 -52.31 -11.90 -42.78
CA THR D 361 -52.72 -11.26 -44.03
C THR D 361 -54.20 -10.88 -44.02
N ASN D 362 -55.08 -11.77 -43.51
CA ASN D 362 -56.53 -11.51 -43.45
C ASN D 362 -56.94 -10.46 -42.40
N MET D 363 -55.97 -9.76 -41.81
CA MET D 363 -56.21 -8.70 -40.84
C MET D 363 -55.47 -7.43 -41.25
N GLY D 364 -55.93 -6.80 -42.33
CA GLY D 364 -55.33 -5.58 -42.85
C GLY D 364 -56.03 -5.04 -44.08
N ILE E 34 -8.78 27.61 58.39
CA ILE E 34 -9.43 26.46 57.76
C ILE E 34 -9.92 26.81 56.32
N ALA E 35 -9.52 25.97 55.35
CA ALA E 35 -9.78 26.17 53.92
C ALA E 35 -11.16 25.78 53.39
N PHE E 36 -11.93 26.74 52.88
CA PHE E 36 -13.23 26.45 52.30
C PHE E 36 -13.09 26.63 50.79
N ILE E 37 -12.99 25.50 50.05
CA ILE E 37 -12.72 25.52 48.62
C ILE E 37 -13.80 24.87 47.74
N ASP E 38 -14.13 25.52 46.61
CA ASP E 38 -15.01 24.96 45.60
C ASP E 38 -14.04 24.26 44.64
N ILE E 39 -13.90 22.94 44.73
CA ILE E 39 -12.97 22.16 43.90
C ILE E 39 -13.16 22.38 42.38
N ALA E 40 -14.34 22.82 41.96
CA ALA E 40 -14.60 23.10 40.55
C ALA E 40 -13.88 24.40 40.15
N ALA E 41 -13.88 25.41 41.03
CA ALA E 41 -13.20 26.67 40.78
C ALA E 41 -11.68 26.50 40.86
N PHE E 42 -11.20 25.66 41.81
CA PHE E 42 -9.77 25.41 41.97
C PHE E 42 -9.17 24.76 40.71
N GLU E 43 -9.95 23.93 40.01
CA GLU E 43 -9.46 23.26 38.79
C GLU E 43 -8.98 24.23 37.71
N SER E 44 -9.82 25.17 37.28
CA SER E 44 -9.47 26.13 36.24
C SER E 44 -8.55 27.24 36.74
N PRO E 45 -7.48 27.54 36.01
CA PRO E 45 -6.55 28.60 36.45
C PRO E 45 -7.16 30.01 36.53
N LEU E 46 -8.25 30.23 35.81
CA LEU E 46 -8.94 31.51 35.77
C LEU E 46 -9.58 31.80 37.13
N THR E 47 -10.18 30.78 37.75
CA THR E 47 -10.89 30.90 39.00
C THR E 47 -10.17 30.29 40.22
N SER E 48 -8.89 29.96 40.09
CA SER E 48 -8.16 29.31 41.19
C SER E 48 -7.31 30.25 42.02
N SER E 49 -6.94 31.42 41.47
CA SER E 49 -6.05 32.40 42.10
C SER E 49 -6.25 32.60 43.62
N ALA E 50 -7.49 32.74 44.09
CA ALA E 50 -7.77 32.95 45.51
C ALA E 50 -7.65 31.66 46.33
N SER E 51 -8.11 30.53 45.76
CA SER E 51 -8.04 29.21 46.40
C SER E 51 -6.59 28.80 46.64
N ILE E 52 -5.72 29.04 45.66
CA ILE E 52 -4.30 28.71 45.76
C ILE E 52 -3.62 29.55 46.84
N GLN E 53 -3.95 30.85 46.88
CA GLN E 53 -3.40 31.77 47.88
C GLN E 53 -3.78 31.34 49.29
N GLN E 54 -5.03 30.86 49.46
CA GLN E 54 -5.54 30.39 50.74
C GLN E 54 -4.77 29.14 51.16
N LEU E 55 -4.55 28.21 50.22
CA LEU E 55 -3.83 26.97 50.49
C LEU E 55 -2.37 27.21 50.82
N LEU E 56 -1.76 28.17 50.14
CA LEU E 56 -0.36 28.53 50.36
C LEU E 56 -0.16 29.18 51.72
N GLU E 57 -1.14 29.97 52.18
CA GLU E 57 -1.05 30.62 53.49
C GLU E 57 -1.16 29.61 54.64
N HIS E 58 -1.97 28.56 54.44
CA HIS E 58 -2.15 27.50 55.43
C HIS E 58 -0.90 26.64 55.49
N TRP E 59 -0.30 26.34 54.32
CA TRP E 59 0.92 25.54 54.22
C TRP E 59 2.11 26.30 54.80
N ALA E 60 2.21 27.61 54.51
CA ALA E 60 3.30 28.43 55.05
C ALA E 60 3.25 28.55 56.56
N ALA E 61 2.04 28.47 57.16
CA ALA E 61 1.90 28.55 58.60
C ALA E 61 2.52 27.32 59.26
N ASP E 62 2.35 26.14 58.65
CA ASP E 62 2.92 24.90 59.19
C ASP E 62 4.42 24.83 58.88
N ALA E 63 4.81 25.24 57.66
CA ALA E 63 6.20 25.23 57.22
C ALA E 63 7.09 26.22 57.97
N ARG E 64 6.52 27.35 58.43
CA ARG E 64 7.32 28.31 59.21
C ARG E 64 7.68 27.73 60.57
N LYS E 65 6.77 26.94 61.17
CA LYS E 65 6.99 26.27 62.45
C LYS E 65 8.02 25.15 62.28
N GLU E 66 7.93 24.41 61.17
CA GLU E 66 8.85 23.34 60.84
C GLU E 66 10.26 23.89 60.59
N PHE E 67 10.34 25.04 59.91
CA PHE E 67 11.62 25.69 59.63
C PHE E 67 12.24 26.23 60.92
N GLU E 68 11.41 26.74 61.83
CA GLU E 68 11.84 27.25 63.13
C GLU E 68 12.39 26.09 63.96
N LYS E 69 11.73 24.92 63.93
CA LYS E 69 12.15 23.72 64.64
C LYS E 69 13.52 23.26 64.12
N ALA E 70 13.75 23.35 62.80
CA ALA E 70 15.02 22.97 62.19
C ALA E 70 16.12 23.94 62.57
N LEU E 71 15.80 25.25 62.68
CA LEU E 71 16.74 26.29 63.07
C LEU E 71 17.23 26.05 64.50
N MET E 72 16.33 25.60 65.40
CA MET E 72 16.65 25.31 66.79
C MET E 72 17.62 24.14 66.94
N ALA E 73 17.53 23.15 66.03
CA ALA E 73 18.41 21.98 66.04
C ALA E 73 19.83 22.35 65.57
N VAL E 74 19.95 23.36 64.68
CA VAL E 74 21.24 23.84 64.18
C VAL E 74 22.00 24.53 65.34
N LEU E 75 21.29 25.32 66.17
CA LEU E 75 21.90 25.99 67.31
C LEU E 75 22.29 25.02 68.44
N GLU E 76 21.69 23.82 68.48
CA GLU E 76 22.02 22.82 69.49
C GLU E 76 23.36 22.16 69.15
N LYS E 77 23.56 21.78 67.87
CA LYS E 77 24.82 21.15 67.45
C LYS E 77 25.93 22.18 67.28
N GLU E 78 25.65 23.31 66.63
CA GLU E 78 26.64 24.38 66.48
C GLU E 78 26.11 25.69 67.01
N PRO E 79 26.40 26.02 68.27
CA PRO E 79 25.94 27.30 68.83
C PRO E 79 26.58 28.53 68.17
N GLY E 80 27.72 28.34 67.50
CA GLY E 80 28.44 29.38 66.79
C GLY E 80 27.69 29.94 65.60
N LYS E 81 26.68 29.20 65.10
CA LYS E 81 25.83 29.64 63.98
C LYS E 81 24.70 30.58 64.43
N ARG E 82 24.78 31.14 65.65
CA ARG E 82 23.78 32.02 66.23
C ARG E 82 23.55 33.29 65.41
N ASP E 83 24.61 33.87 64.82
CA ASP E 83 24.52 35.09 64.02
C ASP E 83 23.77 34.88 62.70
N ILE E 84 23.91 33.70 62.08
CA ILE E 84 23.24 33.42 60.80
C ILE E 84 21.76 33.08 61.03
N ILE E 85 21.45 32.37 62.12
CA ILE E 85 20.09 32.00 62.52
C ILE E 85 19.25 33.26 62.79
N ASN E 86 19.87 34.26 63.44
CA ASN E 86 19.23 35.54 63.78
C ASN E 86 18.83 36.35 62.55
N GLN E 87 19.47 36.13 61.39
CA GLN E 87 19.10 36.82 60.16
C GLN E 87 17.71 36.40 59.68
N PHE E 88 17.32 35.14 59.94
CA PHE E 88 16.00 34.61 59.59
C PHE E 88 14.94 35.05 60.62
N GLN E 89 15.34 35.25 61.89
CA GLN E 89 14.46 35.71 62.96
C GLN E 89 14.02 37.15 62.66
N THR E 90 14.99 38.05 62.41
CA THR E 90 14.70 39.46 62.11
C THR E 90 14.16 39.68 60.67
N CYS E 91 14.10 38.62 59.86
CA CYS E 91 13.60 38.67 58.49
C CYS E 91 12.09 38.87 58.51
N PRO E 92 11.58 39.80 57.67
CA PRO E 92 10.14 40.04 57.61
C PRO E 92 9.32 38.78 57.32
N PRO E 93 8.15 38.64 57.97
CA PRO E 93 7.31 37.45 57.74
C PRO E 93 6.87 37.27 56.30
N GLU E 94 6.76 38.35 55.53
CA GLU E 94 6.36 38.28 54.12
C GLU E 94 7.42 37.56 53.28
N ILE E 95 8.70 37.78 53.61
CA ILE E 95 9.82 37.13 52.92
C ILE E 95 9.95 35.70 53.41
N LEU E 96 9.88 35.51 54.73
CA LEU E 96 9.99 34.21 55.38
C LEU E 96 8.89 33.24 54.96
N ASN E 97 7.67 33.72 54.71
CA ASN E 97 6.58 32.86 54.26
C ASN E 97 6.85 32.32 52.86
N LYS E 98 7.48 33.11 51.99
CA LYS E 98 7.80 32.66 50.63
C LYS E 98 9.03 31.74 50.63
N LEU E 99 9.98 31.99 51.54
CA LEU E 99 11.22 31.23 51.68
C LEU E 99 10.97 29.79 52.15
N VAL E 100 10.16 29.60 53.20
CA VAL E 100 9.92 28.27 53.75
C VAL E 100 9.17 27.34 52.79
N LEU E 101 8.55 27.87 51.72
CA LEU E 101 7.82 27.03 50.77
C LEU E 101 8.59 26.70 49.47
N ARG E 102 9.86 27.12 49.38
CA ARG E 102 10.69 26.85 48.22
C ARG E 102 11.05 25.37 48.21
N PRO E 103 11.05 24.70 47.04
CA PRO E 103 11.32 23.25 47.02
C PRO E 103 12.61 22.83 47.73
N SER E 104 13.69 23.58 47.53
CA SER E 104 14.98 23.30 48.16
C SER E 104 14.94 23.50 49.68
N VAL E 105 14.15 24.48 50.14
CA VAL E 105 14.00 24.78 51.57
C VAL E 105 13.14 23.73 52.26
N VAL E 106 12.06 23.24 51.60
CA VAL E 106 11.20 22.20 52.17
C VAL E 106 11.99 20.91 52.35
N LEU E 107 12.81 20.56 51.35
CA LEU E 107 13.64 19.35 51.45
C LEU E 107 14.66 19.49 52.58
N TRP E 108 15.32 20.66 52.67
CA TRP E 108 16.31 20.88 53.73
C TRP E 108 15.66 20.78 55.12
N THR E 109 14.47 21.40 55.27
CA THR E 109 13.68 21.40 56.49
C THR E 109 13.29 19.98 56.88
N THR E 110 12.82 19.19 55.91
CA THR E 110 12.39 17.80 56.13
C THR E 110 13.55 16.91 56.53
N VAL E 111 14.68 16.96 55.80
CA VAL E 111 15.87 16.18 56.09
C VAL E 111 16.43 16.52 57.48
N MET E 112 16.43 17.82 57.81
CA MET E 112 16.90 18.33 59.09
C MET E 112 16.06 17.86 60.27
N LEU E 113 14.73 17.94 60.16
CA LEU E 113 13.83 17.51 61.23
C LEU E 113 13.84 16.02 61.42
N GLN E 114 13.91 15.26 60.31
CA GLN E 114 13.94 13.81 60.40
C GLN E 114 15.25 13.33 61.01
N ALA E 115 16.37 14.01 60.72
CA ALA E 115 17.66 13.64 61.30
C ALA E 115 17.63 13.77 62.83
N SER E 116 16.99 14.82 63.36
CA SER E 116 16.86 15.02 64.80
C SER E 116 16.00 13.94 65.48
N ASN E 117 15.05 13.34 64.72
CA ASN E 117 14.20 12.25 65.23
C ASN E 117 14.77 10.85 64.92
N GLY E 118 16.04 10.77 64.50
CA GLY E 118 16.72 9.53 64.18
C GLY E 118 16.18 8.83 62.94
N ILE E 119 15.65 9.60 61.98
CA ILE E 119 15.10 9.03 60.75
C ILE E 119 15.88 9.47 59.52
N THR E 120 16.40 8.50 58.77
CA THR E 120 17.19 8.75 57.58
C THR E 120 16.33 8.95 56.33
N ILE E 121 16.77 9.87 55.45
CA ILE E 121 16.10 10.13 54.18
C ILE E 121 17.07 9.77 53.06
N HIS E 122 16.61 9.01 52.07
CA HIS E 122 17.47 8.60 50.96
C HIS E 122 16.95 9.08 49.61
N SER E 123 17.87 9.25 48.67
CA SER E 123 17.55 9.59 47.28
C SER E 123 17.11 8.32 46.54
N ILE E 124 16.50 8.46 45.35
CA ILE E 124 16.02 7.32 44.59
C ILE E 124 17.11 6.27 44.32
N ASP E 125 18.39 6.68 44.28
CA ASP E 125 19.48 5.74 44.06
C ASP E 125 20.02 5.08 45.35
N GLY E 126 19.29 5.20 46.45
CA GLY E 126 19.67 4.59 47.72
C GLY E 126 20.72 5.33 48.54
N GLU E 127 21.15 6.51 48.08
CA GLU E 127 22.16 7.27 48.80
C GLU E 127 21.55 8.10 49.92
N LEU E 128 22.24 8.18 51.05
CA LEU E 128 21.75 8.92 52.21
C LEU E 128 21.89 10.44 51.99
N ILE E 129 20.79 11.18 52.19
CA ILE E 129 20.81 12.64 52.07
C ILE E 129 21.20 13.20 53.42
N ALA E 130 22.46 13.64 53.55
CA ALA E 130 22.99 14.15 54.81
C ALA E 130 22.49 15.56 55.14
N PRO E 131 22.13 15.80 56.41
CA PRO E 131 21.68 17.15 56.78
C PRO E 131 22.85 18.14 56.82
N ASP E 132 22.83 19.13 55.92
CA ASP E 132 23.89 20.11 55.80
C ASP E 132 23.54 21.42 56.49
N ILE E 133 24.21 21.69 57.62
CA ILE E 133 24.02 22.93 58.37
C ILE E 133 24.46 24.15 57.55
N ASN E 134 25.53 24.00 56.74
CA ASN E 134 26.09 25.05 55.89
C ASN E 134 25.16 25.56 54.78
N TYR E 135 24.00 24.92 54.59
CA TYR E 135 23.04 25.37 53.59
C TYR E 135 22.39 26.69 54.01
N LEU E 136 22.25 26.92 55.33
CA LEU E 136 21.67 28.15 55.89
C LEU E 136 22.41 29.41 55.46
N GLU E 137 23.73 29.32 55.25
CA GLU E 137 24.52 30.47 54.82
C GLU E 137 24.20 30.83 53.36
N GLU E 138 24.01 29.82 52.51
CA GLU E 138 23.62 30.03 51.11
C GLU E 138 22.20 30.62 51.06
N LEU E 139 21.31 30.20 51.99
CA LEU E 139 19.94 30.69 52.11
C LEU E 139 19.91 32.14 52.58
N ALA E 140 20.81 32.49 53.51
CA ALA E 140 20.91 33.86 54.02
C ALA E 140 21.34 34.84 52.92
N GLU E 141 22.19 34.39 52.00
CA GLU E 141 22.65 35.18 50.87
C GLU E 141 21.53 35.39 49.82
N SER E 142 20.56 34.46 49.74
CA SER E 142 19.43 34.59 48.82
C SER E 142 18.40 35.64 49.29
N LEU E 143 18.39 35.96 50.60
CA LEU E 143 17.50 36.97 51.17
C LEU E 143 17.95 38.38 50.77
N LYS E 144 19.27 38.60 50.69
CA LYS E 144 19.88 39.88 50.35
C LYS E 144 19.70 40.28 48.86
N SER E 145 19.49 39.30 47.98
CA SER E 145 19.26 39.58 46.55
C SER E 145 17.90 38.95 46.16
N PRO E 146 16.75 39.57 46.53
CA PRO E 146 15.46 38.96 46.18
C PRO E 146 15.08 39.02 44.70
N ASN E 147 15.78 39.85 43.91
CA ASN E 147 15.54 39.94 42.48
C ASN E 147 16.19 38.75 41.78
N GLU E 148 15.37 37.83 41.28
CA GLU E 148 15.87 36.63 40.61
C GLU E 148 15.20 36.43 39.25
N GLY E 149 13.90 36.72 39.19
CA GLY E 149 13.08 36.54 38.00
C GLY E 149 11.75 35.91 38.35
N VAL E 150 11.13 35.25 37.36
CA VAL E 150 9.84 34.59 37.62
C VAL E 150 10.16 33.12 37.93
N PRO E 151 10.17 32.12 37.00
CA PRO E 151 10.60 30.78 37.42
C PRO E 151 12.13 30.68 37.30
N TYR E 152 12.77 30.12 38.32
CA TYR E 152 14.23 29.98 38.34
C TYR E 152 14.63 28.90 37.34
N ILE E 153 14.92 29.30 36.10
CA ILE E 153 15.29 28.37 35.03
C ILE E 153 16.70 27.80 35.22
N ASN E 154 16.77 26.51 35.56
CA ASN E 154 17.95 25.69 35.79
C ASN E 154 18.94 26.31 36.78
N ARG E 155 18.47 26.60 38.01
CA ARG E 155 19.35 27.19 39.02
C ARG E 155 20.24 26.12 39.66
N ASP E 156 21.50 26.46 39.91
CA ASP E 156 22.44 25.53 40.52
C ASP E 156 22.20 25.44 42.01
N ASP E 157 21.40 24.45 42.44
CA ASP E 157 21.12 24.24 43.85
C ASP E 157 21.16 22.75 44.13
N LEU E 158 22.08 22.32 44.99
CA LEU E 158 22.23 20.91 45.35
C LEU E 158 20.97 20.38 46.03
N TRP E 159 20.29 21.22 46.82
CA TRP E 159 19.08 20.80 47.51
C TRP E 159 17.83 20.70 46.60
N LEU E 160 18.04 20.68 45.29
CA LEU E 160 17.04 20.44 44.26
C LEU E 160 17.40 19.14 43.51
N ARG E 161 18.70 18.81 43.43
CA ARG E 161 19.24 17.62 42.79
C ARG E 161 19.36 16.43 43.75
N LEU E 162 19.42 16.69 45.07
CA LEU E 162 19.59 15.66 46.11
C LEU E 162 18.59 14.50 46.08
N PRO E 163 17.26 14.68 45.84
CA PRO E 163 16.36 13.49 45.83
C PRO E 163 16.62 12.47 44.72
N PHE E 164 17.47 12.80 43.74
CA PHE E 164 17.75 11.91 42.61
C PHE E 164 19.15 11.29 42.63
N GLY E 165 20.09 11.95 43.30
CA GLY E 165 21.46 11.47 43.42
C GLY E 165 22.16 11.33 42.08
N GLN E 166 22.59 10.11 41.75
CA GLN E 166 23.26 9.86 40.48
C GLN E 166 22.35 9.20 39.43
N ARG E 167 21.12 8.78 39.80
CA ARG E 167 20.23 8.14 38.83
C ARG E 167 19.75 9.10 37.74
N ILE E 168 19.66 10.39 38.05
CA ILE E 168 19.22 11.41 37.09
C ILE E 168 20.32 12.46 36.90
N LEU E 169 20.67 12.76 35.65
CA LEU E 169 21.69 13.75 35.38
C LEU E 169 21.10 15.13 35.18
N PHE E 170 21.78 16.16 35.67
CA PHE E 170 21.29 17.53 35.56
C PHE E 170 22.07 18.29 34.50
N GLU E 171 21.37 18.79 33.47
CA GLU E 171 22.00 19.51 32.35
C GLU E 171 22.56 20.84 32.80
N SER E 172 23.71 21.21 32.24
CA SER E 172 24.35 22.47 32.57
C SER E 172 25.15 23.03 31.38
N ASP E 173 25.65 24.27 31.51
CA ASP E 173 26.47 24.94 30.51
C ASP E 173 25.67 25.19 29.18
N GLU E 174 26.21 24.78 28.01
CA GLU E 174 25.62 24.96 26.70
C GLU E 174 24.25 24.29 26.58
N VAL E 175 24.08 23.14 27.26
CA VAL E 175 22.82 22.40 27.24
C VAL E 175 21.73 23.21 27.93
N GLY E 176 22.07 23.77 29.10
CA GLY E 176 21.14 24.61 29.86
C GLY E 176 20.86 25.93 29.19
N ASN E 177 21.84 26.47 28.46
CA ASN E 177 21.73 27.73 27.75
C ASN E 177 20.67 27.65 26.66
N ILE E 178 20.66 26.54 25.89
CA ILE E 178 19.69 26.32 24.82
C ILE E 178 18.30 26.07 25.40
N GLY E 179 18.24 25.22 26.43
CA GLY E 179 17.00 24.88 27.12
C GLY E 179 16.27 26.07 27.71
N THR E 180 17.01 27.11 28.15
CA THR E 180 16.40 28.33 28.70
C THR E 180 15.57 29.05 27.62
N THR E 181 16.08 29.07 26.39
CA THR E 181 15.39 29.72 25.26
C THR E 181 14.14 28.94 24.86
N ILE E 182 14.21 27.61 24.89
CA ILE E 182 13.07 26.75 24.57
C ILE E 182 11.99 26.89 25.67
N VAL E 183 12.41 27.00 26.94
CA VAL E 183 11.52 27.20 28.09
C VAL E 183 10.78 28.53 27.94
N HIS E 184 11.49 29.58 27.50
CA HIS E 184 10.91 30.89 27.29
C HIS E 184 9.81 30.87 26.25
N GLU E 185 10.02 30.10 25.17
CA GLU E 185 9.02 29.98 24.13
C GLU E 185 7.84 29.11 24.56
N SER E 186 8.09 28.11 25.43
CA SER E 186 7.04 27.26 25.96
C SER E 186 6.15 28.06 26.90
N LEU E 187 6.76 28.89 27.77
CA LEU E 187 6.03 29.74 28.70
C LEU E 187 5.24 30.82 27.96
N LYS E 188 5.80 31.35 26.85
CA LYS E 188 5.15 32.35 26.01
C LYS E 188 3.93 31.73 25.30
N LEU E 189 4.05 30.45 24.90
CA LEU E 189 3.00 29.66 24.26
C LEU E 189 1.88 29.38 25.27
N ILE E 190 2.25 29.08 26.52
CA ILE E 190 1.31 28.83 27.60
C ILE E 190 0.55 30.13 27.93
N GLU E 191 1.27 31.26 27.96
CA GLU E 191 0.71 32.57 28.23
C GLU E 191 -0.28 32.99 27.14
N SER E 192 0.02 32.65 25.88
CA SER E 192 -0.88 32.97 24.77
C SER E 192 -2.19 32.17 24.84
N TRP E 193 -2.12 30.93 25.38
CA TRP E 193 -3.30 30.10 25.54
C TRP E 193 -4.13 30.58 26.75
N ARG E 194 -3.52 30.59 27.95
CA ARG E 194 -4.16 31.02 29.18
C ARG E 194 -3.17 31.80 30.00
N PRO E 195 -3.27 33.14 30.03
CA PRO E 195 -2.35 33.92 30.87
C PRO E 195 -2.51 33.62 32.36
N ALA E 196 -3.69 33.11 32.77
CA ALA E 196 -3.98 32.70 34.14
C ALA E 196 -3.18 31.47 34.54
N LEU E 197 -2.89 30.57 33.57
CA LEU E 197 -2.11 29.35 33.82
C LEU E 197 -0.64 29.69 34.01
N LEU E 198 -0.13 30.71 33.29
CA LEU E 198 1.27 31.13 33.48
C LEU E 198 1.43 31.73 34.88
N SER E 199 0.46 32.54 35.32
CA SER E 199 0.52 33.12 36.67
C SER E 199 0.46 32.02 37.74
N GLU E 200 -0.36 30.99 37.50
CA GLU E 200 -0.52 29.82 38.36
C GLU E 200 0.82 29.08 38.46
N ILE E 201 1.53 28.94 37.32
CA ILE E 201 2.84 28.28 37.25
C ILE E 201 3.87 29.05 38.10
N ILE E 202 3.87 30.38 38.04
CA ILE E 202 4.81 31.19 38.82
C ILE E 202 4.57 31.08 40.34
N THR E 203 3.31 30.88 40.74
CA THR E 203 2.95 30.80 42.16
C THR E 203 3.18 29.41 42.75
N ILE E 204 2.78 28.36 42.03
CA ILE E 204 2.87 26.98 42.54
C ILE E 204 4.16 26.27 42.17
N SER E 205 4.61 26.41 40.91
CA SER E 205 5.82 25.74 40.42
C SER E 205 6.89 26.75 40.01
N PRO E 206 7.60 27.38 40.97
CA PRO E 206 8.57 28.42 40.60
C PRO E 206 9.94 27.91 40.18
N GLU E 207 10.15 26.60 40.06
CA GLU E 207 11.47 26.07 39.71
C GLU E 207 11.42 25.14 38.54
N ILE E 208 12.28 25.35 37.56
CA ILE E 208 12.35 24.46 36.41
C ILE E 208 13.77 23.94 36.29
N GLN E 209 13.99 22.64 36.52
CA GLN E 209 15.31 22.04 36.40
C GLN E 209 15.42 21.22 35.11
N PHE E 210 16.60 21.22 34.47
CA PHE E 210 16.80 20.45 33.24
C PHE E 210 17.45 19.13 33.57
N ILE E 211 16.78 18.03 33.22
CA ILE E 211 17.27 16.69 33.54
C ILE E 211 17.48 15.81 32.30
N LYS E 212 18.18 14.68 32.48
CA LYS E 212 18.40 13.68 31.46
C LYS E 212 18.43 12.32 32.13
N ASP E 213 17.60 11.40 31.66
CA ASP E 213 17.54 10.06 32.22
C ASP E 213 18.38 9.16 31.31
N PRO E 214 19.55 8.70 31.81
CA PRO E 214 20.41 7.86 30.96
C PRO E 214 19.77 6.51 30.61
N THR E 215 18.91 5.98 31.49
CA THR E 215 18.24 4.70 31.25
C THR E 215 17.08 4.81 30.25
N ALA E 216 16.54 6.02 30.04
CA ALA E 216 15.42 6.20 29.14
C ALA E 216 15.84 6.19 27.67
N HIS E 217 14.90 5.84 26.78
CA HIS E 217 15.13 5.83 25.33
C HIS E 217 15.29 7.27 24.86
N PRO E 218 16.27 7.56 23.98
CA PRO E 218 16.48 8.95 23.54
C PRO E 218 15.24 9.69 23.03
N ASP E 219 14.36 9.02 22.28
CA ASP E 219 13.14 9.67 21.76
C ASP E 219 12.00 9.84 22.78
N LYS E 220 12.19 9.36 24.01
CA LYS E 220 11.17 9.49 25.05
C LYS E 220 11.34 10.82 25.78
N VAL E 221 10.23 11.55 25.94
CA VAL E 221 10.24 12.81 26.68
C VAL E 221 10.10 12.50 28.17
N VAL E 222 11.12 12.82 28.96
CA VAL E 222 11.12 12.53 30.38
C VAL E 222 10.83 13.76 31.22
N SER E 223 9.83 13.68 32.08
CA SER E 223 9.49 14.78 32.98
C SER E 223 8.92 14.21 34.25
N PHE E 224 9.46 14.63 35.41
CA PHE E 224 8.95 14.13 36.68
C PHE E 224 8.90 15.21 37.77
N SER E 225 8.17 14.92 38.84
CA SER E 225 8.04 15.81 39.98
C SER E 225 7.91 15.00 41.28
N ASP E 226 8.50 15.49 42.36
CA ASP E 226 8.44 14.81 43.64
C ASP E 226 7.92 15.76 44.70
N ASN E 227 7.06 15.27 45.61
CA ASN E 227 6.52 16.08 46.69
C ASN E 227 7.50 16.33 47.83
N SER E 228 8.70 15.70 47.81
CA SER E 228 9.75 15.99 48.80
C SER E 228 10.41 17.35 48.51
N VAL E 229 10.36 17.79 47.24
CA VAL E 229 10.84 19.08 46.71
C VAL E 229 9.64 19.73 45.98
N PRO E 230 8.62 20.20 46.74
CA PRO E 230 7.43 20.77 46.07
C PRO E 230 7.66 22.17 45.53
N GLY E 231 7.34 22.31 44.25
CA GLY E 231 7.50 23.53 43.48
C GLY E 231 8.51 23.39 42.36
N ALA E 232 9.28 22.30 42.36
CA ALA E 232 10.28 22.07 41.34
C ALA E 232 9.79 21.08 40.29
N LEU E 233 9.86 21.51 39.01
CA LEU E 233 9.49 20.74 37.84
C LEU E 233 10.77 20.25 37.18
N TYR E 234 10.90 18.95 36.93
CA TYR E 234 12.10 18.40 36.33
C TYR E 234 11.79 17.97 34.91
N VAL E 235 12.23 18.75 33.92
CA VAL E 235 11.93 18.46 32.52
C VAL E 235 13.17 18.17 31.69
N SER E 236 13.04 17.25 30.72
CA SER E 236 14.16 16.92 29.84
C SER E 236 14.10 17.82 28.64
N ILE E 237 15.25 18.41 28.29
CA ILE E 237 15.32 19.28 27.13
C ILE E 237 16.13 18.62 26.01
N ARG E 238 17.19 17.90 26.37
CA ARG E 238 17.99 17.18 25.38
C ARG E 238 17.44 15.76 25.21
N GLN E 239 17.17 15.36 23.96
CA GLN E 239 16.64 14.01 23.68
C GLN E 239 17.37 13.33 22.52
N GLY E 240 18.45 12.65 22.87
CA GLY E 240 19.30 11.98 21.92
C GLY E 240 20.15 12.98 21.17
N SER E 241 20.09 12.89 19.84
CA SER E 241 20.81 13.76 18.92
C SER E 241 20.04 15.09 18.64
N ARG E 242 18.95 15.36 19.36
CA ARG E 242 18.15 16.57 19.13
C ARG E 242 17.74 17.26 20.46
N TYR E 243 16.97 18.34 20.36
CA TYR E 243 16.41 19.07 21.48
C TYR E 243 14.88 19.03 21.36
N ILE E 244 14.19 19.11 22.48
CA ILE E 244 12.73 19.13 22.51
C ILE E 244 12.20 20.45 21.89
N ASP E 245 10.98 20.45 21.36
CA ASP E 245 10.39 21.68 20.83
C ASP E 245 9.52 22.40 21.90
N GLN E 246 9.10 23.64 21.64
CA GLN E 246 8.31 24.42 22.59
C GLN E 246 6.97 23.79 22.97
N TYR E 247 6.37 22.97 22.10
CA TYR E 247 5.08 22.34 22.39
C TYR E 247 5.25 21.15 23.32
N ASP E 248 6.24 20.29 23.06
CA ASP E 248 6.50 19.14 23.90
C ASP E 248 7.02 19.57 25.26
N LEU E 249 7.82 20.66 25.33
CA LEU E 249 8.32 21.17 26.60
C LEU E 249 7.20 21.84 27.39
N ALA E 250 6.25 22.50 26.71
CA ALA E 250 5.11 23.09 27.41
C ALA E 250 4.24 21.98 27.99
N ASP E 251 4.08 20.85 27.26
CA ASP E 251 3.35 19.68 27.74
C ASP E 251 4.00 19.15 29.04
N SER E 252 5.34 19.04 29.03
CA SER E 252 6.11 18.57 30.17
C SER E 252 5.92 19.50 31.36
N LEU E 253 5.96 20.82 31.14
CA LEU E 253 5.78 21.81 32.19
C LEU E 253 4.38 21.78 32.78
N ILE E 254 3.34 21.69 31.93
CA ILE E 254 1.95 21.61 32.40
C ILE E 254 1.71 20.30 33.16
N HIS E 255 2.29 19.19 32.66
CA HIS E 255 2.17 17.88 33.29
C HIS E 255 2.69 17.91 34.73
N GLU E 256 3.93 18.40 34.95
CA GLU E 256 4.47 18.43 36.30
C GLU E 256 3.87 19.53 37.15
N HIS E 257 3.42 20.64 36.53
CA HIS E 257 2.77 21.71 37.29
C HIS E 257 1.46 21.21 37.90
N ARG E 258 0.69 20.42 37.14
CA ARG E 258 -0.57 19.88 37.64
C ARG E 258 -0.35 18.97 38.85
N HIS E 259 0.79 18.26 38.94
CA HIS E 259 1.11 17.44 40.11
C HIS E 259 1.35 18.37 41.29
N GLN E 260 2.15 19.43 41.10
CA GLN E 260 2.47 20.40 42.12
C GLN E 260 1.23 21.12 42.65
N LYS E 261 0.24 21.35 41.78
CA LYS E 261 -1.00 22.02 42.13
C LYS E 261 -1.87 21.08 42.97
N LEU E 262 -1.91 19.79 42.63
CA LEU E 262 -2.71 18.82 43.38
C LEU E 262 -2.07 18.52 44.72
N TYR E 263 -0.74 18.54 44.84
CA TYR E 263 -0.07 18.29 46.12
C TYR E 263 -0.45 19.35 47.17
N LEU E 264 -0.70 20.59 46.72
CA LEU E 264 -1.12 21.73 47.53
C LEU E 264 -2.55 21.53 48.03
N LEU E 265 -3.44 21.02 47.15
CA LEU E 265 -4.82 20.76 47.54
C LEU E 265 -4.89 19.60 48.52
N GLN E 266 -4.21 18.48 48.19
CA GLN E 266 -4.15 17.27 49.05
C GLN E 266 -3.65 17.60 50.45
N ARG E 267 -2.78 18.61 50.58
CA ARG E 267 -2.19 19.03 51.84
C ARG E 267 -3.22 19.54 52.84
N SER E 268 -4.34 20.09 52.35
CA SER E 268 -5.35 20.64 53.23
C SER E 268 -6.65 19.85 53.14
N ILE E 269 -7.04 19.47 51.93
CA ILE E 269 -8.25 18.70 51.70
C ILE E 269 -7.93 17.36 51.07
N PRO E 270 -7.96 16.27 51.87
CA PRO E 270 -7.66 14.94 51.31
C PRO E 270 -8.66 14.52 50.25
N LEU E 271 -8.18 13.83 49.20
CA LEU E 271 -9.05 13.42 48.09
C LEU E 271 -9.30 11.91 48.04
N ILE E 272 -8.39 11.11 48.62
CA ILE E 272 -8.54 9.65 48.68
C ILE E 272 -8.71 9.20 50.13
N GLU E 273 -9.82 8.53 50.43
CA GLU E 273 -10.10 8.03 51.76
C GLU E 273 -9.20 6.84 52.11
N ILE E 274 -9.09 5.85 51.20
CA ILE E 274 -8.25 4.67 51.34
C ILE E 274 -7.52 4.44 50.03
N ASP E 275 -6.19 4.53 50.05
CA ASP E 275 -5.37 4.34 48.85
C ASP E 275 -5.15 2.87 48.46
N ALA E 276 -6.22 2.08 48.54
CA ALA E 276 -6.27 0.66 48.23
C ALA E 276 -7.72 0.25 47.95
N PRO E 277 -7.98 -0.79 47.12
CA PRO E 277 -7.01 -1.62 46.40
C PRO E 277 -6.39 -0.91 45.19
N LEU E 278 -5.32 -1.47 44.63
CA LEU E 278 -4.67 -0.84 43.49
C LEU E 278 -5.52 -0.96 42.24
N VAL E 279 -5.54 0.12 41.44
CA VAL E 279 -6.34 0.20 40.22
C VAL E 279 -5.49 0.32 38.97
N PRO E 280 -6.01 -0.16 37.83
CA PRO E 280 -5.24 -0.07 36.60
C PRO E 280 -5.29 1.33 35.98
N SER E 281 -4.14 1.77 35.47
CA SER E 281 -4.04 3.07 34.82
C SER E 281 -3.74 2.88 33.34
N PRO E 282 -4.39 3.66 32.46
CA PRO E 282 -4.09 3.56 31.03
C PRO E 282 -2.69 4.07 30.67
N TRP E 283 -2.02 4.78 31.59
CA TRP E 283 -0.68 5.30 31.36
C TRP E 283 0.44 4.43 31.93
N ARG E 284 0.11 3.41 32.75
CA ARG E 284 1.12 2.51 33.29
C ARG E 284 0.76 1.03 33.10
N GLU E 285 1.79 0.18 33.01
CA GLU E 285 1.58 -1.26 32.81
C GLU E 285 1.18 -1.95 34.12
N ASP E 286 1.74 -1.50 35.23
CA ASP E 286 1.47 -2.05 36.56
C ASP E 286 0.24 -1.39 37.24
N LEU E 287 -0.28 -2.04 38.29
CA LEU E 287 -1.42 -1.51 39.04
C LEU E 287 -0.91 -0.36 39.90
N ARG E 288 -1.51 0.81 39.77
CA ARG E 288 -1.12 1.97 40.57
C ARG E 288 -2.19 2.33 41.62
N PRO E 289 -1.82 3.01 42.73
CA PRO E 289 -2.82 3.35 43.74
C PRO E 289 -3.84 4.38 43.26
N PRO E 290 -5.04 4.41 43.86
CA PRO E 290 -6.06 5.40 43.44
C PRO E 290 -5.58 6.85 43.40
N SER E 291 -4.71 7.25 44.35
CA SER E 291 -4.18 8.62 44.36
C SER E 291 -3.33 8.90 43.14
N GLY E 292 -2.64 7.88 42.62
CA GLY E 292 -1.82 8.00 41.42
C GLY E 292 -2.67 8.19 40.19
N LEU E 293 -3.79 7.44 40.11
CA LEU E 293 -4.72 7.55 38.99
C LEU E 293 -5.46 8.90 39.04
N LEU E 294 -5.72 9.45 40.25
CA LEU E 294 -6.33 10.77 40.39
C LEU E 294 -5.35 11.82 39.92
N HIS E 295 -4.08 11.70 40.30
CA HIS E 295 -3.06 12.63 39.87
C HIS E 295 -2.90 12.56 38.35
N ALA E 296 -3.02 11.36 37.75
CA ALA E 296 -2.92 11.17 36.31
C ALA E 296 -4.07 11.84 35.56
N ILE E 297 -5.32 11.65 36.00
CA ILE E 297 -6.48 12.28 35.36
C ILE E 297 -6.42 13.79 35.51
N PHE E 298 -5.98 14.29 36.67
CA PHE E 298 -5.86 15.72 36.93
C PHE E 298 -4.83 16.36 36.02
N VAL E 299 -3.72 15.65 35.76
CA VAL E 299 -2.64 16.11 34.88
C VAL E 299 -3.12 16.08 33.42
N PHE E 300 -3.68 14.95 32.97
CA PHE E 300 -4.09 14.78 31.59
C PHE E 300 -5.36 15.52 31.18
N THR E 301 -6.14 16.02 32.15
CA THR E 301 -7.31 16.83 31.80
C THR E 301 -6.81 18.16 31.25
N HIS E 302 -5.82 18.78 31.92
CA HIS E 302 -5.21 20.02 31.48
C HIS E 302 -4.43 19.86 30.20
N LEU E 303 -3.78 18.69 30.01
CA LEU E 303 -3.06 18.42 28.77
C LEU E 303 -3.99 18.15 27.60
N LEU E 304 -5.21 17.66 27.85
CA LEU E 304 -6.21 17.48 26.81
C LEU E 304 -6.69 18.87 26.34
N GLU E 305 -6.88 19.81 27.29
CA GLU E 305 -7.30 21.18 26.98
C GLU E 305 -6.20 21.94 26.23
N PHE E 306 -4.93 21.67 26.55
CA PHE E 306 -3.78 22.31 25.91
C PHE E 306 -3.67 21.88 24.46
N TRP E 307 -3.75 20.55 24.20
CA TRP E 307 -3.67 20.06 22.84
C TRP E 307 -4.95 20.32 22.04
N ALA E 308 -6.09 20.57 22.71
CA ALA E 308 -7.33 20.93 22.01
C ALA E 308 -7.18 22.34 21.46
N TYR E 309 -6.57 23.26 22.23
CA TYR E 309 -6.31 24.63 21.80
C TYR E 309 -5.35 24.61 20.62
N LEU E 310 -4.32 23.76 20.65
CA LEU E 310 -3.35 23.67 19.56
C LEU E 310 -3.94 23.06 18.28
N SER E 311 -4.96 22.19 18.41
CA SER E 311 -5.60 21.59 17.26
C SER E 311 -6.64 22.50 16.61
N ARG E 312 -7.03 23.61 17.28
CA ARG E 312 -8.01 24.54 16.72
C ARG E 312 -7.34 25.89 16.41
N GLU E 313 -6.79 26.57 17.42
CA GLU E 313 -6.13 27.86 17.23
C GLU E 313 -4.61 27.73 17.06
N GLY E 314 -4.16 26.59 16.56
CA GLY E 314 -2.75 26.35 16.32
C GLY E 314 -2.48 26.22 14.85
N GLN E 315 -1.22 26.39 14.47
CA GLN E 315 -0.79 26.33 13.07
C GLN E 315 -0.83 24.91 12.50
N ASP E 316 -0.74 24.77 11.16
CA ASP E 316 -0.75 23.47 10.49
C ASP E 316 0.46 22.60 10.90
N GLN E 317 1.60 23.25 11.26
CA GLN E 317 2.86 22.63 11.70
C GLN E 317 2.67 21.74 12.95
N ILE E 318 1.65 22.04 13.77
CA ILE E 318 1.36 21.34 15.00
C ILE E 318 -0.03 20.70 15.00
N LYS E 319 -0.97 21.16 14.15
CA LYS E 319 -2.33 20.63 14.10
C LYS E 319 -2.41 19.12 13.86
N VAL E 320 -1.37 18.52 13.26
CA VAL E 320 -1.34 17.07 13.03
C VAL E 320 -1.06 16.35 14.35
N ARG E 321 -0.04 16.79 15.07
CA ARG E 321 0.34 16.20 16.34
C ARG E 321 -0.70 16.47 17.40
N ALA E 322 -1.29 17.67 17.41
CA ALA E 322 -2.30 18.06 18.38
C ALA E 322 -3.57 17.25 18.24
N LYS E 323 -4.01 16.97 17.01
CA LYS E 323 -5.21 16.16 16.79
C LYS E 323 -4.99 14.70 17.26
N ASN E 324 -3.75 14.21 17.14
CA ASN E 324 -3.37 12.87 17.58
C ASN E 324 -3.36 12.82 19.12
N GLN E 325 -2.86 13.87 19.77
CA GLN E 325 -2.81 13.96 21.22
C GLN E 325 -4.20 14.05 21.81
N VAL E 326 -5.12 14.78 21.18
CA VAL E 326 -6.49 14.91 21.67
C VAL E 326 -7.19 13.55 21.64
N GLU E 327 -7.01 12.79 20.56
CA GLU E 327 -7.63 11.46 20.45
C GLU E 327 -7.00 10.46 21.42
N THR E 328 -5.67 10.50 21.58
CA THR E 328 -4.97 9.58 22.48
C THR E 328 -5.31 9.87 23.94
N ILE E 329 -5.29 11.15 24.35
CA ILE E 329 -5.58 11.53 25.72
C ILE E 329 -7.05 11.37 26.10
N ARG E 330 -7.99 11.82 25.26
CA ARG E 330 -9.42 11.67 25.57
C ARG E 330 -9.81 10.20 25.72
N THR E 331 -9.25 9.31 24.87
CA THR E 331 -9.52 7.87 24.95
C THR E 331 -9.07 7.31 26.30
N ARG E 332 -7.86 7.68 26.73
CA ARG E 332 -7.32 7.21 28.01
C ARG E 332 -8.06 7.80 29.20
N LEU E 333 -8.50 9.07 29.11
CA LEU E 333 -9.23 9.71 30.18
C LEU E 333 -10.59 9.05 30.35
N LEU E 334 -11.27 8.73 29.24
CA LEU E 334 -12.57 8.07 29.27
C LEU E 334 -12.56 6.63 29.83
N VAL E 335 -11.36 6.06 30.02
CA VAL E 335 -11.17 4.73 30.58
C VAL E 335 -10.70 4.82 32.04
N ALA E 336 -9.91 5.86 32.37
CA ALA E 336 -9.39 6.06 33.72
C ALA E 336 -10.45 6.61 34.66
N ILE E 337 -11.28 7.55 34.18
CA ILE E 337 -12.33 8.16 34.99
C ILE E 337 -13.33 7.12 35.56
N PRO E 338 -13.91 6.18 34.78
CA PRO E 338 -14.81 5.18 35.38
C PRO E 338 -14.12 4.24 36.37
N THR E 339 -12.84 3.95 36.11
CA THR E 339 -12.00 3.10 36.95
C THR E 339 -11.81 3.76 38.32
N LEU E 340 -11.53 5.07 38.32
CA LEU E 340 -11.33 5.83 39.54
C LEU E 340 -12.63 6.06 40.31
N LYS E 341 -13.76 6.15 39.60
CA LYS E 341 -15.07 6.36 40.23
C LYS E 341 -15.42 5.22 41.19
N ARG E 342 -14.99 4.00 40.91
CA ARG E 342 -15.25 2.86 41.78
C ARG E 342 -14.13 2.65 42.79
N THR E 343 -13.64 3.73 43.41
CA THR E 343 -12.59 3.65 44.43
C THR E 343 -13.03 4.38 45.73
N HIS E 344 -12.20 4.34 46.80
CA HIS E 344 -12.52 5.04 48.03
C HIS E 344 -12.22 6.53 47.93
N LEU E 345 -13.05 7.29 47.20
CA LEU E 345 -12.86 8.73 47.05
C LEU E 345 -13.58 9.46 48.18
N THR E 346 -12.98 10.53 48.69
CA THR E 346 -13.64 11.37 49.69
C THR E 346 -14.76 12.19 48.96
N THR E 347 -15.54 13.01 49.70
CA THR E 347 -16.59 13.84 49.08
C THR E 347 -15.95 14.83 48.11
N ALA E 348 -14.80 15.41 48.51
CA ALA E 348 -14.04 16.36 47.68
C ALA E 348 -13.38 15.67 46.49
N GLY E 349 -12.87 14.46 46.71
CA GLY E 349 -12.22 13.67 45.68
C GLY E 349 -13.20 13.29 44.58
N ARG E 350 -14.41 12.92 44.96
CA ARG E 350 -15.44 12.57 43.98
C ARG E 350 -15.89 13.82 43.21
N GLU E 351 -15.98 14.98 43.90
CA GLU E 351 -16.34 16.25 43.28
C GLU E 351 -15.29 16.68 42.23
N MET E 352 -14.01 16.37 42.50
CA MET E 352 -12.91 16.65 41.58
C MET E 352 -13.02 15.74 40.35
N VAL E 353 -13.25 14.44 40.54
CA VAL E 353 -13.40 13.47 39.44
C VAL E 353 -14.57 13.84 38.53
N GLU E 354 -15.71 14.25 39.12
CA GLU E 354 -16.88 14.64 38.33
C GLU E 354 -16.66 15.92 37.52
N GLN E 355 -15.81 16.83 38.03
CA GLN E 355 -15.48 18.07 37.32
C GLN E 355 -14.55 17.74 36.16
N LEU E 356 -13.55 16.86 36.39
CA LEU E 356 -12.60 16.44 35.36
C LEU E 356 -13.32 15.63 34.26
N GLU E 357 -14.33 14.85 34.63
CA GLU E 357 -15.13 14.06 33.70
C GLU E 357 -15.98 14.98 32.82
N GLU E 358 -16.50 16.07 33.38
CA GLU E 358 -17.30 17.04 32.67
C GLU E 358 -16.48 17.73 31.58
N LEU E 359 -15.21 18.05 31.88
CA LEU E 359 -14.32 18.70 30.91
C LEU E 359 -13.98 17.76 29.75
N THR E 360 -13.78 16.48 30.05
CA THR E 360 -13.46 15.47 29.04
C THR E 360 -14.68 15.23 28.13
N THR E 361 -15.88 15.21 28.72
CA THR E 361 -17.13 15.00 28.00
C THR E 361 -17.50 16.19 27.12
N ASN E 362 -17.34 17.42 27.64
CA ASN E 362 -17.66 18.66 26.91
C ASN E 362 -16.67 19.01 25.79
N MET E 363 -15.58 18.24 25.64
CA MET E 363 -14.60 18.50 24.59
C MET E 363 -14.76 17.60 23.36
N GLY E 364 -15.43 16.46 23.52
CA GLY E 364 -15.66 15.52 22.42
C GLY E 364 -16.76 15.96 21.49
N ALA F 40 7.73 -12.04 70.35
CA ALA F 40 9.19 -12.15 70.37
C ALA F 40 9.63 -13.60 70.16
N ALA F 41 8.98 -14.55 70.86
CA ALA F 41 9.26 -16.00 70.70
C ALA F 41 8.75 -16.55 69.36
N PHE F 42 7.76 -15.86 68.77
CA PHE F 42 7.08 -16.06 67.50
C PHE F 42 8.04 -16.30 66.35
N GLU F 43 9.25 -15.70 66.40
CA GLU F 43 10.23 -15.84 65.33
C GLU F 43 10.64 -17.30 65.07
N SER F 44 11.11 -18.02 66.10
CA SER F 44 11.55 -19.40 65.95
C SER F 44 10.38 -20.37 65.86
N PRO F 45 10.41 -21.31 64.90
CA PRO F 45 9.30 -22.26 64.77
C PRO F 45 9.10 -23.21 65.96
N LEU F 46 10.15 -23.40 66.75
CA LEU F 46 10.12 -24.26 67.92
C LEU F 46 9.20 -23.67 69.00
N THR F 47 9.27 -22.35 69.18
CA THR F 47 8.51 -21.64 70.21
C THR F 47 7.36 -20.78 69.68
N SER F 48 6.96 -20.98 68.42
CA SER F 48 5.89 -20.16 67.84
C SER F 48 4.51 -20.80 67.84
N SER F 49 4.45 -22.13 67.93
CA SER F 49 3.22 -22.92 67.90
C SER F 49 1.99 -22.30 68.60
N ALA F 50 2.16 -21.80 69.83
CA ALA F 50 1.06 -21.19 70.59
C ALA F 50 0.71 -19.79 70.10
N SER F 51 1.74 -18.99 69.75
CA SER F 51 1.58 -17.62 69.27
C SER F 51 0.83 -17.60 67.95
N ILE F 52 1.14 -18.54 67.04
CA ILE F 52 0.48 -18.67 65.75
C ILE F 52 -0.99 -19.03 65.92
N GLN F 53 -1.26 -19.97 66.83
CA GLN F 53 -2.64 -20.40 67.12
C GLN F 53 -3.47 -19.23 67.65
N GLN F 54 -2.87 -18.38 68.49
CA GLN F 54 -3.51 -17.21 69.05
C GLN F 54 -3.84 -16.20 67.94
N LEU F 55 -2.88 -15.95 67.03
CA LEU F 55 -3.06 -15.02 65.91
C LEU F 55 -4.10 -15.52 64.92
N LEU F 56 -4.17 -16.84 64.70
CA LEU F 56 -5.12 -17.46 63.80
C LEU F 56 -6.54 -17.39 64.35
N GLU F 57 -6.70 -17.50 65.67
CA GLU F 57 -8.01 -17.43 66.31
C GLU F 57 -8.58 -16.01 66.24
N HIS F 58 -7.72 -15.00 66.35
CA HIS F 58 -8.13 -13.60 66.26
C HIS F 58 -8.53 -13.26 64.83
N TRP F 59 -7.75 -13.77 63.84
CA TRP F 59 -8.01 -13.53 62.43
C TRP F 59 -9.29 -14.25 61.99
N ALA F 60 -9.49 -15.49 62.45
CA ALA F 60 -10.69 -16.25 62.10
C ALA F 60 -11.96 -15.61 62.67
N ALA F 61 -11.86 -14.89 63.79
CA ALA F 61 -13.01 -14.21 64.38
C ALA F 61 -13.48 -13.07 63.47
N ASP F 62 -12.54 -12.35 62.85
CA ASP F 62 -12.88 -11.26 61.94
C ASP F 62 -13.31 -11.81 60.58
N ALA F 63 -12.63 -12.87 60.11
CA ALA F 63 -12.92 -13.50 58.82
C ALA F 63 -14.26 -14.22 58.80
N ARG F 64 -14.72 -14.72 59.96
CA ARG F 64 -16.02 -15.39 60.07
C ARG F 64 -17.15 -14.40 59.87
N LYS F 65 -16.97 -13.17 60.38
CA LYS F 65 -17.95 -12.09 60.24
C LYS F 65 -17.96 -11.58 58.80
N GLU F 66 -16.77 -11.46 58.18
CA GLU F 66 -16.61 -11.03 56.80
C GLU F 66 -17.24 -12.05 55.85
N PHE F 67 -17.06 -13.34 56.14
CA PHE F 67 -17.63 -14.41 55.32
C PHE F 67 -19.14 -14.44 55.44
N GLU F 68 -19.67 -14.18 56.65
CA GLU F 68 -21.09 -14.11 56.91
C GLU F 68 -21.72 -12.93 56.15
N LYS F 69 -21.01 -11.79 56.11
CA LYS F 69 -21.45 -10.60 55.38
C LYS F 69 -21.52 -10.90 53.87
N ALA F 70 -20.56 -11.68 53.36
CA ALA F 70 -20.52 -12.07 51.95
C ALA F 70 -21.67 -13.02 51.62
N LEU F 71 -22.00 -13.94 52.55
CA LEU F 71 -23.10 -14.89 52.39
C LEU F 71 -24.44 -14.15 52.31
N MET F 72 -24.60 -13.07 53.09
CA MET F 72 -25.83 -12.27 53.07
C MET F 72 -25.94 -11.47 51.77
N ALA F 73 -24.81 -11.01 51.22
CA ALA F 73 -24.76 -10.28 49.96
C ALA F 73 -25.13 -11.18 48.78
N VAL F 74 -24.84 -12.48 48.87
CA VAL F 74 -25.20 -13.44 47.82
C VAL F 74 -26.72 -13.66 47.83
N LEU F 75 -27.34 -13.73 49.01
CA LEU F 75 -28.79 -13.87 49.16
C LEU F 75 -29.55 -12.63 48.68
N GLU F 76 -28.90 -11.45 48.70
CA GLU F 76 -29.52 -10.21 48.24
C GLU F 76 -29.60 -10.13 46.71
N LYS F 77 -28.52 -10.52 46.01
CA LYS F 77 -28.52 -10.47 44.54
C LYS F 77 -29.37 -11.61 43.96
N GLU F 78 -29.30 -12.80 44.57
CA GLU F 78 -30.09 -13.93 44.13
C GLU F 78 -30.59 -14.75 45.32
N PRO F 79 -31.91 -14.69 45.60
CA PRO F 79 -32.44 -15.46 46.74
C PRO F 79 -32.53 -16.97 46.53
N GLY F 80 -32.30 -17.44 45.30
CA GLY F 80 -32.35 -18.85 44.97
C GLY F 80 -31.23 -19.67 45.58
N LYS F 81 -30.12 -19.02 45.94
CA LYS F 81 -28.99 -19.73 46.55
C LYS F 81 -29.13 -19.90 48.07
N ARG F 82 -30.35 -19.75 48.61
CA ARG F 82 -30.67 -19.86 50.03
C ARG F 82 -30.34 -21.23 50.63
N ASP F 83 -30.55 -22.32 49.86
CA ASP F 83 -30.26 -23.67 50.34
C ASP F 83 -28.76 -23.95 50.53
N ILE F 84 -27.92 -23.33 49.70
CA ILE F 84 -26.46 -23.50 49.77
C ILE F 84 -25.91 -22.73 50.96
N ILE F 85 -26.40 -21.49 51.16
CA ILE F 85 -26.01 -20.61 52.26
C ILE F 85 -26.42 -21.17 53.64
N ASN F 86 -27.49 -21.96 53.70
CA ASN F 86 -27.92 -22.60 54.93
C ASN F 86 -26.96 -23.71 55.39
N GLN F 87 -26.22 -24.32 54.45
CA GLN F 87 -25.25 -25.38 54.77
C GLN F 87 -24.04 -24.78 55.49
N PHE F 88 -23.62 -23.56 55.12
CA PHE F 88 -22.51 -22.88 55.76
C PHE F 88 -22.92 -22.42 57.17
N GLN F 89 -24.18 -22.01 57.36
CA GLN F 89 -24.71 -21.60 58.65
C GLN F 89 -24.84 -22.80 59.60
N THR F 90 -25.19 -23.97 59.06
CA THR F 90 -25.28 -25.20 59.84
C THR F 90 -23.96 -26.01 59.82
N CYS F 91 -22.82 -25.34 59.58
CA CYS F 91 -21.51 -25.96 59.55
C CYS F 91 -20.83 -25.73 60.89
N PRO F 92 -20.22 -26.79 61.47
CA PRO F 92 -19.54 -26.63 62.76
C PRO F 92 -18.49 -25.52 62.77
N PRO F 93 -18.40 -24.76 63.87
CA PRO F 93 -17.43 -23.66 63.92
C PRO F 93 -15.97 -24.09 63.75
N GLU F 94 -15.64 -25.33 64.11
CA GLU F 94 -14.27 -25.84 63.97
C GLU F 94 -13.88 -25.96 62.50
N ILE F 95 -14.84 -26.36 61.65
CA ILE F 95 -14.61 -26.49 60.21
C ILE F 95 -14.63 -25.11 59.55
N LEU F 96 -15.62 -24.30 59.94
CA LEU F 96 -15.83 -22.94 59.43
C LEU F 96 -14.66 -22.01 59.74
N ASN F 97 -14.01 -22.17 60.89
CA ASN F 97 -12.86 -21.34 61.25
C ASN F 97 -11.67 -21.64 60.33
N LYS F 98 -11.49 -22.90 59.93
CA LYS F 98 -10.40 -23.26 59.04
C LYS F 98 -10.70 -22.87 57.59
N LEU F 99 -11.98 -22.94 57.20
CA LEU F 99 -12.45 -22.62 55.85
C LEU F 99 -12.30 -21.14 55.52
N VAL F 100 -12.75 -20.24 56.41
CA VAL F 100 -12.68 -18.80 56.16
C VAL F 100 -11.26 -18.24 56.05
N LEU F 101 -10.24 -18.99 56.49
CA LEU F 101 -8.86 -18.52 56.39
C LEU F 101 -8.06 -19.10 55.22
N ARG F 102 -8.71 -19.88 54.34
CA ARG F 102 -8.04 -20.45 53.18
C ARG F 102 -7.76 -19.34 52.17
N PRO F 103 -6.59 -19.35 51.50
CA PRO F 103 -6.28 -18.26 50.57
C PRO F 103 -7.35 -17.98 49.52
N SER F 104 -7.92 -19.02 48.92
CA SER F 104 -8.97 -18.88 47.91
C SER F 104 -10.27 -18.33 48.50
N VAL F 105 -10.57 -18.68 49.75
CA VAL F 105 -11.77 -18.21 50.44
C VAL F 105 -11.63 -16.74 50.87
N VAL F 106 -10.42 -16.35 51.33
CA VAL F 106 -10.13 -14.97 51.73
C VAL F 106 -10.28 -14.05 50.51
N LEU F 107 -9.74 -14.46 49.35
CA LEU F 107 -9.85 -13.67 48.13
C LEU F 107 -11.31 -13.56 47.68
N TRP F 108 -12.06 -14.67 47.72
CA TRP F 108 -13.47 -14.66 47.32
C TRP F 108 -14.28 -13.72 48.22
N THR F 109 -14.04 -13.80 49.54
CA THR F 109 -14.74 -12.98 50.53
C THR F 109 -14.41 -11.51 50.33
N THR F 110 -13.14 -11.19 50.07
CA THR F 110 -12.68 -9.82 49.85
C THR F 110 -13.30 -9.22 48.59
N VAL F 111 -13.24 -9.95 47.46
CA VAL F 111 -13.80 -9.51 46.18
C VAL F 111 -15.32 -9.31 46.31
N MET F 112 -15.98 -10.23 47.01
CA MET F 112 -17.43 -10.20 47.24
C MET F 112 -17.87 -9.00 48.07
N LEU F 113 -17.17 -8.71 49.17
CA LEU F 113 -17.51 -7.59 50.04
C LEU F 113 -17.22 -6.25 49.38
N GLN F 114 -16.10 -6.17 48.64
CA GLN F 114 -15.76 -4.94 47.95
C GLN F 114 -16.75 -4.65 46.84
N ALA F 115 -17.23 -5.69 46.14
CA ALA F 115 -18.22 -5.50 45.07
C ALA F 115 -19.51 -4.88 45.61
N SER F 116 -19.96 -5.31 46.80
CA SER F 116 -21.17 -4.76 47.43
C SER F 116 -21.00 -3.28 47.84
N ASN F 117 -19.75 -2.85 48.11
CA ASN F 117 -19.44 -1.46 48.45
C ASN F 117 -19.04 -0.61 47.22
N GLY F 118 -19.27 -1.13 46.02
CA GLY F 118 -18.93 -0.45 44.76
C GLY F 118 -17.46 -0.29 44.51
N ILE F 119 -16.63 -1.22 45.03
CA ILE F 119 -15.19 -1.17 44.85
C ILE F 119 -14.66 -2.35 44.04
N THR F 120 -13.97 -2.08 42.95
CA THR F 120 -13.45 -3.11 42.07
C THR F 120 -12.06 -3.60 42.50
N ILE F 121 -11.81 -4.89 42.31
CA ILE F 121 -10.51 -5.51 42.60
C ILE F 121 -9.92 -6.03 41.29
N HIS F 122 -8.65 -5.71 41.04
CA HIS F 122 -8.01 -6.15 39.80
C HIS F 122 -6.78 -7.03 40.04
N SER F 123 -6.48 -7.89 39.06
CA SER F 123 -5.30 -8.75 39.07
C SER F 123 -4.08 -7.91 38.64
N ILE F 124 -2.85 -8.41 38.85
CA ILE F 124 -1.65 -7.67 38.51
C ILE F 124 -1.60 -7.22 37.04
N ASP F 125 -2.29 -7.96 36.14
CA ASP F 125 -2.33 -7.61 34.72
C ASP F 125 -3.45 -6.59 34.36
N GLY F 126 -4.05 -5.95 35.36
CA GLY F 126 -5.09 -4.95 35.16
C GLY F 126 -6.49 -5.48 34.87
N GLU F 127 -6.67 -6.80 34.89
CA GLU F 127 -8.00 -7.38 34.61
C GLU F 127 -8.89 -7.38 35.84
N LEU F 128 -10.17 -7.12 35.64
CA LEU F 128 -11.13 -7.09 36.74
C LEU F 128 -11.48 -8.49 37.25
N ILE F 129 -11.36 -8.69 38.57
CA ILE F 129 -11.71 -9.97 39.19
C ILE F 129 -13.19 -9.91 39.54
N ALA F 130 -14.02 -10.57 38.74
CA ALA F 130 -15.47 -10.56 38.92
C ALA F 130 -15.92 -11.42 40.09
N PRO F 131 -16.88 -10.92 40.89
CA PRO F 131 -17.39 -11.72 42.02
C PRO F 131 -18.27 -12.87 41.54
N ASP F 132 -17.83 -14.10 41.77
CA ASP F 132 -18.53 -15.30 41.34
C ASP F 132 -19.36 -15.91 42.46
N ILE F 133 -20.69 -15.77 42.37
CA ILE F 133 -21.63 -16.35 43.34
C ILE F 133 -21.56 -17.89 43.33
N ASN F 134 -21.35 -18.47 42.13
CA ASN F 134 -21.28 -19.92 41.92
C ASN F 134 -20.11 -20.62 42.61
N TYR F 135 -19.22 -19.86 43.27
CA TYR F 135 -18.09 -20.44 44.00
C TYR F 135 -18.54 -21.13 45.30
N LEU F 136 -19.66 -20.70 45.88
CA LEU F 136 -20.18 -21.31 47.11
C LEU F 136 -20.61 -22.77 46.90
N GLU F 137 -21.02 -23.13 45.68
CA GLU F 137 -21.41 -24.51 45.39
C GLU F 137 -20.17 -25.41 45.35
N GLU F 138 -19.08 -24.91 44.74
CA GLU F 138 -17.80 -25.61 44.68
C GLU F 138 -17.19 -25.69 46.10
N LEU F 139 -17.43 -24.68 46.93
CA LEU F 139 -16.96 -24.58 48.31
C LEU F 139 -17.68 -25.58 49.23
N ALA F 140 -18.97 -25.78 49.01
CA ALA F 140 -19.77 -26.73 49.81
C ALA F 140 -19.34 -28.17 49.51
N GLU F 141 -19.04 -28.46 48.24
CA GLU F 141 -18.59 -29.78 47.79
C GLU F 141 -17.19 -30.12 48.35
N SER F 142 -16.36 -29.10 48.63
CA SER F 142 -15.01 -29.28 49.17
C SER F 142 -14.95 -29.70 50.65
N LEU F 143 -16.11 -29.77 51.33
CA LEU F 143 -16.18 -30.16 52.73
C LEU F 143 -16.24 -31.68 52.92
N LYS F 144 -15.59 -32.43 52.02
CA LYS F 144 -15.57 -33.89 52.08
C LYS F 144 -14.16 -34.42 51.83
N VAL F 150 -1.71 -33.03 53.12
CA VAL F 150 -2.27 -31.89 53.83
C VAL F 150 -1.85 -30.54 53.19
N PRO F 151 -0.55 -30.22 52.95
CA PRO F 151 -0.25 -28.95 52.25
C PRO F 151 -0.55 -29.12 50.76
N TYR F 152 -1.74 -28.70 50.32
CA TYR F 152 -2.31 -28.83 48.97
C TYR F 152 -1.33 -28.49 47.83
N ILE F 153 -0.67 -29.53 47.28
CA ILE F 153 0.29 -29.37 46.20
C ILE F 153 -0.37 -29.27 44.82
N ASN F 154 -0.31 -28.06 44.24
CA ASN F 154 -0.82 -27.66 42.94
C ASN F 154 -2.29 -28.01 42.71
N ARG F 155 -3.18 -27.52 43.61
CA ARG F 155 -4.60 -27.80 43.47
C ARG F 155 -5.24 -26.89 42.42
N ASP F 156 -6.15 -27.44 41.60
CA ASP F 156 -6.83 -26.67 40.56
C ASP F 156 -7.92 -25.80 41.18
N ASP F 157 -7.59 -24.53 41.48
CA ASP F 157 -8.56 -23.60 42.04
C ASP F 157 -8.37 -22.25 41.37
N LEU F 158 -9.39 -21.77 40.64
CA LEU F 158 -9.32 -20.49 39.95
C LEU F 158 -9.14 -19.34 40.93
N TRP F 159 -9.73 -19.43 42.13
CA TRP F 159 -9.60 -18.38 43.13
C TRP F 159 -8.23 -18.36 43.85
N LEU F 160 -7.23 -19.04 43.26
CA LEU F 160 -5.83 -19.03 43.67
C LEU F 160 -4.99 -18.41 42.52
N ARG F 161 -5.44 -18.57 41.27
CA ARG F 161 -4.81 -18.06 40.06
C ARG F 161 -5.30 -16.66 39.67
N LEU F 162 -6.51 -16.26 40.14
CA LEU F 162 -7.14 -14.98 39.83
C LEU F 162 -6.29 -13.72 40.09
N PRO F 163 -5.53 -13.57 41.21
CA PRO F 163 -4.74 -12.34 41.40
C PRO F 163 -3.62 -12.09 40.38
N PHE F 164 -3.31 -13.08 39.53
CA PHE F 164 -2.24 -12.94 38.55
C PHE F 164 -2.72 -12.82 37.10
N GLY F 165 -3.92 -13.31 36.83
CA GLY F 165 -4.51 -13.25 35.51
C GLY F 165 -3.70 -13.97 34.45
N GLN F 166 -3.26 -13.23 33.44
CA GLN F 166 -2.45 -13.79 32.36
C GLN F 166 -0.95 -13.52 32.51
N ARG F 167 -0.54 -12.64 33.45
CA ARG F 167 0.86 -12.30 33.68
C ARG F 167 1.70 -13.48 34.16
N ILE F 168 1.08 -14.42 34.89
CA ILE F 168 1.76 -15.59 35.43
C ILE F 168 1.08 -16.88 34.96
N LEU F 169 1.86 -17.83 34.44
CA LEU F 169 1.30 -19.09 33.97
C LEU F 169 1.33 -20.15 35.07
N PHE F 170 0.30 -20.99 35.14
CA PHE F 170 0.23 -22.03 36.16
C PHE F 170 0.52 -23.40 35.55
N GLU F 171 1.54 -24.09 36.09
CA GLU F 171 1.94 -25.40 35.59
C GLU F 171 0.90 -26.46 35.90
N SER F 172 0.72 -27.39 34.97
CA SER F 172 -0.26 -28.47 35.15
C SER F 172 0.17 -29.76 34.44
N ASP F 173 -0.55 -30.86 34.68
CA ASP F 173 -0.32 -32.16 34.05
C ASP F 173 1.08 -32.74 34.43
N GLU F 174 1.90 -33.15 33.43
CA GLU F 174 3.23 -33.72 33.60
C GLU F 174 4.17 -32.81 34.35
N VAL F 175 4.04 -31.49 34.14
CA VAL F 175 4.89 -30.51 34.80
C VAL F 175 4.60 -30.49 36.30
N GLY F 176 3.32 -30.50 36.65
CA GLY F 176 2.89 -30.54 38.04
C GLY F 176 3.18 -31.84 38.73
N ASN F 177 3.14 -32.94 37.96
CA ASN F 177 3.40 -34.28 38.46
C ASN F 177 4.84 -34.40 38.95
N ILE F 178 5.80 -33.86 38.18
CA ILE F 178 7.21 -33.90 38.56
C ILE F 178 7.47 -32.98 39.75
N GLY F 179 6.89 -31.78 39.70
CA GLY F 179 7.02 -30.79 40.75
C GLY F 179 6.57 -31.27 42.11
N THR F 180 5.54 -32.13 42.14
CA THR F 180 5.02 -32.68 43.40
C THR F 180 6.09 -33.52 44.09
N THR F 181 6.87 -34.29 43.32
CA THR F 181 7.94 -35.13 43.86
C THR F 181 9.10 -34.30 44.38
N ILE F 182 9.43 -33.20 43.69
CA ILE F 182 10.50 -32.31 44.13
C ILE F 182 10.08 -31.58 45.40
N VAL F 183 8.79 -31.19 45.50
CA VAL F 183 8.22 -30.53 46.68
C VAL F 183 8.29 -31.48 47.88
N HIS F 184 8.00 -32.76 47.66
CA HIS F 184 8.06 -33.77 48.72
C HIS F 184 9.47 -33.92 49.28
N GLU F 185 10.48 -33.85 48.41
CA GLU F 185 11.86 -33.94 48.87
C GLU F 185 12.33 -32.65 49.55
N SER F 186 11.78 -31.49 49.14
CA SER F 186 12.10 -30.20 49.75
C SER F 186 11.49 -30.16 51.15
N LEU F 187 10.25 -30.64 51.31
CA LEU F 187 9.57 -30.67 52.60
C LEU F 187 10.23 -31.68 53.54
N LYS F 188 10.73 -32.79 52.99
CA LYS F 188 11.44 -33.82 53.77
C LYS F 188 12.80 -33.26 54.26
N LEU F 189 13.45 -32.43 53.43
CA LEU F 189 14.70 -31.73 53.72
C LEU F 189 14.48 -30.69 54.82
N ILE F 190 13.35 -29.97 54.75
CA ILE F 190 12.96 -28.96 55.73
C ILE F 190 12.65 -29.66 57.08
N GLU F 191 11.97 -30.81 57.02
CA GLU F 191 11.62 -31.60 58.20
C GLU F 191 12.87 -32.15 58.89
N SER F 192 13.89 -32.53 58.11
CA SER F 192 15.14 -33.05 58.67
C SER F 192 15.92 -31.94 59.39
N TRP F 193 15.80 -30.69 58.92
CA TRP F 193 16.46 -29.55 59.55
C TRP F 193 15.69 -29.14 60.82
N ARG F 194 14.40 -28.78 60.67
CA ARG F 194 13.55 -28.38 61.77
C ARG F 194 12.17 -28.95 61.57
N PRO F 195 11.80 -30.01 62.29
CA PRO F 195 10.43 -30.56 62.16
C PRO F 195 9.35 -29.55 62.58
N ALA F 196 9.71 -28.58 63.44
CA ALA F 196 8.81 -27.53 63.90
C ALA F 196 8.48 -26.55 62.76
N LEU F 197 9.41 -26.34 61.82
CA LEU F 197 9.21 -25.46 60.66
C LEU F 197 8.25 -26.10 59.66
N LEU F 198 8.30 -27.44 59.50
CA LEU F 198 7.38 -28.12 58.60
C LEU F 198 5.96 -28.02 59.16
N SER F 199 5.79 -28.17 60.48
CA SER F 199 4.49 -28.04 61.12
C SER F 199 3.95 -26.62 60.96
N GLU F 200 4.85 -25.62 61.08
CA GLU F 200 4.54 -24.20 60.90
C GLU F 200 4.05 -23.94 59.48
N ILE F 201 4.69 -24.58 58.49
CA ILE F 201 4.33 -24.47 57.07
C ILE F 201 2.91 -25.01 56.85
N ILE F 202 2.56 -26.13 57.46
CA ILE F 202 1.22 -26.73 57.31
C ILE F 202 0.12 -25.84 57.92
N THR F 203 0.44 -25.10 58.99
CA THR F 203 -0.54 -24.25 59.67
C THR F 203 -0.73 -22.89 59.01
N ILE F 204 0.37 -22.25 58.60
CA ILE F 204 0.31 -20.90 58.02
C ILE F 204 0.22 -20.89 56.48
N SER F 205 1.02 -21.73 55.82
CA SER F 205 1.04 -21.78 54.36
C SER F 205 0.56 -23.16 53.84
N PRO F 206 -0.75 -23.42 53.85
CA PRO F 206 -1.22 -24.75 53.42
C PRO F 206 -1.40 -24.94 51.92
N GLU F 207 -1.02 -23.98 51.08
CA GLU F 207 -1.20 -24.13 49.63
C GLU F 207 0.08 -23.88 48.85
N ILE F 208 0.47 -24.80 47.98
CA ILE F 208 1.67 -24.61 47.15
C ILE F 208 1.27 -24.68 45.69
N GLN F 209 1.37 -23.57 44.95
CA GLN F 209 1.01 -23.54 43.52
C GLN F 209 2.27 -23.50 42.66
N PHE F 210 2.25 -24.17 41.49
CA PHE F 210 3.40 -24.18 40.59
C PHE F 210 3.22 -23.13 39.51
N ILE F 211 4.15 -22.18 39.44
CA ILE F 211 4.05 -21.08 38.49
C ILE F 211 5.24 -21.00 37.51
N LYS F 212 5.09 -20.19 36.46
CA LYS F 212 6.12 -19.91 35.47
C LYS F 212 5.96 -18.47 35.01
N ASP F 213 7.02 -17.67 35.11
CA ASP F 213 7.00 -16.28 34.69
C ASP F 213 7.59 -16.22 33.29
N PRO F 214 6.76 -15.95 32.27
CA PRO F 214 7.28 -15.91 30.90
C PRO F 214 8.28 -14.78 30.66
N THR F 215 8.14 -13.66 31.40
CA THR F 215 9.04 -12.53 31.26
C THR F 215 10.40 -12.75 31.96
N ALA F 216 10.47 -13.68 32.91
CA ALA F 216 11.70 -13.95 33.64
C ALA F 216 12.71 -14.78 32.83
N HIS F 217 14.00 -14.64 33.16
CA HIS F 217 15.07 -15.39 32.52
C HIS F 217 14.95 -16.87 32.94
N PRO F 218 15.11 -17.83 32.02
CA PRO F 218 14.96 -19.24 32.39
C PRO F 218 15.77 -19.71 33.61
N ASP F 219 17.01 -19.24 33.78
CA ASP F 219 17.84 -19.63 34.92
C ASP F 219 17.48 -18.94 36.25
N LYS F 220 16.51 -18.02 36.24
CA LYS F 220 16.10 -17.33 37.46
C LYS F 220 15.03 -18.12 38.19
N VAL F 221 15.21 -18.31 39.49
CA VAL F 221 14.23 -18.99 40.34
C VAL F 221 13.16 -17.97 40.76
N VAL F 222 11.92 -18.18 40.31
CA VAL F 222 10.84 -17.26 40.62
C VAL F 222 9.91 -17.79 41.69
N SER F 223 9.71 -17.01 42.75
CA SER F 223 8.80 -17.38 43.83
C SER F 223 8.18 -16.14 44.40
N PHE F 224 6.84 -16.10 44.51
CA PHE F 224 6.18 -14.93 45.07
C PHE F 224 4.97 -15.28 45.95
N SER F 225 4.52 -14.31 46.73
CA SER F 225 3.37 -14.46 47.61
C SER F 225 2.60 -13.15 47.71
N ASP F 226 1.27 -13.23 47.80
CA ASP F 226 0.43 -12.04 47.90
C ASP F 226 -0.50 -12.18 49.09
N ASN F 227 -0.70 -11.10 49.86
CA ASN F 227 -1.61 -11.16 51.01
C ASN F 227 -3.08 -11.06 50.64
N SER F 228 -3.41 -10.88 49.35
CA SER F 228 -4.81 -10.93 48.92
C SER F 228 -5.29 -12.41 48.94
N VAL F 229 -4.35 -13.37 48.79
CA VAL F 229 -4.50 -14.82 48.89
C VAL F 229 -3.52 -15.30 49.99
N PRO F 230 -3.83 -15.05 51.28
CA PRO F 230 -2.89 -15.47 52.35
C PRO F 230 -2.98 -16.96 52.66
N GLY F 231 -1.83 -17.62 52.60
CA GLY F 231 -1.71 -19.06 52.79
C GLY F 231 -1.25 -19.78 51.55
N ALA F 232 -1.16 -19.08 50.41
CA ALA F 232 -0.73 -19.66 49.15
C ALA F 232 0.69 -19.21 48.79
N LEU F 233 1.57 -20.19 48.54
CA LEU F 233 2.97 -19.99 48.13
C LEU F 233 3.05 -20.30 46.65
N TYR F 234 3.59 -19.38 45.85
CA TYR F 234 3.69 -19.58 44.42
C TYR F 234 5.15 -19.80 44.05
N VAL F 235 5.51 -21.04 43.75
CA VAL F 235 6.90 -21.38 43.45
C VAL F 235 7.09 -21.92 42.03
N SER F 236 8.23 -21.59 41.41
CA SER F 236 8.53 -22.06 40.07
C SER F 236 9.28 -23.36 40.19
N ILE F 237 8.87 -24.37 39.42
CA ILE F 237 9.55 -25.66 39.44
C ILE F 237 10.29 -25.92 38.13
N ARG F 238 9.66 -25.54 37.01
CA ARG F 238 10.20 -25.70 35.67
C ARG F 238 11.04 -24.47 35.33
N GLN F 239 12.31 -24.67 34.96
CA GLN F 239 13.18 -23.56 34.63
C GLN F 239 13.95 -23.77 33.35
N GLY F 240 13.30 -23.43 32.25
CA GLY F 240 13.86 -23.58 30.92
C GLY F 240 13.82 -25.04 30.52
N SER F 241 14.97 -25.58 30.11
CA SER F 241 15.04 -26.99 29.74
C SER F 241 15.31 -27.92 30.92
N ARG F 242 15.25 -27.42 32.17
CA ARG F 242 15.51 -28.24 33.34
C ARG F 242 14.48 -27.99 34.46
N TYR F 243 14.61 -28.70 35.59
CA TYR F 243 13.75 -28.56 36.75
C TYR F 243 14.59 -28.13 37.95
N ILE F 244 13.98 -27.42 38.89
CA ILE F 244 14.64 -26.96 40.11
C ILE F 244 15.03 -28.15 41.00
N ASP F 245 16.06 -28.00 41.84
CA ASP F 245 16.42 -29.08 42.77
C ASP F 245 15.73 -28.89 44.15
N GLN F 246 15.79 -29.90 45.03
CA GLN F 246 15.14 -29.85 46.35
C GLN F 246 15.64 -28.72 47.26
N TYR F 247 16.90 -28.27 47.09
CA TYR F 247 17.44 -27.21 47.94
C TYR F 247 16.92 -25.84 47.51
N ASP F 248 16.93 -25.57 46.20
CA ASP F 248 16.43 -24.30 45.68
C ASP F 248 14.93 -24.19 45.87
N LEU F 249 14.19 -25.31 45.73
CA LEU F 249 12.75 -25.29 45.93
C LEU F 249 12.41 -25.13 47.41
N ALA F 250 13.20 -25.74 48.31
CA ALA F 250 12.99 -25.56 49.76
C ALA F 250 13.27 -24.11 50.16
N ASP F 251 14.23 -23.44 49.51
CA ASP F 251 14.55 -22.04 49.73
C ASP F 251 13.35 -21.18 49.30
N SER F 252 12.77 -21.47 48.13
CA SER F 252 11.59 -20.77 47.60
C SER F 252 10.42 -20.94 48.56
N LEU F 253 10.24 -22.16 49.10
CA LEU F 253 9.19 -22.51 50.04
C LEU F 253 9.35 -21.79 51.37
N ILE F 254 10.59 -21.69 51.87
CA ILE F 254 10.84 -21.01 53.14
C ILE F 254 10.65 -19.49 52.96
N HIS F 255 11.12 -18.96 51.82
CA HIS F 255 11.04 -17.55 51.46
C HIS F 255 9.60 -17.05 51.48
N GLU F 256 8.69 -17.72 50.76
CA GLU F 256 7.31 -17.27 50.72
C GLU F 256 6.55 -17.60 52.00
N HIS F 257 6.94 -18.66 52.71
CA HIS F 257 6.29 -19.01 53.99
C HIS F 257 6.55 -17.90 55.01
N ARG F 258 7.78 -17.36 55.05
CA ARG F 258 8.11 -16.28 55.97
C ARG F 258 7.27 -15.03 55.72
N HIS F 259 6.88 -14.77 54.45
CA HIS F 259 6.01 -13.64 54.14
C HIS F 259 4.63 -13.92 54.73
N GLN F 260 4.11 -15.13 54.51
CA GLN F 260 2.80 -15.56 55.02
C GLN F 260 2.73 -15.53 56.54
N LYS F 261 3.84 -15.83 57.20
CA LYS F 261 3.94 -15.82 58.66
C LYS F 261 3.91 -14.39 59.17
N LEU F 262 4.61 -13.47 58.48
CA LEU F 262 4.61 -12.06 58.89
C LEU F 262 3.27 -11.39 58.59
N TYR F 263 2.55 -11.83 57.52
CA TYR F 263 1.22 -11.30 57.18
C TYR F 263 0.27 -11.52 58.37
N LEU F 264 0.36 -12.71 59.00
CA LEU F 264 -0.43 -13.14 60.13
C LEU F 264 -0.16 -12.27 61.35
N LEU F 265 1.12 -11.96 61.60
CA LEU F 265 1.50 -11.13 62.74
C LEU F 265 1.05 -9.69 62.54
N GLN F 266 1.33 -9.11 61.37
CA GLN F 266 0.96 -7.73 61.02
C GLN F 266 -0.54 -7.48 61.15
N ARG F 267 -1.34 -8.50 60.84
CA ARG F 267 -2.80 -8.43 60.87
C ARG F 267 -3.32 -7.99 62.24
N SER F 268 -2.68 -8.49 63.30
CA SER F 268 -3.10 -8.16 64.66
C SER F 268 -2.16 -7.18 65.35
N ILE F 269 -0.85 -7.43 65.29
CA ILE F 269 0.13 -6.55 65.90
C ILE F 269 0.93 -5.78 64.86
N PRO F 270 0.60 -4.49 64.66
CA PRO F 270 1.33 -3.69 63.66
C PRO F 270 2.81 -3.56 64.01
N LEU F 271 3.68 -3.59 62.99
CA LEU F 271 5.12 -3.52 63.22
C LEU F 271 5.75 -2.19 62.76
N ILE F 272 5.10 -1.50 61.81
CA ILE F 272 5.57 -0.22 61.30
C ILE F 272 4.57 0.87 61.67
N GLU F 273 5.05 1.91 62.39
CA GLU F 273 4.22 3.03 62.82
C GLU F 273 3.86 3.92 61.63
N ILE F 274 4.86 4.29 60.82
CA ILE F 274 4.68 5.10 59.61
C ILE F 274 5.50 4.46 58.49
N ASP F 275 4.83 4.00 57.42
CA ASP F 275 5.51 3.36 56.28
C ASP F 275 6.17 4.34 55.32
N ALA F 276 6.82 5.37 55.87
CA ALA F 276 7.51 6.43 55.17
C ALA F 276 8.54 7.07 56.11
N PRO F 277 9.65 7.65 55.59
CA PRO F 277 10.05 7.72 54.18
C PRO F 277 10.56 6.39 53.64
N LEU F 278 10.69 6.28 52.31
CA LEU F 278 11.17 5.04 51.71
C LEU F 278 12.64 4.79 52.01
N VAL F 279 12.98 3.51 52.19
CA VAL F 279 14.29 3.07 52.61
C VAL F 279 14.95 2.13 51.57
N PRO F 280 16.28 2.18 51.42
CA PRO F 280 16.93 1.32 50.43
C PRO F 280 17.10 -0.12 50.91
N SER F 281 16.87 -1.06 49.99
CA SER F 281 16.99 -2.48 50.29
C SER F 281 18.15 -3.08 49.52
N PRO F 282 18.95 -3.96 50.14
CA PRO F 282 20.04 -4.61 49.40
C PRO F 282 19.54 -5.63 48.35
N TRP F 283 18.25 -5.99 48.40
CA TRP F 283 17.66 -6.93 47.46
C TRP F 283 16.93 -6.24 46.29
N ARG F 284 16.67 -4.93 46.36
CA ARG F 284 16.00 -4.22 45.27
C ARG F 284 16.76 -2.96 44.83
N GLU F 285 16.63 -2.57 43.56
CA GLU F 285 17.29 -1.38 43.03
C GLU F 285 16.59 -0.10 43.45
N ASP F 286 15.27 -0.13 43.52
CA ASP F 286 14.45 1.01 43.90
C ASP F 286 14.26 1.13 45.41
N LEU F 287 13.82 2.30 45.86
CA LEU F 287 13.58 2.56 47.28
C LEU F 287 12.27 1.87 47.67
N ARG F 288 12.32 1.00 48.68
CA ARG F 288 11.13 0.28 49.11
C ARG F 288 10.65 0.77 50.49
N PRO F 289 9.35 0.61 50.82
CA PRO F 289 8.87 1.10 52.13
C PRO F 289 9.44 0.31 53.31
N PRO F 290 9.50 0.90 54.51
CA PRO F 290 10.04 0.18 55.68
C PRO F 290 9.43 -1.19 55.93
N SER F 291 8.12 -1.36 55.67
CA SER F 291 7.46 -2.66 55.85
C SER F 291 8.01 -3.71 54.87
N GLY F 292 8.40 -3.29 53.68
CA GLY F 292 9.00 -4.16 52.67
C GLY F 292 10.39 -4.59 53.08
N LEU F 293 11.15 -3.69 53.72
CA LEU F 293 12.49 -4.03 54.21
C LEU F 293 12.40 -4.98 55.41
N LEU F 294 11.38 -4.79 56.26
CA LEU F 294 11.14 -5.67 57.41
C LEU F 294 10.78 -7.05 56.93
N HIS F 295 9.93 -7.15 55.89
CA HIS F 295 9.55 -8.43 55.31
C HIS F 295 10.78 -9.12 54.72
N ALA F 296 11.68 -8.36 54.07
CA ALA F 296 12.90 -8.90 53.50
C ALA F 296 13.84 -9.45 54.56
N ILE F 297 14.10 -8.71 55.65
CA ILE F 297 14.98 -9.20 56.71
C ILE F 297 14.39 -10.41 57.42
N PHE F 298 13.06 -10.42 57.62
CA PHE F 298 12.36 -11.54 58.25
C PHE F 298 12.47 -12.80 57.42
N VAL F 299 12.41 -12.65 56.08
CA VAL F 299 12.50 -13.77 55.15
C VAL F 299 13.94 -14.28 55.06
N PHE F 300 14.90 -13.37 54.88
CA PHE F 300 16.29 -13.77 54.72
C PHE F 300 16.99 -14.18 56.01
N THR F 301 16.40 -13.92 57.19
CA THR F 301 16.99 -14.40 58.44
C THR F 301 16.82 -15.92 58.48
N HIS F 302 15.61 -16.41 58.15
CA HIS F 302 15.34 -17.83 58.11
C HIS F 302 16.09 -18.54 56.99
N LEU F 303 16.27 -17.85 55.84
CA LEU F 303 17.03 -18.40 54.72
C LEU F 303 18.53 -18.49 55.05
N LEU F 304 19.04 -17.57 55.89
CA LEU F 304 20.43 -17.60 56.32
C LEU F 304 20.64 -18.83 57.21
N GLU F 305 19.67 -19.11 58.11
CA GLU F 305 19.72 -20.27 59.02
C GLU F 305 19.62 -21.58 58.24
N PHE F 306 18.86 -21.60 57.14
CA PHE F 306 18.69 -22.80 56.31
C PHE F 306 19.96 -23.14 55.55
N TRP F 307 20.59 -22.14 54.92
CA TRP F 307 21.85 -22.37 54.20
C TRP F 307 23.03 -22.56 55.15
N ALA F 308 22.92 -22.12 56.43
CA ALA F 308 23.97 -22.35 57.42
C ALA F 308 23.96 -23.84 57.81
N TYR F 309 22.76 -24.42 57.97
CA TYR F 309 22.58 -25.83 58.28
C TYR F 309 23.13 -26.67 57.12
N LEU F 310 22.87 -26.26 55.87
CA LEU F 310 23.34 -27.00 54.71
C LEU F 310 24.87 -26.90 54.50
N SER F 311 25.48 -25.81 54.97
CA SER F 311 26.93 -25.65 54.85
C SER F 311 27.69 -26.48 55.92
N ARG F 312 27.01 -26.87 57.01
CA ARG F 312 27.63 -27.65 58.08
C ARG F 312 27.20 -29.12 58.06
N GLU F 313 25.88 -29.38 58.07
CA GLU F 313 25.31 -30.72 58.11
C GLU F 313 24.75 -31.21 56.75
N GLY F 314 25.23 -30.63 55.66
CA GLY F 314 24.76 -31.03 54.33
C GLY F 314 25.76 -31.84 53.55
N GLN F 315 25.34 -32.33 52.36
CA GLN F 315 26.22 -33.13 51.50
C GLN F 315 27.40 -32.30 50.96
N ASP F 316 28.45 -32.98 50.45
CA ASP F 316 29.62 -32.28 49.92
C ASP F 316 29.32 -31.47 48.65
N GLN F 317 28.33 -31.90 47.85
CA GLN F 317 27.97 -31.17 46.62
C GLN F 317 27.15 -29.91 46.90
N ILE F 318 26.44 -29.86 48.04
CA ILE F 318 25.66 -28.67 48.38
C ILE F 318 26.46 -27.66 49.21
N LYS F 319 27.52 -28.10 49.91
CA LYS F 319 28.36 -27.26 50.76
C LYS F 319 28.99 -26.07 50.03
N VAL F 320 29.21 -26.18 48.71
CA VAL F 320 29.78 -25.09 47.93
C VAL F 320 28.77 -23.96 47.73
N ARG F 321 27.55 -24.32 47.32
CA ARG F 321 26.49 -23.35 47.11
C ARG F 321 26.01 -22.76 48.43
N ALA F 322 25.94 -23.59 49.48
CA ALA F 322 25.50 -23.16 50.80
C ALA F 322 26.43 -22.16 51.44
N LYS F 323 27.75 -22.35 51.28
CA LYS F 323 28.73 -21.40 51.83
C LYS F 323 28.66 -20.04 51.11
N ASN F 324 28.32 -20.06 49.81
CA ASN F 324 28.17 -18.85 49.01
C ASN F 324 26.90 -18.10 49.43
N GLN F 325 25.82 -18.84 49.73
CA GLN F 325 24.55 -18.26 50.15
C GLN F 325 24.68 -17.64 51.53
N VAL F 326 25.44 -18.26 52.44
CA VAL F 326 25.63 -17.73 53.79
C VAL F 326 26.37 -16.39 53.74
N GLU F 327 27.41 -16.31 52.91
CA GLU F 327 28.18 -15.08 52.77
C GLU F 327 27.37 -13.97 52.08
N THR F 328 26.60 -14.32 51.04
CA THR F 328 25.78 -13.35 50.31
C THR F 328 24.64 -12.82 51.17
N ILE F 329 23.93 -13.70 51.87
CA ILE F 329 22.80 -13.32 52.70
C ILE F 329 23.23 -12.56 53.97
N ARG F 330 24.24 -13.05 54.71
CA ARG F 330 24.69 -12.35 55.92
C ARG F 330 25.17 -10.93 55.61
N THR F 331 25.88 -10.75 54.48
CA THR F 331 26.37 -9.44 54.06
C THR F 331 25.19 -8.47 53.85
N ARG F 332 24.16 -8.92 53.14
CA ARG F 332 22.97 -8.11 52.87
C ARG F 332 22.16 -7.84 54.12
N LEU F 333 22.07 -8.82 55.04
CA LEU F 333 21.32 -8.64 56.28
C LEU F 333 22.01 -7.61 57.16
N LEU F 334 23.36 -7.66 57.24
CA LEU F 334 24.13 -6.70 58.04
C LEU F 334 24.07 -5.25 57.53
N VAL F 335 23.54 -5.04 56.32
CA VAL F 335 23.37 -3.72 55.75
C VAL F 335 21.90 -3.26 55.82
N ALA F 336 20.96 -4.21 55.74
CA ALA F 336 19.53 -3.91 55.81
C ALA F 336 19.06 -3.63 57.23
N ILE F 337 19.58 -4.39 58.21
CA ILE F 337 19.20 -4.22 59.61
C ILE F 337 19.49 -2.79 60.14
N PRO F 338 20.69 -2.20 59.98
CA PRO F 338 20.90 -0.82 60.46
C PRO F 338 20.04 0.21 59.73
N THR F 339 19.75 -0.04 58.45
CA THR F 339 18.91 0.81 57.61
C THR F 339 17.48 0.84 58.17
N LEU F 340 16.96 -0.34 58.54
CA LEU F 340 15.61 -0.47 59.08
C LEU F 340 15.51 0.09 60.50
N LYS F 341 16.59 0.01 61.28
CA LYS F 341 16.61 0.52 62.65
C LYS F 341 16.30 2.02 62.72
N ARG F 342 16.70 2.77 61.69
CA ARG F 342 16.46 4.21 61.65
C ARG F 342 15.15 4.53 60.93
N THR F 343 14.09 3.79 61.24
CA THR F 343 12.78 4.00 60.64
C THR F 343 11.68 4.06 61.74
N HIS F 344 10.44 4.43 61.37
CA HIS F 344 9.34 4.50 62.34
C HIS F 344 8.83 3.10 62.73
N LEU F 345 9.59 2.38 63.56
CA LEU F 345 9.19 1.05 64.00
C LEU F 345 8.36 1.16 65.28
N THR F 346 7.34 0.32 65.41
CA THR F 346 6.56 0.28 66.65
C THR F 346 7.42 -0.44 67.74
N THR F 347 6.92 -0.55 68.99
CA THR F 347 7.65 -1.25 70.04
C THR F 347 7.87 -2.73 69.65
N ALA F 348 6.84 -3.36 69.06
CA ALA F 348 6.87 -4.74 68.60
C ALA F 348 7.77 -4.90 67.38
N GLY F 349 7.74 -3.93 66.47
CA GLY F 349 8.55 -3.92 65.26
C GLY F 349 10.02 -3.82 65.59
N ARG F 350 10.38 -2.98 66.57
CA ARG F 350 11.77 -2.84 66.98
C ARG F 350 12.26 -4.11 67.70
N GLU F 351 11.38 -4.75 68.49
CA GLU F 351 11.68 -6.01 69.18
C GLU F 351 11.95 -7.13 68.17
N MET F 352 11.23 -7.12 67.03
CA MET F 352 11.42 -8.08 65.96
C MET F 352 12.77 -7.86 65.28
N VAL F 353 13.10 -6.61 64.94
CA VAL F 353 14.37 -6.26 64.30
C VAL F 353 15.56 -6.65 65.18
N GLU F 354 15.48 -6.39 66.49
CA GLU F 354 16.56 -6.73 67.41
C GLU F 354 16.75 -8.24 67.57
N GLN F 355 15.67 -9.02 67.44
CA GLN F 355 15.75 -10.47 67.52
C GLN F 355 16.39 -11.01 66.23
N LEU F 356 16.00 -10.46 65.07
CA LEU F 356 16.55 -10.87 63.78
C LEU F 356 18.04 -10.49 63.68
N GLU F 357 18.43 -9.36 64.28
CA GLU F 357 19.81 -8.88 64.30
C GLU F 357 20.68 -9.81 65.16
N GLU F 358 20.11 -10.31 66.27
CA GLU F 358 20.80 -11.22 67.19
C GLU F 358 21.12 -12.53 66.48
N LEU F 359 20.20 -13.04 65.66
CA LEU F 359 20.41 -14.29 64.92
C LEU F 359 21.48 -14.14 63.86
N THR F 360 21.52 -12.99 63.19
CA THR F 360 22.51 -12.71 62.15
C THR F 360 23.90 -12.58 62.78
N THR F 361 23.98 -11.94 63.95
CA THR F 361 25.23 -11.71 64.68
C THR F 361 25.77 -13.02 65.28
N ASN F 362 24.89 -13.86 65.86
CA ASN F 362 25.29 -15.13 66.48
C ASN F 362 25.62 -16.26 65.51
N MET F 363 25.21 -16.17 64.23
CA MET F 363 25.49 -17.25 63.28
C MET F 363 26.87 -17.11 62.61
N GLY F 364 27.47 -15.91 62.65
CA GLY F 364 28.78 -15.66 62.09
C GLY F 364 29.90 -15.79 63.10
#